data_1DOV
# 
_entry.id   1DOV 
# 
_audit_conform.dict_name       mmcif_pdbx.dic 
_audit_conform.dict_version    5.385 
_audit_conform.dict_location   http://mmcif.pdb.org/dictionaries/ascii/mmcif_pdbx.dic 
# 
loop_
_database_2.database_id 
_database_2.database_code 
_database_2.pdbx_database_accession 
_database_2.pdbx_DOI 
PDB   1DOV         pdb_00001dov 10.2210/pdb1dov/pdb 
RCSB  RCSB010253   ?            ?                   
WWPDB D_1000010253 ?            ?                   
# 
loop_
_pdbx_audit_revision_history.ordinal 
_pdbx_audit_revision_history.data_content_type 
_pdbx_audit_revision_history.major_revision 
_pdbx_audit_revision_history.minor_revision 
_pdbx_audit_revision_history.revision_date 
1 'Structure model' 1 0 2000-07-12 
2 'Structure model' 1 1 2008-04-27 
3 'Structure model' 1 2 2011-07-13 
4 'Structure model' 1 3 2024-02-07 
# 
_pdbx_audit_revision_details.ordinal             1 
_pdbx_audit_revision_details.revision_ordinal    1 
_pdbx_audit_revision_details.data_content_type   'Structure model' 
_pdbx_audit_revision_details.provider            repository 
_pdbx_audit_revision_details.type                'Initial release' 
_pdbx_audit_revision_details.description         ? 
_pdbx_audit_revision_details.details             ? 
# 
loop_
_pdbx_audit_revision_group.ordinal 
_pdbx_audit_revision_group.revision_ordinal 
_pdbx_audit_revision_group.data_content_type 
_pdbx_audit_revision_group.group 
1 2 'Structure model' 'Version format compliance' 
2 3 'Structure model' 'Derived calculations'      
3 3 'Structure model' 'Version format compliance' 
4 4 'Structure model' 'Data collection'           
5 4 'Structure model' 'Database references'       
# 
loop_
_pdbx_audit_revision_category.ordinal 
_pdbx_audit_revision_category.revision_ordinal 
_pdbx_audit_revision_category.data_content_type 
_pdbx_audit_revision_category.category 
1 4 'Structure model' chem_comp_atom 
2 4 'Structure model' chem_comp_bond 
3 4 'Structure model' database_2     
# 
loop_
_pdbx_audit_revision_item.ordinal 
_pdbx_audit_revision_item.revision_ordinal 
_pdbx_audit_revision_item.data_content_type 
_pdbx_audit_revision_item.item 
1 4 'Structure model' '_database_2.pdbx_DOI'                
2 4 'Structure model' '_database_2.pdbx_database_accession' 
# 
_pdbx_database_status.status_code                     REL 
_pdbx_database_status.entry_id                        1DOV 
_pdbx_database_status.recvd_initial_deposition_date   1999-12-21 
_pdbx_database_status.deposit_site                    RCSB 
_pdbx_database_status.process_site                    RCSB 
_pdbx_database_status.status_code_sf                  REL 
_pdbx_database_status.SG_entry                        . 
_pdbx_database_status.pdb_format_compatible           Y 
_pdbx_database_status.status_code_mr                  ? 
_pdbx_database_status.status_code_cs                  ? 
_pdbx_database_status.status_code_nmr_data            ? 
_pdbx_database_status.methods_development_category    ? 
# 
loop_
_audit_author.name 
_audit_author.pdbx_ordinal 
'Pokutta, S.' 1 
'Weis, W.I.'  2 
# 
_citation.id                        primary 
_citation.title                     'Structure of the dimerization and beta-catenin-binding region of alpha-catenin.' 
_citation.journal_abbrev            Mol.Cell 
_citation.journal_volume            5 
_citation.page_first                533 
_citation.page_last                 543 
_citation.year                      2000 
_citation.journal_id_ASTM           MOCEFL 
_citation.country                   US 
_citation.journal_id_ISSN           1097-2765 
_citation.journal_id_CSD            2168 
_citation.book_publisher            ? 
_citation.pdbx_database_id_PubMed   10882138 
_citation.pdbx_database_id_DOI      '10.1016/S1097-2765(00)80447-5' 
# 
loop_
_citation_author.citation_id 
_citation_author.name 
_citation_author.ordinal 
_citation_author.identifier_ORCID 
primary 'Pokutta, S.' 1 ? 
primary 'Weis, W.I.'  2 ? 
# 
_entity.id                         1 
_entity.type                       polymer 
_entity.src_method                 man 
_entity.pdbx_description           ALPHA-CATENIN 
_entity.formula_weight             19875.953 
_entity.pdbx_number_of_molecules   1 
_entity.pdbx_ec                    ? 
_entity.pdbx_mutation              ? 
_entity.pdbx_fragment              'DIMERIZATION DOMAIN' 
_entity.details                    ? 
# 
_entity_poly.entity_id                      1 
_entity_poly.type                           'polypeptide(L)' 
_entity_poly.nstd_linkage                   no 
_entity_poly.nstd_monomer                   no 
_entity_poly.pdbx_seq_one_letter_code       
;ESQFLKEELVVAVEDVRKQGDLMKSAAGEFADDPCSSVKRGNMVRAARALLSAVTRLLILADMADVYKLLVQLKVVEDGI
LKLRNAGNEQDLGIQYKALKPEVDKLNIMAAKRQQELKDVGNRDQMAAARGILQKNVPILYTASQACLQHPDVAAYKANR
DLIYKQLQQAVTGISNAAQAT
;
_entity_poly.pdbx_seq_one_letter_code_can   
;ESQFLKEELVVAVEDVRKQGDLMKSAAGEFADDPCSSVKRGNMVRAARALLSAVTRLLILADMADVYKLLVQLKVVEDGI
LKLRNAGNEQDLGIQYKALKPEVDKLNIMAAKRQQELKDVGNRDQMAAARGILQKNVPILYTASQACLQHPDVAAYKANR
DLIYKQLQQAVTGISNAAQAT
;
_entity_poly.pdbx_strand_id                 A 
_entity_poly.pdbx_target_identifier         ? 
# 
loop_
_entity_poly_seq.entity_id 
_entity_poly_seq.num 
_entity_poly_seq.mon_id 
_entity_poly_seq.hetero 
1 1   GLU n 
1 2   SER n 
1 3   GLN n 
1 4   PHE n 
1 5   LEU n 
1 6   LYS n 
1 7   GLU n 
1 8   GLU n 
1 9   LEU n 
1 10  VAL n 
1 11  VAL n 
1 12  ALA n 
1 13  VAL n 
1 14  GLU n 
1 15  ASP n 
1 16  VAL n 
1 17  ARG n 
1 18  LYS n 
1 19  GLN n 
1 20  GLY n 
1 21  ASP n 
1 22  LEU n 
1 23  MET n 
1 24  LYS n 
1 25  SER n 
1 26  ALA n 
1 27  ALA n 
1 28  GLY n 
1 29  GLU n 
1 30  PHE n 
1 31  ALA n 
1 32  ASP n 
1 33  ASP n 
1 34  PRO n 
1 35  CYS n 
1 36  SER n 
1 37  SER n 
1 38  VAL n 
1 39  LYS n 
1 40  ARG n 
1 41  GLY n 
1 42  ASN n 
1 43  MET n 
1 44  VAL n 
1 45  ARG n 
1 46  ALA n 
1 47  ALA n 
1 48  ARG n 
1 49  ALA n 
1 50  LEU n 
1 51  LEU n 
1 52  SER n 
1 53  ALA n 
1 54  VAL n 
1 55  THR n 
1 56  ARG n 
1 57  LEU n 
1 58  LEU n 
1 59  ILE n 
1 60  LEU n 
1 61  ALA n 
1 62  ASP n 
1 63  MET n 
1 64  ALA n 
1 65  ASP n 
1 66  VAL n 
1 67  TYR n 
1 68  LYS n 
1 69  LEU n 
1 70  LEU n 
1 71  VAL n 
1 72  GLN n 
1 73  LEU n 
1 74  LYS n 
1 75  VAL n 
1 76  VAL n 
1 77  GLU n 
1 78  ASP n 
1 79  GLY n 
1 80  ILE n 
1 81  LEU n 
1 82  LYS n 
1 83  LEU n 
1 84  ARG n 
1 85  ASN n 
1 86  ALA n 
1 87  GLY n 
1 88  ASN n 
1 89  GLU n 
1 90  GLN n 
1 91  ASP n 
1 92  LEU n 
1 93  GLY n 
1 94  ILE n 
1 95  GLN n 
1 96  TYR n 
1 97  LYS n 
1 98  ALA n 
1 99  LEU n 
1 100 LYS n 
1 101 PRO n 
1 102 GLU n 
1 103 VAL n 
1 104 ASP n 
1 105 LYS n 
1 106 LEU n 
1 107 ASN n 
1 108 ILE n 
1 109 MET n 
1 110 ALA n 
1 111 ALA n 
1 112 LYS n 
1 113 ARG n 
1 114 GLN n 
1 115 GLN n 
1 116 GLU n 
1 117 LEU n 
1 118 LYS n 
1 119 ASP n 
1 120 VAL n 
1 121 GLY n 
1 122 ASN n 
1 123 ARG n 
1 124 ASP n 
1 125 GLN n 
1 126 MET n 
1 127 ALA n 
1 128 ALA n 
1 129 ALA n 
1 130 ARG n 
1 131 GLY n 
1 132 ILE n 
1 133 LEU n 
1 134 GLN n 
1 135 LYS n 
1 136 ASN n 
1 137 VAL n 
1 138 PRO n 
1 139 ILE n 
1 140 LEU n 
1 141 TYR n 
1 142 THR n 
1 143 ALA n 
1 144 SER n 
1 145 GLN n 
1 146 ALA n 
1 147 CYS n 
1 148 LEU n 
1 149 GLN n 
1 150 HIS n 
1 151 PRO n 
1 152 ASP n 
1 153 VAL n 
1 154 ALA n 
1 155 ALA n 
1 156 TYR n 
1 157 LYS n 
1 158 ALA n 
1 159 ASN n 
1 160 ARG n 
1 161 ASP n 
1 162 LEU n 
1 163 ILE n 
1 164 TYR n 
1 165 LYS n 
1 166 GLN n 
1 167 LEU n 
1 168 GLN n 
1 169 GLN n 
1 170 ALA n 
1 171 VAL n 
1 172 THR n 
1 173 GLY n 
1 174 ILE n 
1 175 SER n 
1 176 ASN n 
1 177 ALA n 
1 178 ALA n 
1 179 GLN n 
1 180 ALA n 
1 181 THR n 
# 
_entity_src_gen.entity_id                          1 
_entity_src_gen.pdbx_src_id                        1 
_entity_src_gen.pdbx_alt_source_flag               sample 
_entity_src_gen.pdbx_seq_type                      ? 
_entity_src_gen.pdbx_beg_seq_num                   ? 
_entity_src_gen.pdbx_end_seq_num                   ? 
_entity_src_gen.gene_src_common_name               'house mouse' 
_entity_src_gen.gene_src_genus                     Mus 
_entity_src_gen.pdbx_gene_src_gene                 ? 
_entity_src_gen.gene_src_species                   ? 
_entity_src_gen.gene_src_strain                    ? 
_entity_src_gen.gene_src_tissue                    ? 
_entity_src_gen.gene_src_tissue_fraction           ? 
_entity_src_gen.gene_src_details                   ? 
_entity_src_gen.pdbx_gene_src_fragment             ? 
_entity_src_gen.pdbx_gene_src_scientific_name      'Mus musculus' 
_entity_src_gen.pdbx_gene_src_ncbi_taxonomy_id     10090 
_entity_src_gen.pdbx_gene_src_variant              ? 
_entity_src_gen.pdbx_gene_src_cell_line            ? 
_entity_src_gen.pdbx_gene_src_atcc                 ? 
_entity_src_gen.pdbx_gene_src_organ                ? 
_entity_src_gen.pdbx_gene_src_organelle            ? 
_entity_src_gen.pdbx_gene_src_cell                 ? 
_entity_src_gen.pdbx_gene_src_cellular_location    ? 
_entity_src_gen.host_org_common_name               ? 
_entity_src_gen.pdbx_host_org_scientific_name      'Escherichia coli' 
_entity_src_gen.pdbx_host_org_ncbi_taxonomy_id     562 
_entity_src_gen.host_org_genus                     Escherichia 
_entity_src_gen.pdbx_host_org_gene                 ? 
_entity_src_gen.pdbx_host_org_organ                ? 
_entity_src_gen.host_org_species                   ? 
_entity_src_gen.pdbx_host_org_tissue               ? 
_entity_src_gen.pdbx_host_org_tissue_fraction      ? 
_entity_src_gen.pdbx_host_org_strain               ? 
_entity_src_gen.pdbx_host_org_variant              ? 
_entity_src_gen.pdbx_host_org_cell_line            ? 
_entity_src_gen.pdbx_host_org_atcc                 ? 
_entity_src_gen.pdbx_host_org_culture_collection   ? 
_entity_src_gen.pdbx_host_org_cell                 ? 
_entity_src_gen.pdbx_host_org_organelle            ? 
_entity_src_gen.pdbx_host_org_cellular_location    ? 
_entity_src_gen.pdbx_host_org_vector_type          ? 
_entity_src_gen.pdbx_host_org_vector               ? 
_entity_src_gen.host_org_details                   ? 
_entity_src_gen.expression_system_id               ? 
_entity_src_gen.plasmid_name                       ? 
_entity_src_gen.plasmid_details                    ? 
_entity_src_gen.pdbx_description                   ? 
# 
loop_
_chem_comp.id 
_chem_comp.type 
_chem_comp.mon_nstd_flag 
_chem_comp.name 
_chem_comp.pdbx_synonyms 
_chem_comp.formula 
_chem_comp.formula_weight 
ALA 'L-peptide linking' y ALANINE         ? 'C3 H7 N O2'     89.093  
ARG 'L-peptide linking' y ARGININE        ? 'C6 H15 N4 O2 1' 175.209 
ASN 'L-peptide linking' y ASPARAGINE      ? 'C4 H8 N2 O3'    132.118 
ASP 'L-peptide linking' y 'ASPARTIC ACID' ? 'C4 H7 N O4'     133.103 
CYS 'L-peptide linking' y CYSTEINE        ? 'C3 H7 N O2 S'   121.158 
GLN 'L-peptide linking' y GLUTAMINE       ? 'C5 H10 N2 O3'   146.144 
GLU 'L-peptide linking' y 'GLUTAMIC ACID' ? 'C5 H9 N O4'     147.129 
GLY 'peptide linking'   y GLYCINE         ? 'C2 H5 N O2'     75.067  
HIS 'L-peptide linking' y HISTIDINE       ? 'C6 H10 N3 O2 1' 156.162 
ILE 'L-peptide linking' y ISOLEUCINE      ? 'C6 H13 N O2'    131.173 
LEU 'L-peptide linking' y LEUCINE         ? 'C6 H13 N O2'    131.173 
LYS 'L-peptide linking' y LYSINE          ? 'C6 H15 N2 O2 1' 147.195 
MET 'L-peptide linking' y METHIONINE      ? 'C5 H11 N O2 S'  149.211 
PHE 'L-peptide linking' y PHENYLALANINE   ? 'C9 H11 N O2'    165.189 
PRO 'L-peptide linking' y PROLINE         ? 'C5 H9 N O2'     115.130 
SER 'L-peptide linking' y SERINE          ? 'C3 H7 N O3'     105.093 
THR 'L-peptide linking' y THREONINE       ? 'C4 H9 N O3'     119.119 
TYR 'L-peptide linking' y TYROSINE        ? 'C9 H11 N O3'    181.189 
VAL 'L-peptide linking' y VALINE          ? 'C5 H11 N O2'    117.146 
# 
loop_
_pdbx_poly_seq_scheme.asym_id 
_pdbx_poly_seq_scheme.entity_id 
_pdbx_poly_seq_scheme.seq_id 
_pdbx_poly_seq_scheme.mon_id 
_pdbx_poly_seq_scheme.ndb_seq_num 
_pdbx_poly_seq_scheme.pdb_seq_num 
_pdbx_poly_seq_scheme.auth_seq_num 
_pdbx_poly_seq_scheme.pdb_mon_id 
_pdbx_poly_seq_scheme.auth_mon_id 
_pdbx_poly_seq_scheme.pdb_strand_id 
_pdbx_poly_seq_scheme.pdb_ins_code 
_pdbx_poly_seq_scheme.hetero 
A 1 1   GLU 1   82  82  GLU GLU A . n 
A 1 2   SER 2   83  83  SER SER A . n 
A 1 3   GLN 3   84  84  GLN GLN A . n 
A 1 4   PHE 4   85  85  PHE PHE A . n 
A 1 5   LEU 5   86  86  LEU LEU A . n 
A 1 6   LYS 6   87  87  LYS LYS A . n 
A 1 7   GLU 7   88  88  GLU GLU A . n 
A 1 8   GLU 8   89  89  GLU GLU A . n 
A 1 9   LEU 9   90  90  LEU LEU A . n 
A 1 10  VAL 10  91  91  VAL VAL A . n 
A 1 11  VAL 11  92  92  VAL VAL A . n 
A 1 12  ALA 12  93  93  ALA ALA A . n 
A 1 13  VAL 13  94  94  VAL VAL A . n 
A 1 14  GLU 14  95  95  GLU GLU A . n 
A 1 15  ASP 15  96  96  ASP ASP A . n 
A 1 16  VAL 16  97  97  VAL VAL A . n 
A 1 17  ARG 17  98  98  ARG ARG A . n 
A 1 18  LYS 18  99  99  LYS LYS A . n 
A 1 19  GLN 19  100 100 GLN GLN A . n 
A 1 20  GLY 20  101 101 GLY GLY A . n 
A 1 21  ASP 21  102 102 ASP ASP A . n 
A 1 22  LEU 22  103 103 LEU LEU A . n 
A 1 23  MET 23  104 104 MET MET A . n 
A 1 24  LYS 24  105 105 LYS LYS A . n 
A 1 25  SER 25  106 106 SER SER A . n 
A 1 26  ALA 26  107 107 ALA ALA A . n 
A 1 27  ALA 27  108 108 ALA ALA A . n 
A 1 28  GLY 28  109 109 GLY GLY A . n 
A 1 29  GLU 29  110 110 GLU GLU A . n 
A 1 30  PHE 30  111 111 PHE PHE A . n 
A 1 31  ALA 31  112 112 ALA ALA A . n 
A 1 32  ASP 32  113 113 ASP ASP A . n 
A 1 33  ASP 33  114 114 ASP ASP A . n 
A 1 34  PRO 34  115 115 PRO PRO A . n 
A 1 35  CYS 35  116 116 CYS CYS A . n 
A 1 36  SER 36  117 117 SER SER A . n 
A 1 37  SER 37  118 118 SER SER A . n 
A 1 38  VAL 38  119 119 VAL VAL A . n 
A 1 39  LYS 39  120 120 LYS LYS A . n 
A 1 40  ARG 40  121 121 ARG ARG A . n 
A 1 41  GLY 41  122 122 GLY GLY A . n 
A 1 42  ASN 42  123 123 ASN ASN A . n 
A 1 43  MET 43  124 124 MET MET A . n 
A 1 44  VAL 44  125 125 VAL VAL A . n 
A 1 45  ARG 45  126 126 ARG ARG A . n 
A 1 46  ALA 46  127 127 ALA ALA A . n 
A 1 47  ALA 47  128 128 ALA ALA A . n 
A 1 48  ARG 48  129 129 ARG ARG A . n 
A 1 49  ALA 49  130 130 ALA ALA A . n 
A 1 50  LEU 50  131 131 LEU LEU A . n 
A 1 51  LEU 51  132 132 LEU LEU A . n 
A 1 52  SER 52  133 133 SER SER A . n 
A 1 53  ALA 53  134 134 ALA ALA A . n 
A 1 54  VAL 54  135 135 VAL VAL A . n 
A 1 55  THR 55  136 136 THR THR A . n 
A 1 56  ARG 56  137 137 ARG ARG A . n 
A 1 57  LEU 57  138 138 LEU LEU A . n 
A 1 58  LEU 58  139 139 LEU LEU A . n 
A 1 59  ILE 59  140 140 ILE ILE A . n 
A 1 60  LEU 60  141 141 LEU LEU A . n 
A 1 61  ALA 61  142 142 ALA ALA A . n 
A 1 62  ASP 62  143 143 ASP ASP A . n 
A 1 63  MET 63  144 144 MET MET A . n 
A 1 64  ALA 64  145 145 ALA ALA A . n 
A 1 65  ASP 65  146 146 ASP ASP A . n 
A 1 66  VAL 66  147 147 VAL VAL A . n 
A 1 67  TYR 67  148 148 TYR TYR A . n 
A 1 68  LYS 68  149 149 LYS LYS A . n 
A 1 69  LEU 69  150 150 LEU LEU A . n 
A 1 70  LEU 70  151 151 LEU LEU A . n 
A 1 71  VAL 71  152 152 VAL VAL A . n 
A 1 72  GLN 72  153 153 GLN GLN A . n 
A 1 73  LEU 73  154 154 LEU LEU A . n 
A 1 74  LYS 74  155 155 LYS LYS A . n 
A 1 75  VAL 75  156 156 VAL VAL A . n 
A 1 76  VAL 76  157 157 VAL VAL A . n 
A 1 77  GLU 77  158 158 GLU GLU A . n 
A 1 78  ASP 78  159 159 ASP ASP A . n 
A 1 79  GLY 79  160 160 GLY GLY A . n 
A 1 80  ILE 80  161 161 ILE ILE A . n 
A 1 81  LEU 81  162 162 LEU LEU A . n 
A 1 82  LYS 82  163 163 LYS LYS A . n 
A 1 83  LEU 83  164 164 LEU LEU A . n 
A 1 84  ARG 84  165 165 ARG ARG A . n 
A 1 85  ASN 85  166 166 ASN ASN A . n 
A 1 86  ALA 86  167 167 ALA ALA A . n 
A 1 87  GLY 87  168 168 GLY GLY A . n 
A 1 88  ASN 88  169 169 ASN ASN A . n 
A 1 89  GLU 89  170 170 GLU GLU A . n 
A 1 90  GLN 90  171 171 GLN GLN A . n 
A 1 91  ASP 91  172 172 ASP ASP A . n 
A 1 92  LEU 92  173 173 LEU LEU A . n 
A 1 93  GLY 93  174 174 GLY GLY A . n 
A 1 94  ILE 94  175 175 ILE ILE A . n 
A 1 95  GLN 95  176 176 GLN GLN A . n 
A 1 96  TYR 96  177 177 TYR TYR A . n 
A 1 97  LYS 97  178 178 LYS LYS A . n 
A 1 98  ALA 98  179 179 ALA ALA A . n 
A 1 99  LEU 99  180 180 LEU LEU A . n 
A 1 100 LYS 100 181 181 LYS LYS A . n 
A 1 101 PRO 101 182 182 PRO PRO A . n 
A 1 102 GLU 102 183 183 GLU GLU A . n 
A 1 103 VAL 103 184 184 VAL VAL A . n 
A 1 104 ASP 104 185 185 ASP ASP A . n 
A 1 105 LYS 105 186 186 LYS LYS A . n 
A 1 106 LEU 106 187 187 LEU LEU A . n 
A 1 107 ASN 107 188 188 ASN ASN A . n 
A 1 108 ILE 108 189 189 ILE ILE A . n 
A 1 109 MET 109 190 190 MET MET A . n 
A 1 110 ALA 110 191 191 ALA ALA A . n 
A 1 111 ALA 111 192 192 ALA ALA A . n 
A 1 112 LYS 112 193 193 LYS LYS A . n 
A 1 113 ARG 113 194 194 ARG ARG A . n 
A 1 114 GLN 114 195 195 GLN GLN A . n 
A 1 115 GLN 115 196 196 GLN GLN A . n 
A 1 116 GLU 116 197 197 GLU GLU A . n 
A 1 117 LEU 117 198 198 LEU LEU A . n 
A 1 118 LYS 118 199 199 LYS LYS A . n 
A 1 119 ASP 119 200 200 ASP ASP A . n 
A 1 120 VAL 120 201 201 VAL VAL A . n 
A 1 121 GLY 121 202 202 GLY GLY A . n 
A 1 122 ASN 122 203 203 ASN ASN A . n 
A 1 123 ARG 123 204 204 ARG ARG A . n 
A 1 124 ASP 124 205 205 ASP ASP A . n 
A 1 125 GLN 125 206 206 GLN GLN A . n 
A 1 126 MET 126 207 207 MET MET A . n 
A 1 127 ALA 127 208 208 ALA ALA A . n 
A 1 128 ALA 128 209 209 ALA ALA A . n 
A 1 129 ALA 129 210 210 ALA ALA A . n 
A 1 130 ARG 130 211 211 ARG ARG A . n 
A 1 131 GLY 131 212 212 GLY GLY A . n 
A 1 132 ILE 132 213 213 ILE ILE A . n 
A 1 133 LEU 133 214 214 LEU LEU A . n 
A 1 134 GLN 134 215 215 GLN GLN A . n 
A 1 135 LYS 135 216 216 LYS LYS A . n 
A 1 136 ASN 136 217 217 ASN ASN A . n 
A 1 137 VAL 137 218 218 VAL VAL A . n 
A 1 138 PRO 138 219 219 PRO PRO A . n 
A 1 139 ILE 139 220 220 ILE ILE A . n 
A 1 140 LEU 140 221 221 LEU LEU A . n 
A 1 141 TYR 141 222 222 TYR TYR A . n 
A 1 142 THR 142 223 223 THR THR A . n 
A 1 143 ALA 143 224 224 ALA ALA A . n 
A 1 144 SER 144 225 225 SER SER A . n 
A 1 145 GLN 145 226 226 GLN GLN A . n 
A 1 146 ALA 146 227 227 ALA ALA A . n 
A 1 147 CYS 147 228 228 CYS CYS A . n 
A 1 148 LEU 148 229 229 LEU LEU A . n 
A 1 149 GLN 149 230 230 GLN GLN A . n 
A 1 150 HIS 150 231 231 HIS HIS A . n 
A 1 151 PRO 151 232 232 PRO PRO A . n 
A 1 152 ASP 152 233 233 ASP ASP A . n 
A 1 153 VAL 153 234 234 VAL VAL A . n 
A 1 154 ALA 154 235 235 ALA ALA A . n 
A 1 155 ALA 155 236 236 ALA ALA A . n 
A 1 156 TYR 156 237 237 TYR TYR A . n 
A 1 157 LYS 157 238 238 LYS LYS A . n 
A 1 158 ALA 158 239 239 ALA ALA A . n 
A 1 159 ASN 159 240 240 ASN ASN A . n 
A 1 160 ARG 160 241 241 ARG ARG A . n 
A 1 161 ASP 161 242 242 ASP ASP A . n 
A 1 162 LEU 162 243 243 LEU LEU A . n 
A 1 163 ILE 163 244 244 ILE ILE A . n 
A 1 164 TYR 164 245 245 TYR TYR A . n 
A 1 165 LYS 165 246 246 LYS LYS A . n 
A 1 166 GLN 166 247 247 GLN GLN A . n 
A 1 167 LEU 167 248 248 LEU LEU A . n 
A 1 168 GLN 168 249 249 GLN GLN A . n 
A 1 169 GLN 169 250 250 GLN GLN A . n 
A 1 170 ALA 170 251 251 ALA ALA A . n 
A 1 171 VAL 171 252 252 VAL VAL A . n 
A 1 172 THR 172 253 253 THR THR A . n 
A 1 173 GLY 173 254 254 GLY GLY A . n 
A 1 174 ILE 174 255 255 ILE ILE A . n 
A 1 175 SER 175 256 256 SER SER A . n 
A 1 176 ASN 176 257 257 ASN ASN A . n 
A 1 177 ALA 177 258 258 ALA ALA A . n 
A 1 178 ALA 178 259 259 ALA ALA A . n 
A 1 179 GLN 179 260 260 GLN GLN A . n 
A 1 180 ALA 180 261 261 ALA ALA A . n 
A 1 181 THR 181 262 262 THR THR A . n 
# 
loop_
_software.name 
_software.classification 
_software.version 
_software.citation_id 
_software.pdbx_ordinal 
DM     'model building' .         ? 1 
CNS    refinement       0.5       ? 2 
MOSFLM 'data reduction' .         ? 3 
CCP4   'data scaling'   '(SCALA)' ? 4 
DM     phasing          .         ? 5 
# 
_cell.entry_id           1DOV 
_cell.length_a           136.460 
_cell.length_b           136.460 
_cell.length_c           118.170 
_cell.angle_alpha        90.00 
_cell.angle_beta         90.00 
_cell.angle_gamma        120.00 
_cell.Z_PDB              18 
_cell.pdbx_unique_axis   ? 
# 
_symmetry.entry_id                         1DOV 
_symmetry.space_group_name_H-M             'H 3 2' 
_symmetry.pdbx_full_space_group_name_H-M   ? 
_symmetry.cell_setting                     ? 
_symmetry.Int_Tables_number                155 
# 
_exptl.entry_id          1DOV 
_exptl.method            'X-RAY DIFFRACTION' 
_exptl.crystals_number   1 
# 
_exptl_crystal.id                    1 
_exptl_crystal.density_meas          ? 
_exptl_crystal.density_Matthews      5.33 
_exptl_crystal.density_percent_sol   76.91 
_exptl_crystal.description           ? 
# 
_exptl_crystal_grow.crystal_id      1 
_exptl_crystal_grow.method          'VAPOR DIFFUSION, HANGING DROP' 
_exptl_crystal_grow.temp            295 
_exptl_crystal_grow.temp_details    ? 
_exptl_crystal_grow.pH              8.9 
_exptl_crystal_grow.pdbx_details    'PEG 400, Tris, urea, dithiothreitol, pH 8.9, VAPOR DIFFUSION, HANGING DROP, temperature 295K' 
_exptl_crystal_grow.pdbx_pH_range   ? 
# 
_diffrn.id                     1 
_diffrn.ambient_temp           288. 
_diffrn.ambient_temp_details   ? 
_diffrn.crystal_id             1 
# 
_diffrn_detector.diffrn_id              1 
_diffrn_detector.detector               'IMAGE PLATE' 
_diffrn_detector.type                   'MAR scanner 345 mm plate' 
_diffrn_detector.pdbx_collection_date   1997-11-25 
_diffrn_detector.details                ? 
# 
_diffrn_radiation.diffrn_id                        1 
_diffrn_radiation.wavelength_id                    1 
_diffrn_radiation.pdbx_monochromatic_or_laue_m_l   M 
_diffrn_radiation.monochromator                    ? 
_diffrn_radiation.pdbx_diffrn_protocol             'SINGLE WAVELENGTH' 
_diffrn_radiation.pdbx_scattering_type             x-ray 
# 
_diffrn_radiation_wavelength.id           1 
_diffrn_radiation_wavelength.wavelength   0.98 
_diffrn_radiation_wavelength.wt           1.0 
# 
_diffrn_source.diffrn_id                   1 
_diffrn_source.source                      SYNCHROTRON 
_diffrn_source.type                        'SSRL BEAMLINE BL9-1' 
_diffrn_source.pdbx_synchrotron_site       SSRL 
_diffrn_source.pdbx_synchrotron_beamline   BL9-1 
_diffrn_source.pdbx_wavelength             0.98 
_diffrn_source.pdbx_wavelength_list        ? 
# 
_reflns.entry_id                     1DOV 
_reflns.observed_criterion_sigma_I   3.0 
_reflns.observed_criterion_sigma_F   0.0 
_reflns.d_resolution_low             40.0 
_reflns.d_resolution_high            3.0 
_reflns.number_obs                   8574 
_reflns.number_all                   33971 
_reflns.percent_possible_obs         99.6 
_reflns.pdbx_Rmerge_I_obs            0.0820000 
_reflns.pdbx_Rsym_value              ? 
_reflns.pdbx_netI_over_sigmaI        11.6 
_reflns.B_iso_Wilson_estimate        ? 
_reflns.pdbx_redundancy              4.0 
_reflns.R_free_details               ? 
_reflns.limit_h_max                  ? 
_reflns.limit_h_min                  ? 
_reflns.limit_k_max                  ? 
_reflns.limit_k_min                  ? 
_reflns.limit_l_max                  ? 
_reflns.limit_l_min                  ? 
_reflns.observed_criterion_F_max     ? 
_reflns.observed_criterion_F_min     ? 
_reflns.pdbx_ordinal                 1 
_reflns.pdbx_diffrn_id               1 
# 
_reflns_shell.d_res_high             3.0 
_reflns_shell.d_res_low              3.16 
_reflns_shell.percent_possible_all   100 
_reflns_shell.Rmerge_I_obs           0.3220000 
_reflns_shell.pdbx_Rsym_value        ? 
_reflns_shell.meanI_over_sigI_obs    ? 
_reflns_shell.pdbx_redundancy        4.0 
_reflns_shell.percent_possible_obs   ? 
_reflns_shell.number_unique_all      5031 
_reflns_shell.pdbx_ordinal           1 
_reflns_shell.pdbx_diffrn_id         1 
# 
_refine.entry_id                                 1DOV 
_refine.ls_number_reflns_obs                     8574 
_refine.ls_number_reflns_all                     8574 
_refine.pdbx_ls_sigma_I                          ? 
_refine.pdbx_ls_sigma_F                          0.000 
_refine.pdbx_data_cutoff_high_absF               2593339.74 
_refine.pdbx_data_cutoff_low_absF                0.0 
_refine.pdbx_data_cutoff_high_rms_absF           ? 
_refine.ls_d_res_low                             40.00 
_refine.ls_d_res_high                            3.00 
_refine.ls_percent_reflns_obs                    99.3 
_refine.ls_R_factor_obs                          0.218 
_refine.ls_R_factor_all                          ? 
_refine.ls_R_factor_R_work                       0.218 
_refine.ls_R_factor_R_free                       0.263 
_refine.ls_R_factor_R_free_error                 0.009 
_refine.ls_R_factor_R_free_error_details         ? 
_refine.ls_percent_reflns_R_free                 10.600 
_refine.ls_number_reflns_R_free                  907 
_refine.ls_number_parameters                     ? 
_refine.ls_number_restraints                     ? 
_refine.occupancy_min                            ? 
_refine.occupancy_max                            ? 
_refine.correlation_coeff_Fo_to_Fc               ? 
_refine.correlation_coeff_Fo_to_Fc_free          ? 
_refine.B_iso_mean                               69.50 
_refine.aniso_B[1][1]                            10.57000 
_refine.aniso_B[2][2]                            10.57000 
_refine.aniso_B[3][3]                            -21.13000 
_refine.aniso_B[1][2]                            16.46000 
_refine.aniso_B[1][3]                            0.00000 
_refine.aniso_B[2][3]                            0.00000 
_refine.solvent_model_details                    'FLAT MODEL' 
_refine.solvent_model_param_ksol                 0.326 
_refine.solvent_model_param_bsol                 60.52 
_refine.pdbx_solvent_vdw_probe_radii             ? 
_refine.pdbx_solvent_ion_probe_radii             ? 
_refine.pdbx_solvent_shrinkage_radii             ? 
_refine.pdbx_ls_cross_valid_method               THROUGHOUT 
_refine.details                                  ? 
_refine.pdbx_starting_model                      ? 
_refine.pdbx_method_to_determine_struct          ? 
_refine.pdbx_isotropic_thermal_model             GROUP 
_refine.pdbx_stereochemistry_target_values       'ENGH AND HUBER' 
_refine.pdbx_stereochem_target_val_spec_case     ? 
_refine.pdbx_R_Free_selection_details            RANDOM 
_refine.pdbx_overall_ESU_R                       ? 
_refine.pdbx_overall_ESU_R_Free                  ? 
_refine.overall_SU_ML                            ? 
_refine.overall_SU_B                             ? 
_refine.pdbx_refine_id                           'X-RAY DIFFRACTION' 
_refine.pdbx_diffrn_id                           1 
_refine.pdbx_TLS_residual_ADP_flag               ? 
_refine.pdbx_overall_phase_error                 ? 
_refine.overall_SU_R_Cruickshank_DPI             ? 
_refine.pdbx_overall_SU_R_free_Cruickshank_DPI   ? 
_refine.pdbx_overall_SU_R_Blow_DPI               ? 
_refine.pdbx_overall_SU_R_free_Blow_DPI          ? 
# 
_refine_analyze.entry_id                        1DOV 
_refine_analyze.Luzzati_coordinate_error_obs    0.38 
_refine_analyze.Luzzati_sigma_a_obs             0.53 
_refine_analyze.Luzzati_d_res_low_obs           5.00 
_refine_analyze.Luzzati_coordinate_error_free   0.45 
_refine_analyze.Luzzati_sigma_a_free            0.54 
_refine_analyze.Luzzati_d_res_low_free          ? 
_refine_analyze.number_disordered_residues      ? 
_refine_analyze.occupancy_sum_hydrogen          ? 
_refine_analyze.occupancy_sum_non_hydrogen      ? 
_refine_analyze.pdbx_Luzzati_d_res_high_obs     ? 
_refine_analyze.pdbx_refine_id                  'X-RAY DIFFRACTION' 
# 
_refine_hist.pdbx_refine_id                   'X-RAY DIFFRACTION' 
_refine_hist.cycle_id                         LAST 
_refine_hist.pdbx_number_atoms_protein        1389 
_refine_hist.pdbx_number_atoms_nucleic_acid   0 
_refine_hist.pdbx_number_atoms_ligand         0 
_refine_hist.number_atoms_solvent             0 
_refine_hist.number_atoms_total               1389 
_refine_hist.d_res_high                       3.00 
_refine_hist.d_res_low                        40.00 
# 
loop_
_refine_ls_restr.type 
_refine_ls_restr.dev_ideal 
_refine_ls_restr.dev_ideal_target 
_refine_ls_restr.weight 
_refine_ls_restr.number 
_refine_ls_restr.pdbx_refine_id 
_refine_ls_restr.pdbx_restraint_function 
c_bond_d           0.008 ? ? ? 'X-RAY DIFFRACTION' ? 
c_angle_deg        1.3   ? ? ? 'X-RAY DIFFRACTION' ? 
c_dihedral_angle_d 14.6  ? ? ? 'X-RAY DIFFRACTION' ? 
c_improper_angle_d 0.73  ? ? ? 'X-RAY DIFFRACTION' ? 
# 
_refine_ls_shell.pdbx_total_number_of_bins_used   10 
_refine_ls_shell.d_res_high                       3.00 
_refine_ls_shell.d_res_low                        3.11 
_refine_ls_shell.number_reflns_R_work             778 
_refine_ls_shell.R_factor_R_work                  0.3230000 
_refine_ls_shell.percent_reflns_obs               100.0 
_refine_ls_shell.R_factor_R_free                  0.3560000 
_refine_ls_shell.R_factor_R_free_error            0.040 
_refine_ls_shell.percent_reflns_R_free            9.3 
_refine_ls_shell.number_reflns_R_free             80 
_refine_ls_shell.redundancy_reflns_obs            ? 
_refine_ls_shell.number_reflns_all                ? 
_refine_ls_shell.number_reflns_obs                ? 
_refine_ls_shell.pdbx_refine_id                   'X-RAY DIFFRACTION' 
_refine_ls_shell.R_factor_all                     ? 
# 
_pdbx_xplor_file.serial_no        1 
_pdbx_xplor_file.param_file       PROTEIN_REP.PARAM 
_pdbx_xplor_file.topol_file       PROTEIN.TOP 
_pdbx_xplor_file.pdbx_refine_id   'X-RAY DIFFRACTION' 
# 
_struct.entry_id                  1DOV 
_struct.title                     'CRYSTAL STRUCTURE OF THE ALPHA-CATENIN DIMERIZATION DOMAIN' 
_struct.pdbx_model_details        ? 
_struct.pdbx_CASP_flag            ? 
_struct.pdbx_model_type_details   ? 
# 
_struct_keywords.entry_id        1DOV 
_struct_keywords.pdbx_keywords   'CELL ADHESION' 
_struct_keywords.text            'four-helix bundle, CELL ADHESION' 
# 
_struct_asym.id                            A 
_struct_asym.pdbx_blank_PDB_chainid_flag   N 
_struct_asym.pdbx_modified                 N 
_struct_asym.entity_id                     1 
_struct_asym.details                       ? 
# 
_struct_ref.id                         1 
_struct_ref.db_name                    UNP 
_struct_ref.db_code                    CTN1_MOUSE 
_struct_ref.entity_id                  1 
_struct_ref.pdbx_seq_one_letter_code   ? 
_struct_ref.pdbx_align_begin           ? 
_struct_ref.pdbx_db_accession          P26231 
_struct_ref.pdbx_db_isoform            ? 
# 
_struct_ref_seq.align_id                      1 
_struct_ref_seq.ref_id                        1 
_struct_ref_seq.pdbx_PDB_id_code              1DOV 
_struct_ref_seq.pdbx_strand_id                A 
_struct_ref_seq.seq_align_beg                 1 
_struct_ref_seq.pdbx_seq_align_beg_ins_code   ? 
_struct_ref_seq.seq_align_end                 181 
_struct_ref_seq.pdbx_seq_align_end_ins_code   ? 
_struct_ref_seq.pdbx_db_accession             P26231 
_struct_ref_seq.db_align_beg                  82 
_struct_ref_seq.pdbx_db_align_beg_ins_code    ? 
_struct_ref_seq.db_align_end                  262 
_struct_ref_seq.pdbx_db_align_end_ins_code    ? 
_struct_ref_seq.pdbx_auth_seq_align_beg       82 
_struct_ref_seq.pdbx_auth_seq_align_end       262 
# 
loop_
_pdbx_struct_assembly.id 
_pdbx_struct_assembly.details 
_pdbx_struct_assembly.method_details 
_pdbx_struct_assembly.oligomeric_details 
_pdbx_struct_assembly.oligomeric_count 
1 author_and_software_defined_assembly PISA dimeric 2 
2 software_defined_assembly            PQS  dimeric 2 
# 
loop_
_pdbx_struct_assembly_prop.biol_id 
_pdbx_struct_assembly_prop.type 
_pdbx_struct_assembly_prop.value 
_pdbx_struct_assembly_prop.details 
1 'ABSA (A^2)' 2510  ? 
1 MORE         -23   ? 
1 'SSA (A^2)'  19170 ? 
# 
loop_
_pdbx_struct_assembly_gen.assembly_id 
_pdbx_struct_assembly_gen.oper_expression 
_pdbx_struct_assembly_gen.asym_id_list 
1 1,2 A 
2 1,3 A 
# 
loop_
_pdbx_struct_oper_list.id 
_pdbx_struct_oper_list.type 
_pdbx_struct_oper_list.name 
_pdbx_struct_oper_list.symmetry_operation 
_pdbx_struct_oper_list.matrix[1][1] 
_pdbx_struct_oper_list.matrix[1][2] 
_pdbx_struct_oper_list.matrix[1][3] 
_pdbx_struct_oper_list.vector[1] 
_pdbx_struct_oper_list.matrix[2][1] 
_pdbx_struct_oper_list.matrix[2][2] 
_pdbx_struct_oper_list.matrix[2][3] 
_pdbx_struct_oper_list.vector[2] 
_pdbx_struct_oper_list.matrix[3][1] 
_pdbx_struct_oper_list.matrix[3][2] 
_pdbx_struct_oper_list.matrix[3][3] 
_pdbx_struct_oper_list.vector[3] 
1 'identity operation'         1_555  x,y,z                  1.0000000000  0.0000000000  0.0000000000 0.0000000000  0.0000000000  1.0000000000  0.0000000000  0.0000000000   0.0000000000 0.0000000000  1.0000000000  0.0000000000   
2 'crystal symmetry operation' 4_556  y,x,-z+1               -0.7135064574 0.2309077521  0.6615059676 29.7603833899 0.2309077521  -0.8138932225 0.5331598563  28.2528462540  0.6615059676 0.5331598563  0.5273996800  -22.7510553508 
3 'crystal symmetry operation' 18_655 -x+4/3,-x+y+2/3,-z+2/3 -0.7151623603 -0.5039087680 0.4843745988 -4.9469659603 -0.5039087680 -0.1085305766 -0.8569113534 -16.3147124763 0.4843745988 -0.8569113534 -0.1763070631 -14.0635875038  
# 
_struct_biol.id                    1 
_struct_biol.details               
;The biological assembly is a dimer. The twofold axis of the dimer is coincident with a crystallographic twofold. The dimer can by generated by application of the following rotation matrix: (-0.5 0.866 0.0) (0.866 0.5 0.0) (0.0 0.0 -1.0) and the translation vector (0. 0. 118.17)
;
_struct_biol.pdbx_parent_biol_id   ? 
# 
loop_
_struct_conf.conf_type_id 
_struct_conf.id 
_struct_conf.pdbx_PDB_helix_id 
_struct_conf.beg_label_comp_id 
_struct_conf.beg_label_asym_id 
_struct_conf.beg_label_seq_id 
_struct_conf.pdbx_beg_PDB_ins_code 
_struct_conf.end_label_comp_id 
_struct_conf.end_label_asym_id 
_struct_conf.end_label_seq_id 
_struct_conf.pdbx_end_PDB_ins_code 
_struct_conf.beg_auth_comp_id 
_struct_conf.beg_auth_asym_id 
_struct_conf.beg_auth_seq_id 
_struct_conf.end_auth_comp_id 
_struct_conf.end_auth_asym_id 
_struct_conf.end_auth_seq_id 
_struct_conf.pdbx_PDB_helix_class 
_struct_conf.details 
_struct_conf.pdbx_PDB_helix_length 
HELX_P HELX_P1 1 GLN A 3   ? ASP A 33  ? GLN A 84  ASP A 114 1 ? 31 
HELX_P HELX_P2 2 SER A 36  ? ASN A 85  ? SER A 117 ASN A 166 1 ? 50 
HELX_P HELX_P3 3 ASN A 88  ? LEU A 117 ? ASN A 169 LEU A 198 1 ? 30 
HELX_P HELX_P4 4 ASP A 119 ? HIS A 150 ? ASP A 200 HIS A 231 1 ? 32 
HELX_P HELX_P5 5 VAL A 153 ? GLN A 179 ? VAL A 234 GLN A 260 1 ? 27 
# 
_struct_conf_type.id          HELX_P 
_struct_conf_type.criteria    ? 
_struct_conf_type.reference   ? 
# 
loop_
_pdbx_validate_torsion.id 
_pdbx_validate_torsion.PDB_model_num 
_pdbx_validate_torsion.auth_comp_id 
_pdbx_validate_torsion.auth_asym_id 
_pdbx_validate_torsion.auth_seq_id 
_pdbx_validate_torsion.PDB_ins_code 
_pdbx_validate_torsion.label_alt_id 
_pdbx_validate_torsion.phi 
_pdbx_validate_torsion.psi 
1 1 GLN A 171 ? ? -79.76 -73.88 
2 1 LYS A 193 ? ? -45.83 -72.14 
3 1 LYS A 199 ? ? -80.65 -70.26 
# 
loop_
_chem_comp_atom.comp_id 
_chem_comp_atom.atom_id 
_chem_comp_atom.type_symbol 
_chem_comp_atom.pdbx_aromatic_flag 
_chem_comp_atom.pdbx_stereo_config 
_chem_comp_atom.pdbx_ordinal 
ALA N    N N N 1   
ALA CA   C N S 2   
ALA C    C N N 3   
ALA O    O N N 4   
ALA CB   C N N 5   
ALA OXT  O N N 6   
ALA H    H N N 7   
ALA H2   H N N 8   
ALA HA   H N N 9   
ALA HB1  H N N 10  
ALA HB2  H N N 11  
ALA HB3  H N N 12  
ALA HXT  H N N 13  
ARG N    N N N 14  
ARG CA   C N S 15  
ARG C    C N N 16  
ARG O    O N N 17  
ARG CB   C N N 18  
ARG CG   C N N 19  
ARG CD   C N N 20  
ARG NE   N N N 21  
ARG CZ   C N N 22  
ARG NH1  N N N 23  
ARG NH2  N N N 24  
ARG OXT  O N N 25  
ARG H    H N N 26  
ARG H2   H N N 27  
ARG HA   H N N 28  
ARG HB2  H N N 29  
ARG HB3  H N N 30  
ARG HG2  H N N 31  
ARG HG3  H N N 32  
ARG HD2  H N N 33  
ARG HD3  H N N 34  
ARG HE   H N N 35  
ARG HH11 H N N 36  
ARG HH12 H N N 37  
ARG HH21 H N N 38  
ARG HH22 H N N 39  
ARG HXT  H N N 40  
ASN N    N N N 41  
ASN CA   C N S 42  
ASN C    C N N 43  
ASN O    O N N 44  
ASN CB   C N N 45  
ASN CG   C N N 46  
ASN OD1  O N N 47  
ASN ND2  N N N 48  
ASN OXT  O N N 49  
ASN H    H N N 50  
ASN H2   H N N 51  
ASN HA   H N N 52  
ASN HB2  H N N 53  
ASN HB3  H N N 54  
ASN HD21 H N N 55  
ASN HD22 H N N 56  
ASN HXT  H N N 57  
ASP N    N N N 58  
ASP CA   C N S 59  
ASP C    C N N 60  
ASP O    O N N 61  
ASP CB   C N N 62  
ASP CG   C N N 63  
ASP OD1  O N N 64  
ASP OD2  O N N 65  
ASP OXT  O N N 66  
ASP H    H N N 67  
ASP H2   H N N 68  
ASP HA   H N N 69  
ASP HB2  H N N 70  
ASP HB3  H N N 71  
ASP HD2  H N N 72  
ASP HXT  H N N 73  
CYS N    N N N 74  
CYS CA   C N R 75  
CYS C    C N N 76  
CYS O    O N N 77  
CYS CB   C N N 78  
CYS SG   S N N 79  
CYS OXT  O N N 80  
CYS H    H N N 81  
CYS H2   H N N 82  
CYS HA   H N N 83  
CYS HB2  H N N 84  
CYS HB3  H N N 85  
CYS HG   H N N 86  
CYS HXT  H N N 87  
GLN N    N N N 88  
GLN CA   C N S 89  
GLN C    C N N 90  
GLN O    O N N 91  
GLN CB   C N N 92  
GLN CG   C N N 93  
GLN CD   C N N 94  
GLN OE1  O N N 95  
GLN NE2  N N N 96  
GLN OXT  O N N 97  
GLN H    H N N 98  
GLN H2   H N N 99  
GLN HA   H N N 100 
GLN HB2  H N N 101 
GLN HB3  H N N 102 
GLN HG2  H N N 103 
GLN HG3  H N N 104 
GLN HE21 H N N 105 
GLN HE22 H N N 106 
GLN HXT  H N N 107 
GLU N    N N N 108 
GLU CA   C N S 109 
GLU C    C N N 110 
GLU O    O N N 111 
GLU CB   C N N 112 
GLU CG   C N N 113 
GLU CD   C N N 114 
GLU OE1  O N N 115 
GLU OE2  O N N 116 
GLU OXT  O N N 117 
GLU H    H N N 118 
GLU H2   H N N 119 
GLU HA   H N N 120 
GLU HB2  H N N 121 
GLU HB3  H N N 122 
GLU HG2  H N N 123 
GLU HG3  H N N 124 
GLU HE2  H N N 125 
GLU HXT  H N N 126 
GLY N    N N N 127 
GLY CA   C N N 128 
GLY C    C N N 129 
GLY O    O N N 130 
GLY OXT  O N N 131 
GLY H    H N N 132 
GLY H2   H N N 133 
GLY HA2  H N N 134 
GLY HA3  H N N 135 
GLY HXT  H N N 136 
HIS N    N N N 137 
HIS CA   C N S 138 
HIS C    C N N 139 
HIS O    O N N 140 
HIS CB   C N N 141 
HIS CG   C Y N 142 
HIS ND1  N Y N 143 
HIS CD2  C Y N 144 
HIS CE1  C Y N 145 
HIS NE2  N Y N 146 
HIS OXT  O N N 147 
HIS H    H N N 148 
HIS H2   H N N 149 
HIS HA   H N N 150 
HIS HB2  H N N 151 
HIS HB3  H N N 152 
HIS HD1  H N N 153 
HIS HD2  H N N 154 
HIS HE1  H N N 155 
HIS HE2  H N N 156 
HIS HXT  H N N 157 
ILE N    N N N 158 
ILE CA   C N S 159 
ILE C    C N N 160 
ILE O    O N N 161 
ILE CB   C N S 162 
ILE CG1  C N N 163 
ILE CG2  C N N 164 
ILE CD1  C N N 165 
ILE OXT  O N N 166 
ILE H    H N N 167 
ILE H2   H N N 168 
ILE HA   H N N 169 
ILE HB   H N N 170 
ILE HG12 H N N 171 
ILE HG13 H N N 172 
ILE HG21 H N N 173 
ILE HG22 H N N 174 
ILE HG23 H N N 175 
ILE HD11 H N N 176 
ILE HD12 H N N 177 
ILE HD13 H N N 178 
ILE HXT  H N N 179 
LEU N    N N N 180 
LEU CA   C N S 181 
LEU C    C N N 182 
LEU O    O N N 183 
LEU CB   C N N 184 
LEU CG   C N N 185 
LEU CD1  C N N 186 
LEU CD2  C N N 187 
LEU OXT  O N N 188 
LEU H    H N N 189 
LEU H2   H N N 190 
LEU HA   H N N 191 
LEU HB2  H N N 192 
LEU HB3  H N N 193 
LEU HG   H N N 194 
LEU HD11 H N N 195 
LEU HD12 H N N 196 
LEU HD13 H N N 197 
LEU HD21 H N N 198 
LEU HD22 H N N 199 
LEU HD23 H N N 200 
LEU HXT  H N N 201 
LYS N    N N N 202 
LYS CA   C N S 203 
LYS C    C N N 204 
LYS O    O N N 205 
LYS CB   C N N 206 
LYS CG   C N N 207 
LYS CD   C N N 208 
LYS CE   C N N 209 
LYS NZ   N N N 210 
LYS OXT  O N N 211 
LYS H    H N N 212 
LYS H2   H N N 213 
LYS HA   H N N 214 
LYS HB2  H N N 215 
LYS HB3  H N N 216 
LYS HG2  H N N 217 
LYS HG3  H N N 218 
LYS HD2  H N N 219 
LYS HD3  H N N 220 
LYS HE2  H N N 221 
LYS HE3  H N N 222 
LYS HZ1  H N N 223 
LYS HZ2  H N N 224 
LYS HZ3  H N N 225 
LYS HXT  H N N 226 
MET N    N N N 227 
MET CA   C N S 228 
MET C    C N N 229 
MET O    O N N 230 
MET CB   C N N 231 
MET CG   C N N 232 
MET SD   S N N 233 
MET CE   C N N 234 
MET OXT  O N N 235 
MET H    H N N 236 
MET H2   H N N 237 
MET HA   H N N 238 
MET HB2  H N N 239 
MET HB3  H N N 240 
MET HG2  H N N 241 
MET HG3  H N N 242 
MET HE1  H N N 243 
MET HE2  H N N 244 
MET HE3  H N N 245 
MET HXT  H N N 246 
PHE N    N N N 247 
PHE CA   C N S 248 
PHE C    C N N 249 
PHE O    O N N 250 
PHE CB   C N N 251 
PHE CG   C Y N 252 
PHE CD1  C Y N 253 
PHE CD2  C Y N 254 
PHE CE1  C Y N 255 
PHE CE2  C Y N 256 
PHE CZ   C Y N 257 
PHE OXT  O N N 258 
PHE H    H N N 259 
PHE H2   H N N 260 
PHE HA   H N N 261 
PHE HB2  H N N 262 
PHE HB3  H N N 263 
PHE HD1  H N N 264 
PHE HD2  H N N 265 
PHE HE1  H N N 266 
PHE HE2  H N N 267 
PHE HZ   H N N 268 
PHE HXT  H N N 269 
PRO N    N N N 270 
PRO CA   C N S 271 
PRO C    C N N 272 
PRO O    O N N 273 
PRO CB   C N N 274 
PRO CG   C N N 275 
PRO CD   C N N 276 
PRO OXT  O N N 277 
PRO H    H N N 278 
PRO HA   H N N 279 
PRO HB2  H N N 280 
PRO HB3  H N N 281 
PRO HG2  H N N 282 
PRO HG3  H N N 283 
PRO HD2  H N N 284 
PRO HD3  H N N 285 
PRO HXT  H N N 286 
SER N    N N N 287 
SER CA   C N S 288 
SER C    C N N 289 
SER O    O N N 290 
SER CB   C N N 291 
SER OG   O N N 292 
SER OXT  O N N 293 
SER H    H N N 294 
SER H2   H N N 295 
SER HA   H N N 296 
SER HB2  H N N 297 
SER HB3  H N N 298 
SER HG   H N N 299 
SER HXT  H N N 300 
THR N    N N N 301 
THR CA   C N S 302 
THR C    C N N 303 
THR O    O N N 304 
THR CB   C N R 305 
THR OG1  O N N 306 
THR CG2  C N N 307 
THR OXT  O N N 308 
THR H    H N N 309 
THR H2   H N N 310 
THR HA   H N N 311 
THR HB   H N N 312 
THR HG1  H N N 313 
THR HG21 H N N 314 
THR HG22 H N N 315 
THR HG23 H N N 316 
THR HXT  H N N 317 
TYR N    N N N 318 
TYR CA   C N S 319 
TYR C    C N N 320 
TYR O    O N N 321 
TYR CB   C N N 322 
TYR CG   C Y N 323 
TYR CD1  C Y N 324 
TYR CD2  C Y N 325 
TYR CE1  C Y N 326 
TYR CE2  C Y N 327 
TYR CZ   C Y N 328 
TYR OH   O N N 329 
TYR OXT  O N N 330 
TYR H    H N N 331 
TYR H2   H N N 332 
TYR HA   H N N 333 
TYR HB2  H N N 334 
TYR HB3  H N N 335 
TYR HD1  H N N 336 
TYR HD2  H N N 337 
TYR HE1  H N N 338 
TYR HE2  H N N 339 
TYR HH   H N N 340 
TYR HXT  H N N 341 
VAL N    N N N 342 
VAL CA   C N S 343 
VAL C    C N N 344 
VAL O    O N N 345 
VAL CB   C N N 346 
VAL CG1  C N N 347 
VAL CG2  C N N 348 
VAL OXT  O N N 349 
VAL H    H N N 350 
VAL H2   H N N 351 
VAL HA   H N N 352 
VAL HB   H N N 353 
VAL HG11 H N N 354 
VAL HG12 H N N 355 
VAL HG13 H N N 356 
VAL HG21 H N N 357 
VAL HG22 H N N 358 
VAL HG23 H N N 359 
VAL HXT  H N N 360 
# 
loop_
_chem_comp_bond.comp_id 
_chem_comp_bond.atom_id_1 
_chem_comp_bond.atom_id_2 
_chem_comp_bond.value_order 
_chem_comp_bond.pdbx_aromatic_flag 
_chem_comp_bond.pdbx_stereo_config 
_chem_comp_bond.pdbx_ordinal 
ALA N   CA   sing N N 1   
ALA N   H    sing N N 2   
ALA N   H2   sing N N 3   
ALA CA  C    sing N N 4   
ALA CA  CB   sing N N 5   
ALA CA  HA   sing N N 6   
ALA C   O    doub N N 7   
ALA C   OXT  sing N N 8   
ALA CB  HB1  sing N N 9   
ALA CB  HB2  sing N N 10  
ALA CB  HB3  sing N N 11  
ALA OXT HXT  sing N N 12  
ARG N   CA   sing N N 13  
ARG N   H    sing N N 14  
ARG N   H2   sing N N 15  
ARG CA  C    sing N N 16  
ARG CA  CB   sing N N 17  
ARG CA  HA   sing N N 18  
ARG C   O    doub N N 19  
ARG C   OXT  sing N N 20  
ARG CB  CG   sing N N 21  
ARG CB  HB2  sing N N 22  
ARG CB  HB3  sing N N 23  
ARG CG  CD   sing N N 24  
ARG CG  HG2  sing N N 25  
ARG CG  HG3  sing N N 26  
ARG CD  NE   sing N N 27  
ARG CD  HD2  sing N N 28  
ARG CD  HD3  sing N N 29  
ARG NE  CZ   sing N N 30  
ARG NE  HE   sing N N 31  
ARG CZ  NH1  sing N N 32  
ARG CZ  NH2  doub N N 33  
ARG NH1 HH11 sing N N 34  
ARG NH1 HH12 sing N N 35  
ARG NH2 HH21 sing N N 36  
ARG NH2 HH22 sing N N 37  
ARG OXT HXT  sing N N 38  
ASN N   CA   sing N N 39  
ASN N   H    sing N N 40  
ASN N   H2   sing N N 41  
ASN CA  C    sing N N 42  
ASN CA  CB   sing N N 43  
ASN CA  HA   sing N N 44  
ASN C   O    doub N N 45  
ASN C   OXT  sing N N 46  
ASN CB  CG   sing N N 47  
ASN CB  HB2  sing N N 48  
ASN CB  HB3  sing N N 49  
ASN CG  OD1  doub N N 50  
ASN CG  ND2  sing N N 51  
ASN ND2 HD21 sing N N 52  
ASN ND2 HD22 sing N N 53  
ASN OXT HXT  sing N N 54  
ASP N   CA   sing N N 55  
ASP N   H    sing N N 56  
ASP N   H2   sing N N 57  
ASP CA  C    sing N N 58  
ASP CA  CB   sing N N 59  
ASP CA  HA   sing N N 60  
ASP C   O    doub N N 61  
ASP C   OXT  sing N N 62  
ASP CB  CG   sing N N 63  
ASP CB  HB2  sing N N 64  
ASP CB  HB3  sing N N 65  
ASP CG  OD1  doub N N 66  
ASP CG  OD2  sing N N 67  
ASP OD2 HD2  sing N N 68  
ASP OXT HXT  sing N N 69  
CYS N   CA   sing N N 70  
CYS N   H    sing N N 71  
CYS N   H2   sing N N 72  
CYS CA  C    sing N N 73  
CYS CA  CB   sing N N 74  
CYS CA  HA   sing N N 75  
CYS C   O    doub N N 76  
CYS C   OXT  sing N N 77  
CYS CB  SG   sing N N 78  
CYS CB  HB2  sing N N 79  
CYS CB  HB3  sing N N 80  
CYS SG  HG   sing N N 81  
CYS OXT HXT  sing N N 82  
GLN N   CA   sing N N 83  
GLN N   H    sing N N 84  
GLN N   H2   sing N N 85  
GLN CA  C    sing N N 86  
GLN CA  CB   sing N N 87  
GLN CA  HA   sing N N 88  
GLN C   O    doub N N 89  
GLN C   OXT  sing N N 90  
GLN CB  CG   sing N N 91  
GLN CB  HB2  sing N N 92  
GLN CB  HB3  sing N N 93  
GLN CG  CD   sing N N 94  
GLN CG  HG2  sing N N 95  
GLN CG  HG3  sing N N 96  
GLN CD  OE1  doub N N 97  
GLN CD  NE2  sing N N 98  
GLN NE2 HE21 sing N N 99  
GLN NE2 HE22 sing N N 100 
GLN OXT HXT  sing N N 101 
GLU N   CA   sing N N 102 
GLU N   H    sing N N 103 
GLU N   H2   sing N N 104 
GLU CA  C    sing N N 105 
GLU CA  CB   sing N N 106 
GLU CA  HA   sing N N 107 
GLU C   O    doub N N 108 
GLU C   OXT  sing N N 109 
GLU CB  CG   sing N N 110 
GLU CB  HB2  sing N N 111 
GLU CB  HB3  sing N N 112 
GLU CG  CD   sing N N 113 
GLU CG  HG2  sing N N 114 
GLU CG  HG3  sing N N 115 
GLU CD  OE1  doub N N 116 
GLU CD  OE2  sing N N 117 
GLU OE2 HE2  sing N N 118 
GLU OXT HXT  sing N N 119 
GLY N   CA   sing N N 120 
GLY N   H    sing N N 121 
GLY N   H2   sing N N 122 
GLY CA  C    sing N N 123 
GLY CA  HA2  sing N N 124 
GLY CA  HA3  sing N N 125 
GLY C   O    doub N N 126 
GLY C   OXT  sing N N 127 
GLY OXT HXT  sing N N 128 
HIS N   CA   sing N N 129 
HIS N   H    sing N N 130 
HIS N   H2   sing N N 131 
HIS CA  C    sing N N 132 
HIS CA  CB   sing N N 133 
HIS CA  HA   sing N N 134 
HIS C   O    doub N N 135 
HIS C   OXT  sing N N 136 
HIS CB  CG   sing N N 137 
HIS CB  HB2  sing N N 138 
HIS CB  HB3  sing N N 139 
HIS CG  ND1  sing Y N 140 
HIS CG  CD2  doub Y N 141 
HIS ND1 CE1  doub Y N 142 
HIS ND1 HD1  sing N N 143 
HIS CD2 NE2  sing Y N 144 
HIS CD2 HD2  sing N N 145 
HIS CE1 NE2  sing Y N 146 
HIS CE1 HE1  sing N N 147 
HIS NE2 HE2  sing N N 148 
HIS OXT HXT  sing N N 149 
ILE N   CA   sing N N 150 
ILE N   H    sing N N 151 
ILE N   H2   sing N N 152 
ILE CA  C    sing N N 153 
ILE CA  CB   sing N N 154 
ILE CA  HA   sing N N 155 
ILE C   O    doub N N 156 
ILE C   OXT  sing N N 157 
ILE CB  CG1  sing N N 158 
ILE CB  CG2  sing N N 159 
ILE CB  HB   sing N N 160 
ILE CG1 CD1  sing N N 161 
ILE CG1 HG12 sing N N 162 
ILE CG1 HG13 sing N N 163 
ILE CG2 HG21 sing N N 164 
ILE CG2 HG22 sing N N 165 
ILE CG2 HG23 sing N N 166 
ILE CD1 HD11 sing N N 167 
ILE CD1 HD12 sing N N 168 
ILE CD1 HD13 sing N N 169 
ILE OXT HXT  sing N N 170 
LEU N   CA   sing N N 171 
LEU N   H    sing N N 172 
LEU N   H2   sing N N 173 
LEU CA  C    sing N N 174 
LEU CA  CB   sing N N 175 
LEU CA  HA   sing N N 176 
LEU C   O    doub N N 177 
LEU C   OXT  sing N N 178 
LEU CB  CG   sing N N 179 
LEU CB  HB2  sing N N 180 
LEU CB  HB3  sing N N 181 
LEU CG  CD1  sing N N 182 
LEU CG  CD2  sing N N 183 
LEU CG  HG   sing N N 184 
LEU CD1 HD11 sing N N 185 
LEU CD1 HD12 sing N N 186 
LEU CD1 HD13 sing N N 187 
LEU CD2 HD21 sing N N 188 
LEU CD2 HD22 sing N N 189 
LEU CD2 HD23 sing N N 190 
LEU OXT HXT  sing N N 191 
LYS N   CA   sing N N 192 
LYS N   H    sing N N 193 
LYS N   H2   sing N N 194 
LYS CA  C    sing N N 195 
LYS CA  CB   sing N N 196 
LYS CA  HA   sing N N 197 
LYS C   O    doub N N 198 
LYS C   OXT  sing N N 199 
LYS CB  CG   sing N N 200 
LYS CB  HB2  sing N N 201 
LYS CB  HB3  sing N N 202 
LYS CG  CD   sing N N 203 
LYS CG  HG2  sing N N 204 
LYS CG  HG3  sing N N 205 
LYS CD  CE   sing N N 206 
LYS CD  HD2  sing N N 207 
LYS CD  HD3  sing N N 208 
LYS CE  NZ   sing N N 209 
LYS CE  HE2  sing N N 210 
LYS CE  HE3  sing N N 211 
LYS NZ  HZ1  sing N N 212 
LYS NZ  HZ2  sing N N 213 
LYS NZ  HZ3  sing N N 214 
LYS OXT HXT  sing N N 215 
MET N   CA   sing N N 216 
MET N   H    sing N N 217 
MET N   H2   sing N N 218 
MET CA  C    sing N N 219 
MET CA  CB   sing N N 220 
MET CA  HA   sing N N 221 
MET C   O    doub N N 222 
MET C   OXT  sing N N 223 
MET CB  CG   sing N N 224 
MET CB  HB2  sing N N 225 
MET CB  HB3  sing N N 226 
MET CG  SD   sing N N 227 
MET CG  HG2  sing N N 228 
MET CG  HG3  sing N N 229 
MET SD  CE   sing N N 230 
MET CE  HE1  sing N N 231 
MET CE  HE2  sing N N 232 
MET CE  HE3  sing N N 233 
MET OXT HXT  sing N N 234 
PHE N   CA   sing N N 235 
PHE N   H    sing N N 236 
PHE N   H2   sing N N 237 
PHE CA  C    sing N N 238 
PHE CA  CB   sing N N 239 
PHE CA  HA   sing N N 240 
PHE C   O    doub N N 241 
PHE C   OXT  sing N N 242 
PHE CB  CG   sing N N 243 
PHE CB  HB2  sing N N 244 
PHE CB  HB3  sing N N 245 
PHE CG  CD1  doub Y N 246 
PHE CG  CD2  sing Y N 247 
PHE CD1 CE1  sing Y N 248 
PHE CD1 HD1  sing N N 249 
PHE CD2 CE2  doub Y N 250 
PHE CD2 HD2  sing N N 251 
PHE CE1 CZ   doub Y N 252 
PHE CE1 HE1  sing N N 253 
PHE CE2 CZ   sing Y N 254 
PHE CE2 HE2  sing N N 255 
PHE CZ  HZ   sing N N 256 
PHE OXT HXT  sing N N 257 
PRO N   CA   sing N N 258 
PRO N   CD   sing N N 259 
PRO N   H    sing N N 260 
PRO CA  C    sing N N 261 
PRO CA  CB   sing N N 262 
PRO CA  HA   sing N N 263 
PRO C   O    doub N N 264 
PRO C   OXT  sing N N 265 
PRO CB  CG   sing N N 266 
PRO CB  HB2  sing N N 267 
PRO CB  HB3  sing N N 268 
PRO CG  CD   sing N N 269 
PRO CG  HG2  sing N N 270 
PRO CG  HG3  sing N N 271 
PRO CD  HD2  sing N N 272 
PRO CD  HD3  sing N N 273 
PRO OXT HXT  sing N N 274 
SER N   CA   sing N N 275 
SER N   H    sing N N 276 
SER N   H2   sing N N 277 
SER CA  C    sing N N 278 
SER CA  CB   sing N N 279 
SER CA  HA   sing N N 280 
SER C   O    doub N N 281 
SER C   OXT  sing N N 282 
SER CB  OG   sing N N 283 
SER CB  HB2  sing N N 284 
SER CB  HB3  sing N N 285 
SER OG  HG   sing N N 286 
SER OXT HXT  sing N N 287 
THR N   CA   sing N N 288 
THR N   H    sing N N 289 
THR N   H2   sing N N 290 
THR CA  C    sing N N 291 
THR CA  CB   sing N N 292 
THR CA  HA   sing N N 293 
THR C   O    doub N N 294 
THR C   OXT  sing N N 295 
THR CB  OG1  sing N N 296 
THR CB  CG2  sing N N 297 
THR CB  HB   sing N N 298 
THR OG1 HG1  sing N N 299 
THR CG2 HG21 sing N N 300 
THR CG2 HG22 sing N N 301 
THR CG2 HG23 sing N N 302 
THR OXT HXT  sing N N 303 
TYR N   CA   sing N N 304 
TYR N   H    sing N N 305 
TYR N   H2   sing N N 306 
TYR CA  C    sing N N 307 
TYR CA  CB   sing N N 308 
TYR CA  HA   sing N N 309 
TYR C   O    doub N N 310 
TYR C   OXT  sing N N 311 
TYR CB  CG   sing N N 312 
TYR CB  HB2  sing N N 313 
TYR CB  HB3  sing N N 314 
TYR CG  CD1  doub Y N 315 
TYR CG  CD2  sing Y N 316 
TYR CD1 CE1  sing Y N 317 
TYR CD1 HD1  sing N N 318 
TYR CD2 CE2  doub Y N 319 
TYR CD2 HD2  sing N N 320 
TYR CE1 CZ   doub Y N 321 
TYR CE1 HE1  sing N N 322 
TYR CE2 CZ   sing Y N 323 
TYR CE2 HE2  sing N N 324 
TYR CZ  OH   sing N N 325 
TYR OH  HH   sing N N 326 
TYR OXT HXT  sing N N 327 
VAL N   CA   sing N N 328 
VAL N   H    sing N N 329 
VAL N   H2   sing N N 330 
VAL CA  C    sing N N 331 
VAL CA  CB   sing N N 332 
VAL CA  HA   sing N N 333 
VAL C   O    doub N N 334 
VAL C   OXT  sing N N 335 
VAL CB  CG1  sing N N 336 
VAL CB  CG2  sing N N 337 
VAL CB  HB   sing N N 338 
VAL CG1 HG11 sing N N 339 
VAL CG1 HG12 sing N N 340 
VAL CG1 HG13 sing N N 341 
VAL CG2 HG21 sing N N 342 
VAL CG2 HG22 sing N N 343 
VAL CG2 HG23 sing N N 344 
VAL OXT HXT  sing N N 345 
# 
_atom_sites.entry_id                    1DOV 
_atom_sites.fract_transf_matrix[1][1]   -0.00185443 
_atom_sites.fract_transf_matrix[1][2]   -0.00624208 
_atom_sites.fract_transf_matrix[1][3]   -0.00540356 
_atom_sites.fract_transf_matrix[2][1]   -0.00369280 
_atom_sites.fract_transf_matrix[2][2]   0.00177143 
_atom_sites.fract_transf_matrix[2][3]   -0.00740477 
_atom_sites.fract_transf_matrix[3][1]   0.00761371 
_atom_sites.fract_transf_matrix[3][2]   0.00084916 
_atom_sites.fract_transf_matrix[3][3]   -0.00359385 
_atom_sites.fract_transf_vector[1]      0.573161 
_atom_sites.fract_transf_vector[2]      0.464560 
_atom_sites.fract_transf_vector[3]      0.333806 
# 
loop_
_atom_type.symbol 
C 
N 
O 
S 
# 
loop_
_atom_site.group_PDB 
_atom_site.id 
_atom_site.type_symbol 
_atom_site.label_atom_id 
_atom_site.label_alt_id 
_atom_site.label_comp_id 
_atom_site.label_asym_id 
_atom_site.label_entity_id 
_atom_site.label_seq_id 
_atom_site.pdbx_PDB_ins_code 
_atom_site.Cartn_x 
_atom_site.Cartn_y 
_atom_site.Cartn_z 
_atom_site.occupancy 
_atom_site.B_iso_or_equiv 
_atom_site.pdbx_formal_charge 
_atom_site.auth_seq_id 
_atom_site.auth_comp_id 
_atom_site.auth_asym_id 
_atom_site.auth_atom_id 
_atom_site.pdbx_PDB_model_num 
ATOM 1    N N   . GLU A 1 1   ? 4.965   -9.485  7.327   1.00 149.21 ? 82  GLU A N   1 
ATOM 2    C CA  . GLU A 1 1   ? 5.798   -8.265  7.518   1.00 149.21 ? 82  GLU A CA  1 
ATOM 3    C C   . GLU A 1 1   ? 7.250   -8.475  7.081   1.00 149.21 ? 82  GLU A C   1 
ATOM 4    O O   . GLU A 1 1   ? 7.726   -9.605  7.008   1.00 149.21 ? 82  GLU A O   1 
ATOM 5    C CB  . GLU A 1 1   ? 5.766   -7.848  8.990   1.00 136.85 ? 82  GLU A CB  1 
ATOM 6    C CG  . GLU A 1 1   ? 6.623   -6.635  9.299   1.00 136.85 ? 82  GLU A CG  1 
ATOM 7    C CD  . GLU A 1 1   ? 6.603   -6.265  10.765  1.00 136.85 ? 82  GLU A CD  1 
ATOM 8    O OE1 . GLU A 1 1   ? 5.509   -5.931  11.275  1.00 136.85 ? 82  GLU A OE1 1 
ATOM 9    O OE2 . GLU A 1 1   ? 7.680   -6.313  11.401  1.00 136.85 ? 82  GLU A OE2 1 
ATOM 10   N N   . SER A 1 2   ? 7.940   -7.376  6.784   1.00 117.46 ? 83  SER A N   1 
ATOM 11   C CA  . SER A 1 2   ? 9.342   -7.392  6.370   1.00 117.46 ? 83  SER A CA  1 
ATOM 12   C C   . SER A 1 2   ? 9.916   -6.012  6.653   1.00 117.46 ? 83  SER A C   1 
ATOM 13   O O   . SER A 1 2   ? 9.562   -5.029  5.998   1.00 117.46 ? 83  SER A O   1 
ATOM 14   C CB  . SER A 1 2   ? 9.470   -7.723  4.882   1.00 136.06 ? 83  SER A CB  1 
ATOM 15   O OG  . SER A 1 2   ? 9.043   -9.046  4.606   1.00 136.06 ? 83  SER A OG  1 
ATOM 16   N N   . GLN A 1 3   ? 10.804  -5.937  7.636   1.00 84.58  ? 84  GLN A N   1 
ATOM 17   C CA  . GLN A 1 3   ? 11.378  -4.662  8.010   1.00 84.58  ? 84  GLN A CA  1 
ATOM 18   C C   . GLN A 1 3   ? 12.731  -4.397  7.395   1.00 84.58  ? 84  GLN A C   1 
ATOM 19   O O   . GLN A 1 3   ? 13.429  -3.465  7.793   1.00 84.58  ? 84  GLN A O   1 
ATOM 20   C CB  . GLN A 1 3   ? 11.445  -4.551  9.531   1.00 133.13 ? 84  GLN A CB  1 
ATOM 21   C CG  . GLN A 1 3   ? 10.069  -4.614  10.167  1.00 133.13 ? 84  GLN A CG  1 
ATOM 22   C CD  . GLN A 1 3   ? 9.125   -3.570  9.592   1.00 133.13 ? 84  GLN A CD  1 
ATOM 23   O OE1 . GLN A 1 3   ? 9.364   -2.365  9.715   1.00 133.13 ? 84  GLN A OE1 1 
ATOM 24   N NE2 . GLN A 1 3   ? 8.051   -4.024  8.951   1.00 133.13 ? 84  GLN A NE2 1 
ATOM 25   N N   . PHE A 1 4   ? 13.102  -5.216  6.418   1.00 67.18  ? 85  PHE A N   1 
ATOM 26   C CA  . PHE A 1 4   ? 14.381  -5.027  5.740   1.00 67.18  ? 85  PHE A CA  1 
ATOM 27   C C   . PHE A 1 4   ? 14.338  -3.669  5.054   1.00 67.18  ? 85  PHE A C   1 
ATOM 28   O O   . PHE A 1 4   ? 15.363  -3.010  4.872   1.00 67.18  ? 85  PHE A O   1 
ATOM 29   C CB  . PHE A 1 4   ? 14.594  -6.120  4.706   1.00 89.03  ? 85  PHE A CB  1 
ATOM 30   C CG  . PHE A 1 4   ? 13.612  -6.083  3.579   1.00 89.03  ? 85  PHE A CG  1 
ATOM 31   C CD1 . PHE A 1 4   ? 13.993  -5.596  2.331   1.00 89.03  ? 85  PHE A CD1 1 
ATOM 32   C CD2 . PHE A 1 4   ? 12.307  -6.538  3.758   1.00 89.03  ? 85  PHE A CD2 1 
ATOM 33   C CE1 . PHE A 1 4   ? 13.091  -5.567  1.281   1.00 89.03  ? 85  PHE A CE1 1 
ATOM 34   C CE2 . PHE A 1 4   ? 11.393  -6.508  2.714   1.00 89.03  ? 85  PHE A CE2 1 
ATOM 35   C CZ  . PHE A 1 4   ? 11.787  -6.027  1.471   1.00 89.03  ? 85  PHE A CZ  1 
ATOM 36   N N   . LEU A 1 5   ? 13.131  -3.256  4.677   1.00 58.00  ? 86  LEU A N   1 
ATOM 37   C CA  . LEU A 1 5   ? 12.953  -1.973  4.035   1.00 58.00  ? 86  LEU A CA  1 
ATOM 38   C C   . LEU A 1 5   ? 12.996  -0.859  5.067   1.00 58.00  ? 86  LEU A C   1 
ATOM 39   O O   . LEU A 1 5   ? 13.463  0.233   4.763   1.00 58.00  ? 86  LEU A O   1 
ATOM 40   C CB  . LEU A 1 5   ? 11.640  -1.924  3.246   1.00 58.09  ? 86  LEU A CB  1 
ATOM 41   C CG  . LEU A 1 5   ? 11.516  -2.708  1.925   1.00 58.09  ? 86  LEU A CG  1 
ATOM 42   C CD1 . LEU A 1 5   ? 10.180  -2.367  1.302   1.00 58.09  ? 86  LEU A CD1 1 
ATOM 43   C CD2 . LEU A 1 5   ? 12.630  -2.353  0.949   1.00 58.09  ? 86  LEU A CD2 1 
ATOM 44   N N   . LYS A 1 6   ? 12.523  -1.111  6.287   1.00 71.42  ? 87  LYS A N   1 
ATOM 45   C CA  . LYS A 1 6   ? 12.601  -0.057  7.295   1.00 71.42  ? 87  LYS A CA  1 
ATOM 46   C C   . LYS A 1 6   ? 14.065  0.131   7.677   1.00 71.42  ? 87  LYS A C   1 
ATOM 47   O O   . LYS A 1 6   ? 14.489  1.234   8.017   1.00 71.42  ? 87  LYS A O   1 
ATOM 48   C CB  . LYS A 1 6   ? 11.781  -0.377  8.546   1.00 108.16 ? 87  LYS A CB  1 
ATOM 49   C CG  . LYS A 1 6   ? 11.876  0.738   9.598   1.00 108.16 ? 87  LYS A CG  1 
ATOM 50   C CD  . LYS A 1 6   ? 10.889  0.563   10.743  1.00 108.16 ? 87  LYS A CD  1 
ATOM 51   C CE  . LYS A 1 6   ? 9.450   0.671   10.249  1.00 108.16 ? 87  LYS A CE  1 
ATOM 52   N NZ  . LYS A 1 6   ? 8.455   0.526   11.353  1.00 108.16 ? 87  LYS A NZ  1 
ATOM 53   N N   . GLU A 1 7   ? 14.840  -0.946  7.608   1.00 71.32  ? 88  GLU A N   1 
ATOM 54   C CA  . GLU A 1 7   ? 16.258  -0.867  7.924   1.00 71.32  ? 88  GLU A CA  1 
ATOM 55   C C   . GLU A 1 7   ? 17.008  -0.157  6.819   1.00 71.32  ? 88  GLU A C   1 
ATOM 56   O O   . GLU A 1 7   ? 17.838  0.719   7.077   1.00 71.32  ? 88  GLU A O   1 
ATOM 57   C CB  . GLU A 1 7   ? 16.850  -2.257  8.127   1.00 124.73 ? 88  GLU A CB  1 
ATOM 58   C CG  . GLU A 1 7   ? 16.793  -2.734  9.560   1.00 124.73 ? 88  GLU A CG  1 
ATOM 59   C CD  . GLU A 1 7   ? 17.305  -4.147  9.719   1.00 124.73 ? 88  GLU A CD  1 
ATOM 60   O OE1 . GLU A 1 7   ? 18.419  -4.439  9.231   1.00 124.73 ? 88  GLU A OE1 1 
ATOM 61   O OE2 . GLU A 1 7   ? 16.598  -4.963  10.345  1.00 124.73 ? 88  GLU A OE2 1 
ATOM 62   N N   . GLU A 1 8   ? 16.715  -0.540  5.584   1.00 63.33  ? 89  GLU A N   1 
ATOM 63   C CA  . GLU A 1 8   ? 17.363  0.064   4.433   1.00 63.33  ? 89  GLU A CA  1 
ATOM 64   C C   . GLU A 1 8   ? 17.061  1.555   4.445   1.00 63.33  ? 89  GLU A C   1 
ATOM 65   O O   . GLU A 1 8   ? 17.933  2.378   4.206   1.00 63.33  ? 89  GLU A O   1 
ATOM 66   C CB  . GLU A 1 8   ? 16.818  -0.558  3.158   1.00 69.68  ? 89  GLU A CB  1 
ATOM 67   C CG  . GLU A 1 8   ? 17.689  -0.362  1.960   1.00 69.68  ? 89  GLU A CG  1 
ATOM 68   C CD  . GLU A 1 8   ? 17.108  -1.020  0.741   1.00 69.68  ? 89  GLU A CD  1 
ATOM 69   O OE1 . GLU A 1 8   ? 16.661  -2.186  0.850   1.00 69.68  ? 89  GLU A OE1 1 
ATOM 70   O OE2 . GLU A 1 8   ? 17.114  -0.378  -0.332  1.00 69.68  ? 89  GLU A OE2 1 
ATOM 71   N N   . LEU A 1 9   ? 15.815  1.884   4.758   1.00 56.38  ? 90  LEU A N   1 
ATOM 72   C CA  . LEU A 1 9   ? 15.348  3.262   4.795   1.00 56.38  ? 90  LEU A CA  1 
ATOM 73   C C   . LEU A 1 9   ? 16.132  4.171   5.740   1.00 56.38  ? 90  LEU A C   1 
ATOM 74   O O   . LEU A 1 9   ? 16.291  5.356   5.465   1.00 56.38  ? 90  LEU A O   1 
ATOM 75   C CB  . LEU A 1 9   ? 13.857  3.284   5.157   1.00 44.51  ? 90  LEU A CB  1 
ATOM 76   C CG  . LEU A 1 9   ? 13.112  4.616   5.043   1.00 44.51  ? 90  LEU A CG  1 
ATOM 77   C CD1 . LEU A 1 9   ? 13.349  5.207   3.671   1.00 44.51  ? 90  LEU A CD1 1 
ATOM 78   C CD2 . LEU A 1 9   ? 11.630  4.402   5.280   1.00 44.51  ? 90  LEU A CD2 1 
ATOM 79   N N   . VAL A 1 10  ? 16.621  3.632   6.850   1.00 60.38  ? 91  VAL A N   1 
ATOM 80   C CA  . VAL A 1 10  ? 17.387  4.454   7.786   1.00 60.38  ? 91  VAL A CA  1 
ATOM 81   C C   . VAL A 1 10  ? 18.763  4.717   7.196   1.00 60.38  ? 91  VAL A C   1 
ATOM 82   O O   . VAL A 1 10  ? 19.234  5.852   7.170   1.00 60.38  ? 91  VAL A O   1 
ATOM 83   C CB  . VAL A 1 10  ? 17.535  3.777   9.182   1.00 51.28  ? 91  VAL A CB  1 
ATOM 84   C CG1 . VAL A 1 10  ? 18.378  4.657   10.096  1.00 51.28  ? 91  VAL A CG1 1 
ATOM 85   C CG2 . VAL A 1 10  ? 16.160  3.566   9.815   1.00 51.28  ? 91  VAL A CG2 1 
ATOM 86   N N   . VAL A 1 11  ? 19.405  3.662   6.723   1.00 43.17  ? 92  VAL A N   1 
ATOM 87   C CA  . VAL A 1 11  ? 20.715  3.796   6.096   1.00 43.17  ? 92  VAL A CA  1 
ATOM 88   C C   . VAL A 1 11  ? 20.643  4.863   5.006   1.00 43.17  ? 92  VAL A C   1 
ATOM 89   O O   . VAL A 1 11  ? 21.563  5.654   4.824   1.00 43.17  ? 92  VAL A O   1 
ATOM 90   C CB  . VAL A 1 11  ? 21.154  2.478   5.428   1.00 34.97  ? 92  VAL A CB  1 
ATOM 91   C CG1 . VAL A 1 11  ? 22.417  2.703   4.644   1.00 34.97  ? 92  VAL A CG1 1 
ATOM 92   C CG2 . VAL A 1 11  ? 21.361  1.390   6.478   1.00 34.97  ? 92  VAL A CG2 1 
ATOM 93   N N   . ALA A 1 12  ? 19.538  4.856   4.268   1.00 52.79  ? 93  ALA A N   1 
ATOM 94   C CA  . ALA A 1 12  ? 19.322  5.811   3.202   1.00 52.79  ? 93  ALA A CA  1 
ATOM 95   C C   . ALA A 1 12  ? 19.305  7.189   3.814   1.00 52.79  ? 93  ALA A C   1 
ATOM 96   O O   . ALA A 1 12  ? 19.916  8.107   3.281   1.00 52.79  ? 93  ALA A O   1 
ATOM 97   C CB  . ALA A 1 12  ? 18.006  5.539   2.512   1.00 49.55  ? 93  ALA A CB  1 
ATOM 98   N N   . VAL A 1 13  ? 18.613  7.339   4.939   1.00 52.98  ? 94  VAL A N   1 
ATOM 99   C CA  . VAL A 1 13  ? 18.544  8.638   5.592   1.00 52.98  ? 94  VAL A CA  1 
ATOM 100  C C   . VAL A 1 13  ? 19.924  9.126   6.018   1.00 52.98  ? 94  VAL A C   1 
ATOM 101  O O   . VAL A 1 13  ? 20.170  10.328  6.061   1.00 52.98  ? 94  VAL A O   1 
ATOM 102  C CB  . VAL A 1 13  ? 17.609  8.627   6.819   1.00 46.80  ? 94  VAL A CB  1 
ATOM 103  C CG1 . VAL A 1 13  ? 17.584  10.011  7.462   1.00 46.80  ? 94  VAL A CG1 1 
ATOM 104  C CG2 . VAL A 1 13  ? 16.205  8.247   6.395   1.00 46.80  ? 94  VAL A CG2 1 
ATOM 105  N N   . GLU A 1 14  ? 20.829  8.207   6.331   1.00 45.90  ? 95  GLU A N   1 
ATOM 106  C CA  . GLU A 1 14  ? 22.166  8.622   6.714   1.00 45.90  ? 95  GLU A CA  1 
ATOM 107  C C   . GLU A 1 14  ? 22.923  9.257   5.567   1.00 45.90  ? 95  GLU A C   1 
ATOM 108  O O   . GLU A 1 14  ? 23.450  10.354  5.720   1.00 45.90  ? 95  GLU A O   1 
ATOM 109  C CB  . GLU A 1 14  ? 22.968  7.459   7.289   1.00 96.20  ? 95  GLU A CB  1 
ATOM 110  C CG  . GLU A 1 14  ? 22.640  7.201   8.744   1.00 96.20  ? 95  GLU A CG  1 
ATOM 111  C CD  . GLU A 1 14  ? 22.885  8.434   9.598   1.00 96.20  ? 95  GLU A CD  1 
ATOM 112  O OE1 . GLU A 1 14  ? 24.052  8.882   9.670   1.00 96.20  ? 95  GLU A OE1 1 
ATOM 113  O OE2 . GLU A 1 14  ? 21.913  8.962   10.186  1.00 96.20  ? 95  GLU A OE2 1 
ATOM 114  N N   . ASP A 1 15  ? 22.980  8.584   4.423   1.00 44.79  ? 96  ASP A N   1 
ATOM 115  C CA  . ASP A 1 15  ? 23.687  9.139   3.284   1.00 44.79  ? 96  ASP A CA  1 
ATOM 116  C C   . ASP A 1 15  ? 23.105  10.506  2.983   1.00 44.79  ? 96  ASP A C   1 
ATOM 117  O O   . ASP A 1 15  ? 23.837  11.436  2.663   1.00 44.79  ? 96  ASP A O   1 
ATOM 118  C CB  . ASP A 1 15  ? 23.540  8.242   2.069   1.00 101.56 ? 96  ASP A CB  1 
ATOM 119  C CG  . ASP A 1 15  ? 24.024  6.845   2.331   1.00 101.56 ? 96  ASP A CG  1 
ATOM 120  O OD1 . ASP A 1 15  ? 23.915  6.002   1.415   1.00 101.56 ? 96  ASP A OD1 1 
ATOM 121  O OD2 . ASP A 1 15  ? 24.512  6.598   3.458   1.00 101.56 ? 96  ASP A OD2 1 
ATOM 122  N N   . VAL A 1 16  ? 21.791  10.644  3.085   1.00 44.26  ? 97  VAL A N   1 
ATOM 123  C CA  . VAL A 1 16  ? 21.192  11.940  2.802   1.00 44.26  ? 97  VAL A CA  1 
ATOM 124  C C   . VAL A 1 16  ? 21.653  12.935  3.847   1.00 44.26  ? 97  VAL A C   1 
ATOM 125  O O   . VAL A 1 16  ? 21.731  14.130  3.574   1.00 44.26  ? 97  VAL A O   1 
ATOM 126  C CB  . VAL A 1 16  ? 19.638  11.890  2.807   1.00 50.27  ? 97  VAL A CB  1 
ATOM 127  C CG1 . VAL A 1 16  ? 19.064  13.286  2.592   1.00 50.27  ? 97  VAL A CG1 1 
ATOM 128  C CG2 . VAL A 1 16  ? 19.149  10.976  1.706   1.00 50.27  ? 97  VAL A CG2 1 
ATOM 129  N N   . ARG A 1 17  ? 21.968  12.441  5.040   1.00 51.04  ? 98  ARG A N   1 
ATOM 130  C CA  . ARG A 1 17  ? 22.417  13.317  6.120   1.00 51.04  ? 98  ARG A CA  1 
ATOM 131  C C   . ARG A 1 17  ? 23.902  13.698  5.911   1.00 51.04  ? 98  ARG A C   1 
ATOM 132  O O   . ARG A 1 17  ? 24.282  14.861  6.043   1.00 51.04  ? 98  ARG A O   1 
ATOM 133  C CB  . ARG A 1 17  ? 22.208  12.616  7.463   1.00 103.15 ? 98  ARG A CB  1 
ATOM 134  C CG  . ARG A 1 17  ? 22.119  13.542  8.658   1.00 103.15 ? 98  ARG A CG  1 
ATOM 135  C CD  . ARG A 1 17  ? 22.144  12.729  9.931   1.00 103.15 ? 98  ARG A CD  1 
ATOM 136  N NE  . ARG A 1 17  ? 23.338  11.883  9.957   1.00 103.15 ? 98  ARG A NE  1 
ATOM 137  C CZ  . ARG A 1 17  ? 24.592  12.339  9.923   1.00 103.15 ? 98  ARG A CZ  1 
ATOM 138  N NH1 . ARG A 1 17  ? 24.837  13.647  9.875   1.00 103.15 ? 98  ARG A NH1 1 
ATOM 139  N NH2 . ARG A 1 17  ? 25.608  11.483  9.916   1.00 103.15 ? 98  ARG A NH2 1 
ATOM 140  N N   . LYS A 1 18  ? 24.728  12.718  5.562   1.00 52.26  ? 99  LYS A N   1 
ATOM 141  C CA  . LYS A 1 18  ? 26.133  12.974  5.313   1.00 52.26  ? 99  LYS A CA  1 
ATOM 142  C C   . LYS A 1 18  ? 26.275  13.932  4.140   1.00 52.26  ? 99  LYS A C   1 
ATOM 143  O O   . LYS A 1 18  ? 26.895  14.990  4.262   1.00 52.26  ? 99  LYS A O   1 
ATOM 144  C CB  . LYS A 1 18  ? 26.868  11.674  5.000   1.00 82.36  ? 99  LYS A CB  1 
ATOM 145  C CG  . LYS A 1 18  ? 26.764  10.662  6.111   1.00 82.36  ? 99  LYS A CG  1 
ATOM 146  C CD  . LYS A 1 18  ? 27.590  9.421   5.830   1.00 82.36  ? 99  LYS A CD  1 
ATOM 147  C CE  . LYS A 1 18  ? 27.400  8.372   6.933   1.00 82.36  ? 99  LYS A CE  1 
ATOM 148  N NZ  . LYS A 1 18  ? 28.146  7.095   6.665   1.00 82.36  ? 99  LYS A NZ  1 
ATOM 149  N N   . GLN A 1 19  ? 25.703  13.561  2.999   1.00 57.64  ? 100 GLN A N   1 
ATOM 150  C CA  . GLN A 1 19  ? 25.770  14.404  1.809   1.00 57.64  ? 100 GLN A CA  1 
ATOM 151  C C   . GLN A 1 19  ? 25.242  15.790  2.115   1.00 57.64  ? 100 GLN A C   1 
ATOM 152  O O   . GLN A 1 19  ? 25.778  16.783  1.639   1.00 57.64  ? 100 GLN A O   1 
ATOM 153  C CB  . GLN A 1 19  ? 24.949  13.798  0.676   1.00 68.02  ? 100 GLN A CB  1 
ATOM 154  C CG  . GLN A 1 19  ? 25.387  12.416  0.295   1.00 68.02  ? 100 GLN A CG  1 
ATOM 155  C CD  . GLN A 1 19  ? 26.861  12.354  0.010   1.00 68.02  ? 100 GLN A CD  1 
ATOM 156  O OE1 . GLN A 1 19  ? 27.383  13.126  -0.798  1.00 68.02  ? 100 GLN A OE1 1 
ATOM 157  N NE2 . GLN A 1 19  ? 27.549  11.431  0.669   1.00 68.02  ? 100 GLN A NE2 1 
ATOM 158  N N   . GLY A 1 20  ? 24.183  15.852  2.908   1.00 51.92  ? 101 GLY A N   1 
ATOM 159  C CA  . GLY A 1 20  ? 23.620  17.136  3.266   1.00 51.92  ? 101 GLY A CA  1 
ATOM 160  C C   . GLY A 1 20  ? 24.646  18.030  3.944   1.00 51.92  ? 101 GLY A C   1 
ATOM 161  O O   . GLY A 1 20  ? 24.638  19.246  3.743   1.00 51.92  ? 101 GLY A O   1 
ATOM 162  N N   . ASP A 1 21  ? 25.517  17.435  4.763   1.00 51.04  ? 102 ASP A N   1 
ATOM 163  C CA  . ASP A 1 21  ? 26.544  18.207  5.440   1.00 51.04  ? 102 ASP A CA  1 
ATOM 164  C C   . ASP A 1 21  ? 27.496  18.712  4.384   1.00 51.04  ? 102 ASP A C   1 
ATOM 165  O O   . ASP A 1 21  ? 27.586  19.919  4.166   1.00 51.04  ? 102 ASP A O   1 
ATOM 166  C CB  . ASP A 1 21  ? 27.293  17.377  6.499   1.00 74.79  ? 102 ASP A CB  1 
ATOM 167  C CG  . ASP A 1 21  ? 26.454  17.135  7.768   1.00 74.79  ? 102 ASP A CG  1 
ATOM 168  O OD1 . ASP A 1 21  ? 25.722  18.062  8.194   1.00 74.79  ? 102 ASP A OD1 1 
ATOM 169  O OD2 . ASP A 1 21  ? 26.548  16.030  8.360   1.00 74.79  ? 102 ASP A OD2 1 
ATOM 170  N N   . LEU A 1 22  ? 28.190  17.799  3.711   1.00 45.57  ? 103 LEU A N   1 
ATOM 171  C CA  . LEU A 1 22  ? 29.120  18.193  2.652   1.00 45.57  ? 103 LEU A CA  1 
ATOM 172  C C   . LEU A 1 22  ? 28.528  19.282  1.755   1.00 45.57  ? 103 LEU A C   1 
ATOM 173  O O   . LEU A 1 22  ? 29.249  20.126  1.220   1.00 45.57  ? 103 LEU A O   1 
ATOM 174  C CB  . LEU A 1 22  ? 29.498  16.975  1.821   1.00 60.25  ? 103 LEU A CB  1 
ATOM 175  C CG  . LEU A 1 22  ? 30.297  15.978  2.660   1.00 60.25  ? 103 LEU A CG  1 
ATOM 176  C CD1 . LEU A 1 22  ? 30.477  14.643  1.954   1.00 60.25  ? 103 LEU A CD1 1 
ATOM 177  C CD2 . LEU A 1 22  ? 31.642  16.604  2.960   1.00 60.25  ? 103 LEU A CD2 1 
ATOM 178  N N   . MET A 1 23  ? 27.208  19.272  1.603   1.00 44.09  ? 104 MET A N   1 
ATOM 179  C CA  . MET A 1 23  ? 26.557  20.262  0.773   1.00 44.09  ? 104 MET A CA  1 
ATOM 180  C C   . MET A 1 23  ? 26.596  21.600  1.489   1.00 44.09  ? 104 MET A C   1 
ATOM 181  O O   . MET A 1 23  ? 26.966  22.621  0.900   1.00 44.09  ? 104 MET A O   1 
ATOM 182  C CB  . MET A 1 23  ? 25.102  19.856  0.474   1.00 46.51  ? 104 MET A CB  1 
ATOM 183  C CG  . MET A 1 23  ? 24.320  20.889  -0.359  1.00 46.51  ? 104 MET A CG  1 
ATOM 184  S SD  . MET A 1 23  ? 25.072  21.241  -1.976  1.00 46.51  ? 104 MET A SD  1 
ATOM 185  C CE  . MET A 1 23  ? 24.329  22.795  -2.359  1.00 46.51  ? 104 MET A CE  1 
ATOM 186  N N   . LYS A 1 24  ? 26.229  21.589  2.765   1.00 65.40  ? 105 LYS A N   1 
ATOM 187  C CA  . LYS A 1 24  ? 26.200  22.805  3.562   1.00 65.40  ? 105 LYS A CA  1 
ATOM 188  C C   . LYS A 1 24  ? 27.523  23.572  3.548   1.00 65.40  ? 105 LYS A C   1 
ATOM 189  O O   . LYS A 1 24  ? 27.538  24.795  3.358   1.00 65.40  ? 105 LYS A O   1 
ATOM 190  C CB  . LYS A 1 24  ? 25.811  22.483  5.002   1.00 73.32  ? 105 LYS A CB  1 
ATOM 191  C CG  . LYS A 1 24  ? 25.551  23.721  5.812   1.00 73.32  ? 105 LYS A CG  1 
ATOM 192  C CD  . LYS A 1 24  ? 24.947  23.407  7.155   1.00 73.32  ? 105 LYS A CD  1 
ATOM 193  C CE  . LYS A 1 24  ? 24.320  24.672  7.722   1.00 73.32  ? 105 LYS A CE  1 
ATOM 194  N NZ  . LYS A 1 24  ? 23.552  24.419  8.971   1.00 73.32  ? 105 LYS A NZ  1 
ATOM 195  N N   . SER A 1 25  ? 28.633  22.862  3.739   1.00 52.60  ? 106 SER A N   1 
ATOM 196  C CA  . SER A 1 25  ? 29.918  23.529  3.759   1.00 52.60  ? 106 SER A CA  1 
ATOM 197  C C   . SER A 1 25  ? 30.297  24.052  2.390   1.00 52.60  ? 106 SER A C   1 
ATOM 198  O O   . SER A 1 25  ? 30.636  25.220  2.260   1.00 52.60  ? 106 SER A O   1 
ATOM 199  C CB  . SER A 1 25  ? 31.014  22.611  4.308   1.00 81.75  ? 106 SER A CB  1 
ATOM 200  O OG  . SER A 1 25  ? 31.209  21.474  3.502   1.00 81.75  ? 106 SER A OG  1 
ATOM 201  N N   . ALA A 1 26  ? 30.234  23.210  1.365   1.00 50.72  ? 107 ALA A N   1 
ATOM 202  C CA  . ALA A 1 26  ? 30.579  23.665  0.018   1.00 50.72  ? 107 ALA A CA  1 
ATOM 203  C C   . ALA A 1 26  ? 29.710  24.870  -0.369  1.00 50.72  ? 107 ALA A C   1 
ATOM 204  O O   . ALA A 1 26  ? 30.165  25.796  -1.042  1.00 50.72  ? 107 ALA A O   1 
ATOM 205  C CB  . ALA A 1 26  ? 30.396  22.537  -0.977  1.00 20.73  ? 107 ALA A CB  1 
ATOM 206  N N   . ALA A 1 27  ? 28.462  24.853  0.079   1.00 51.39  ? 108 ALA A N   1 
ATOM 207  C CA  . ALA A 1 27  ? 27.541  25.940  -0.202  1.00 51.39  ? 108 ALA A CA  1 
ATOM 208  C C   . ALA A 1 27  ? 27.992  27.194  0.532   1.00 51.39  ? 108 ALA A C   1 
ATOM 209  O O   . ALA A 1 27  ? 27.926  28.294  -0.015  1.00 51.39  ? 108 ALA A O   1 
ATOM 210  C CB  . ALA A 1 27  ? 26.125  25.558  0.230   1.00 43.78  ? 108 ALA A CB  1 
ATOM 211  N N   . GLY A 1 28  ? 28.444  27.026  1.774   1.00 56.97  ? 109 GLY A N   1 
ATOM 212  C CA  . GLY A 1 28  ? 28.910  28.161  2.557   1.00 56.97  ? 109 GLY A CA  1 
ATOM 213  C C   . GLY A 1 28  ? 30.149  28.817  1.967   1.00 56.97  ? 109 GLY A C   1 
ATOM 214  O O   . GLY A 1 28  ? 30.168  30.030  1.740   1.00 56.97  ? 109 GLY A O   1 
ATOM 215  N N   . GLU A 1 29  ? 31.185  28.019  1.719   1.00 47.97  ? 110 GLU A N   1 
ATOM 216  C CA  . GLU A 1 29  ? 32.410  28.520  1.130   1.00 47.97  ? 110 GLU A CA  1 
ATOM 217  C C   . GLU A 1 29  ? 32.176  29.272  -0.168  1.00 47.97  ? 110 GLU A C   1 
ATOM 218  O O   . GLU A 1 29  ? 32.932  30.181  -0.504  1.00 47.97  ? 110 GLU A O   1 
ATOM 219  C CB  . GLU A 1 29  ? 33.381  27.386  0.854   1.00 74.29  ? 110 GLU A CB  1 
ATOM 220  C CG  . GLU A 1 29  ? 34.156  26.942  2.043   1.00 74.29  ? 110 GLU A CG  1 
ATOM 221  C CD  . GLU A 1 29  ? 35.191  25.911  1.669   1.00 74.29  ? 110 GLU A CD  1 
ATOM 222  O OE1 . GLU A 1 29  ? 35.920  26.136  0.674   1.00 74.29  ? 110 GLU A OE1 1 
ATOM 223  O OE2 . GLU A 1 29  ? 35.291  24.884  2.375   1.00 74.29  ? 110 GLU A OE2 1 
ATOM 224  N N   . PHE A 1 30  ? 31.148  28.877  -0.910  1.00 49.76  ? 111 PHE A N   1 
ATOM 225  C CA  . PHE A 1 30  ? 30.816  29.516  -2.178  1.00 49.76  ? 111 PHE A CA  1 
ATOM 226  C C   . PHE A 1 30  ? 30.166  30.874  -1.949  1.00 49.76  ? 111 PHE A C   1 
ATOM 227  O O   . PHE A 1 30  ? 30.460  31.845  -2.650  1.00 49.76  ? 111 PHE A O   1 
ATOM 228  C CB  . PHE A 1 30  ? 29.838  28.646  -2.969  1.00 47.95  ? 111 PHE A CB  1 
ATOM 229  C CG  . PHE A 1 30  ? 29.251  29.334  -4.182  1.00 47.95  ? 111 PHE A CG  1 
ATOM 230  C CD1 . PHE A 1 30  ? 30.004  29.509  -5.341  1.00 47.95  ? 111 PHE A CD1 1 
ATOM 231  C CD2 . PHE A 1 30  ? 27.958  29.860  -4.138  1.00 47.95  ? 111 PHE A CD2 1 
ATOM 232  C CE1 . PHE A 1 30  ? 29.482  30.200  -6.429  1.00 47.95  ? 111 PHE A CE1 1 
ATOM 233  C CE2 . PHE A 1 30  ? 27.432  30.553  -5.223  1.00 47.95  ? 111 PHE A CE2 1 
ATOM 234  C CZ  . PHE A 1 30  ? 28.197  30.723  -6.370  1.00 47.95  ? 111 PHE A CZ  1 
ATOM 235  N N   . ALA A 1 31  ? 29.268  30.932  -0.976  1.00 53.24  ? 112 ALA A N   1 
ATOM 236  C CA  . ALA A 1 31  ? 28.568  32.168  -0.692  1.00 53.24  ? 112 ALA A CA  1 
ATOM 237  C C   . ALA A 1 31  ? 29.519  33.268  -0.237  1.00 53.24  ? 112 ALA A C   1 
ATOM 238  O O   . ALA A 1 31  ? 29.272  34.447  -0.494  1.00 53.24  ? 112 ALA A O   1 
ATOM 239  C CB  . ALA A 1 31  ? 27.504  31.923  0.342   1.00 31.32  ? 112 ALA A CB  1 
ATOM 240  N N   . ASP A 1 32  ? 30.608  32.892  0.427   1.00 64.68  ? 113 ASP A N   1 
ATOM 241  C CA  . ASP A 1 32  ? 31.572  33.883  0.887   1.00 64.68  ? 113 ASP A CA  1 
ATOM 242  C C   . ASP A 1 32  ? 32.502  34.301  -0.234  1.00 64.68  ? 113 ASP A C   1 
ATOM 243  O O   . ASP A 1 32  ? 33.035  35.408  -0.224  1.00 64.68  ? 113 ASP A O   1 
ATOM 244  C CB  . ASP A 1 32  ? 32.410  33.338  2.039   1.00 85.50  ? 113 ASP A CB  1 
ATOM 245  C CG  . ASP A 1 32  ? 31.566  32.877  3.198   1.00 85.50  ? 113 ASP A CG  1 
ATOM 246  O OD1 . ASP A 1 32  ? 30.676  33.639  3.637   1.00 85.50  ? 113 ASP A OD1 1 
ATOM 247  O OD2 . ASP A 1 32  ? 31.801  31.753  3.684   1.00 85.50  ? 113 ASP A OD2 1 
ATOM 248  N N   . ASP A 1 33  ? 32.696  33.420  -1.207  1.00 65.20  ? 114 ASP A N   1 
ATOM 249  C CA  . ASP A 1 33  ? 33.595  33.703  -2.312  1.00 65.20  ? 114 ASP A CA  1 
ATOM 250  C C   . ASP A 1 33  ? 32.945  33.269  -3.641  1.00 65.20  ? 114 ASP A C   1 
ATOM 251  O O   . ASP A 1 33  ? 33.497  32.454  -4.384  1.00 65.20  ? 114 ASP A O   1 
ATOM 252  C CB  . ASP A 1 33  ? 34.911  32.953  -2.073  1.00 58.51  ? 114 ASP A CB  1 
ATOM 253  C CG  . ASP A 1 33  ? 36.065  33.519  -2.866  1.00 58.51  ? 114 ASP A CG  1 
ATOM 254  O OD1 . ASP A 1 33  ? 35.817  34.326  -3.783  1.00 58.51  ? 114 ASP A OD1 1 
ATOM 255  O OD2 . ASP A 1 33  ? 37.222  33.150  -2.591  1.00 58.51  ? 114 ASP A OD2 1 
ATOM 256  N N   . PRO A 1 34  ? 31.760  33.813  -3.953  1.00 65.09  ? 115 PRO A N   1 
ATOM 257  C CA  . PRO A 1 34  ? 30.953  33.545  -5.146  1.00 65.09  ? 115 PRO A CA  1 
ATOM 258  C C   . PRO A 1 34  ? 31.557  33.725  -6.535  1.00 65.09  ? 115 PRO A C   1 
ATOM 259  O O   . PRO A 1 34  ? 31.066  33.124  -7.487  1.00 65.09  ? 115 PRO A O   1 
ATOM 260  C CB  . PRO A 1 34  ? 29.742  34.440  -4.939  1.00 47.91  ? 115 PRO A CB  1 
ATOM 261  C CG  . PRO A 1 34  ? 30.317  35.576  -4.157  1.00 47.91  ? 115 PRO A CG  1 
ATOM 262  C CD  . PRO A 1 34  ? 31.051  34.788  -3.111  1.00 47.91  ? 115 PRO A CD  1 
ATOM 263  N N   . CYS A 1 35  ? 32.577  34.560  -6.688  1.00 58.88  ? 116 CYS A N   1 
ATOM 264  C CA  . CYS A 1 35  ? 33.168  34.708  -8.008  1.00 58.88  ? 116 CYS A CA  1 
ATOM 265  C C   . CYS A 1 35  ? 34.208  33.638  -8.182  1.00 58.88  ? 116 CYS A C   1 
ATOM 266  O O   . CYS A 1 35  ? 34.893  33.599  -9.195  1.00 58.88  ? 116 CYS A O   1 
ATOM 267  C CB  . CYS A 1 35  ? 33.816  36.079  -8.195  1.00 87.10  ? 116 CYS A CB  1 
ATOM 268  S SG  . CYS A 1 35  ? 32.655  37.385  -8.596  1.00 87.10  ? 116 CYS A SG  1 
ATOM 269  N N   . SER A 1 36  ? 34.322  32.761  -7.194  1.00 46.23  ? 117 SER A N   1 
ATOM 270  C CA  . SER A 1 36  ? 35.310  31.695  -7.261  1.00 46.23  ? 117 SER A CA  1 
ATOM 271  C C   . SER A 1 36  ? 34.970  30.529  -8.187  1.00 46.23  ? 117 SER A C   1 
ATOM 272  O O   . SER A 1 36  ? 33.920  29.896  -8.076  1.00 46.23  ? 117 SER A O   1 
ATOM 273  C CB  . SER A 1 36  ? 35.581  31.138  -5.868  1.00 41.80  ? 117 SER A CB  1 
ATOM 274  O OG  . SER A 1 36  ? 36.500  30.058  -5.948  1.00 41.80  ? 117 SER A OG  1 
ATOM 275  N N   . SER A 1 37  ? 35.883  30.251  -9.103  1.00 53.78  ? 118 SER A N   1 
ATOM 276  C CA  . SER A 1 37  ? 35.732  29.151  -10.034 1.00 53.78  ? 118 SER A CA  1 
ATOM 277  C C   . SER A 1 37  ? 35.654  27.853  -9.231  1.00 53.78  ? 118 SER A C   1 
ATOM 278  O O   . SER A 1 37  ? 34.614  27.203  -9.189  1.00 53.78  ? 118 SER A O   1 
ATOM 279  C CB  . SER A 1 37  ? 36.937  29.112  -10.974 1.00 71.21  ? 118 SER A CB  1 
ATOM 280  O OG  . SER A 1 37  ? 36.961  27.921  -11.731 1.00 71.21  ? 118 SER A OG  1 
ATOM 281  N N   . VAL A 1 38  ? 36.762  27.492  -8.592  1.00 44.48  ? 119 VAL A N   1 
ATOM 282  C CA  . VAL A 1 38  ? 36.855  26.276  -7.785  1.00 44.48  ? 119 VAL A CA  1 
ATOM 283  C C   . VAL A 1 38  ? 35.724  26.083  -6.771  1.00 44.48  ? 119 VAL A C   1 
ATOM 284  O O   . VAL A 1 38  ? 34.977  25.112  -6.851  1.00 44.48  ? 119 VAL A O   1 
ATOM 285  C CB  . VAL A 1 38  ? 38.194  26.225  -7.011  1.00 23.82  ? 119 VAL A CB  1 
ATOM 286  C CG1 . VAL A 1 38  ? 38.205  25.044  -6.072  1.00 23.82  ? 119 VAL A CG1 1 
ATOM 287  C CG2 . VAL A 1 38  ? 39.360  26.139  -7.977  1.00 23.82  ? 119 VAL A CG2 1 
ATOM 288  N N   . LYS A 1 39  ? 35.604  26.997  -5.815  1.00 46.50  ? 120 LYS A N   1 
ATOM 289  C CA  . LYS A 1 39  ? 34.573  26.893  -4.790  1.00 46.50  ? 120 LYS A CA  1 
ATOM 290  C C   . LYS A 1 39  ? 33.190  26.618  -5.355  1.00 46.50  ? 120 LYS A C   1 
ATOM 291  O O   . LYS A 1 39  ? 32.384  25.929  -4.737  1.00 46.50  ? 120 LYS A O   1 
ATOM 292  C CB  . LYS A 1 39  ? 34.548  28.167  -3.942  1.00 64.16  ? 120 LYS A CB  1 
ATOM 293  C CG  . LYS A 1 39  ? 35.858  28.429  -3.217  1.00 64.16  ? 120 LYS A CG  1 
ATOM 294  C CD  . LYS A 1 39  ? 35.754  29.651  -2.337  1.00 64.16  ? 120 LYS A CD  1 
ATOM 295  C CE  . LYS A 1 39  ? 37.047  29.955  -1.606  1.00 64.16  ? 120 LYS A CE  1 
ATOM 296  N NZ  . LYS A 1 39  ? 36.796  31.082  -0.675  1.00 64.16  ? 120 LYS A NZ  1 
ATOM 297  N N   . ARG A 1 40  ? 32.926  27.158  -6.532  1.00 62.48  ? 121 ARG A N   1 
ATOM 298  C CA  . ARG A 1 40  ? 31.647  26.980  -7.192  1.00 62.48  ? 121 ARG A CA  1 
ATOM 299  C C   . ARG A 1 40  ? 31.422  25.542  -7.672  1.00 62.48  ? 121 ARG A C   1 
ATOM 300  O O   . ARG A 1 40  ? 30.389  24.933  -7.382  1.00 62.48  ? 121 ARG A O   1 
ATOM 301  C CB  . ARG A 1 40  ? 31.575  27.915  -8.374  1.00 80.98  ? 121 ARG A CB  1 
ATOM 302  C CG  . ARG A 1 40  ? 30.289  27.834  -9.099  1.00 80.98  ? 121 ARG A CG  1 
ATOM 303  C CD  . ARG A 1 40  ? 30.420  28.585  -10.370 1.00 80.98  ? 121 ARG A CD  1 
ATOM 304  N NE  . ARG A 1 40  ? 29.191  28.508  -11.131 1.00 80.98  ? 121 ARG A NE  1 
ATOM 305  C CZ  . ARG A 1 40  ? 29.087  28.897  -12.393 1.00 80.98  ? 121 ARG A CZ  1 
ATOM 306  N NH1 . ARG A 1 40  ? 30.153  29.384  -13.026 1.00 80.98  ? 121 ARG A NH1 1 
ATOM 307  N NH2 . ARG A 1 40  ? 27.919  28.798  -13.015 1.00 80.98  ? 121 ARG A NH2 1 
ATOM 308  N N   . GLY A 1 41  ? 32.375  25.007  -8.427  1.00 52.69  ? 122 GLY A N   1 
ATOM 309  C CA  . GLY A 1 41  ? 32.252  23.645  -8.905  1.00 52.69  ? 122 GLY A CA  1 
ATOM 310  C C   . GLY A 1 41  ? 32.099  22.673  -7.749  1.00 52.69  ? 122 GLY A C   1 
ATOM 311  O O   . GLY A 1 41  ? 31.390  21.671  -7.853  1.00 52.69  ? 122 GLY A O   1 
ATOM 312  N N   . ASN A 1 42  ? 32.766  22.954  -6.634  1.00 48.62  ? 123 ASN A N   1 
ATOM 313  C CA  . ASN A 1 42  ? 32.657  22.089  -5.469  1.00 48.62  ? 123 ASN A CA  1 
ATOM 314  C C   . ASN A 1 42  ? 31.215  22.099  -4.987  1.00 48.62  ? 123 ASN A C   1 
ATOM 315  O O   . ASN A 1 42  ? 30.715  21.100  -4.485  1.00 48.62  ? 123 ASN A O   1 
ATOM 316  C CB  . ASN A 1 42  ? 33.573  22.571  -4.337  1.00 69.55  ? 123 ASN A CB  1 
ATOM 317  C CG  . ASN A 1 42  ? 35.042  22.479  -4.688  1.00 69.55  ? 123 ASN A CG  1 
ATOM 318  O OD1 . ASN A 1 42  ? 35.538  21.413  -5.024  1.00 69.55  ? 123 ASN A OD1 1 
ATOM 319  N ND2 . ASN A 1 42  ? 35.748  23.594  -4.598  1.00 69.55  ? 123 ASN A ND2 1 
ATOM 320  N N   . MET A 1 43  ? 30.551  23.237  -5.143  1.00 59.63  ? 124 MET A N   1 
ATOM 321  C CA  . MET A 1 43  ? 29.173  23.370  -4.713  1.00 59.63  ? 124 MET A CA  1 
ATOM 322  C C   . MET A 1 43  ? 28.240  22.602  -5.629  1.00 59.63  ? 124 MET A C   1 
ATOM 323  O O   . MET A 1 43  ? 27.200  22.092  -5.199  1.00 59.63  ? 124 MET A O   1 
ATOM 324  C CB  . MET A 1 43  ? 28.748  24.819  -4.719  1.00 60.89  ? 124 MET A CB  1 
ATOM 325  C CG  . MET A 1 43  ? 27.330  24.964  -4.303  1.00 60.89  ? 124 MET A CG  1 
ATOM 326  S SD  . MET A 1 43  ? 26.563  26.252  -5.220  1.00 60.89  ? 124 MET A SD  1 
ATOM 327  C CE  . MET A 1 43  ? 26.777  25.639  -6.922  1.00 60.89  ? 124 MET A CE  1 
ATOM 328  N N   . VAL A 1 44  ? 28.604  22.546  -6.905  1.00 47.78  ? 125 VAL A N   1 
ATOM 329  C CA  . VAL A 1 44  ? 27.806  21.827  -7.886  1.00 47.78  ? 125 VAL A CA  1 
ATOM 330  C C   . VAL A 1 44  ? 27.943  20.321  -7.661  1.00 47.78  ? 125 VAL A C   1 
ATOM 331  O O   . VAL A 1 44  ? 26.938  19.629  -7.492  1.00 47.78  ? 125 VAL A O   1 
ATOM 332  C CB  . VAL A 1 44  ? 28.222  22.236  -9.331  1.00 38.96  ? 125 VAL A CB  1 
ATOM 333  C CG1 . VAL A 1 44  ? 27.738  21.214  -10.341 1.00 38.96  ? 125 VAL A CG1 1 
ATOM 334  C CG2 . VAL A 1 44  ? 27.627  23.608  -9.656  1.00 38.96  ? 125 VAL A CG2 1 
ATOM 335  N N   . ARG A 1 45  ? 29.176  19.821  -7.636  1.00 50.10  ? 126 ARG A N   1 
ATOM 336  C CA  . ARG A 1 45  ? 29.388  18.405  -7.400  1.00 50.10  ? 126 ARG A CA  1 
ATOM 337  C C   . ARG A 1 45  ? 28.765  17.977  -6.081  1.00 50.10  ? 126 ARG A C   1 
ATOM 338  O O   . ARG A 1 45  ? 28.357  16.831  -5.915  1.00 50.10  ? 126 ARG A O   1 
ATOM 339  C CB  . ARG A 1 45  ? 30.869  18.075  -7.421  1.00 94.35  ? 126 ARG A CB  1 
ATOM 340  C CG  . ARG A 1 45  ? 31.417  17.941  -8.818  1.00 94.35  ? 126 ARG A CG  1 
ATOM 341  C CD  . ARG A 1 45  ? 32.914  17.888  -8.770  1.00 94.35  ? 126 ARG A CD  1 
ATOM 342  N NE  . ARG A 1 45  ? 33.416  19.154  -8.255  1.00 94.35  ? 126 ARG A NE  1 
ATOM 343  C CZ  . ARG A 1 45  ? 34.671  19.371  -7.887  1.00 94.35  ? 126 ARG A CZ  1 
ATOM 344  N NH1 . ARG A 1 45  ? 35.569  18.397  -7.974  1.00 94.35  ? 126 ARG A NH1 1 
ATOM 345  N NH2 . ARG A 1 45  ? 35.028  20.571  -7.441  1.00 94.35  ? 126 ARG A NH2 1 
ATOM 346  N N   . ALA A 1 46  ? 28.686  18.894  -5.132  1.00 42.83  ? 127 ALA A N   1 
ATOM 347  C CA  . ALA A 1 46  ? 28.072  18.550  -3.874  1.00 42.83  ? 127 ALA A CA  1 
ATOM 348  C C   . ALA A 1 46  ? 26.598  18.343  -4.171  1.00 42.83  ? 127 ALA A C   1 
ATOM 349  O O   . ALA A 1 46  ? 26.041  17.285  -3.877  1.00 42.83  ? 127 ALA A O   1 
ATOM 350  C CB  . ALA A 1 46  ? 28.244  19.668  -2.874  1.00 41.44  ? 127 ALA A CB  1 
ATOM 351  N N   . ALA A 1 47  ? 25.978  19.356  -4.776  1.00 38.15  ? 128 ALA A N   1 
ATOM 352  C CA  . ALA A 1 47  ? 24.559  19.307  -5.094  1.00 38.15  ? 128 ALA A CA  1 
ATOM 353  C C   . ALA A 1 47  ? 24.164  18.058  -5.864  1.00 38.15  ? 128 ALA A C   1 
ATOM 354  O O   . ALA A 1 47  ? 23.069  17.524  -5.670  1.00 38.15  ? 128 ALA A O   1 
ATOM 355  C CB  . ALA A 1 47  ? 24.149  20.551  -5.855  1.00 44.51  ? 128 ALA A CB  1 
ATOM 356  N N   . ARG A 1 48  ? 25.039  17.593  -6.748  1.00 51.41  ? 129 ARG A N   1 
ATOM 357  C CA  . ARG A 1 48  ? 24.744  16.380  -7.493  1.00 51.41  ? 129 ARG A CA  1 
ATOM 358  C C   . ARG A 1 48  ? 24.636  15.220  -6.527  1.00 51.41  ? 129 ARG A C   1 
ATOM 359  O O   . ARG A 1 48  ? 23.594  14.571  -6.436  1.00 51.41  ? 129 ARG A O   1 
ATOM 360  C CB  . ARG A 1 48  ? 25.826  16.111  -8.524  1.00 55.67  ? 129 ARG A CB  1 
ATOM 361  C CG  . ARG A 1 48  ? 25.649  16.968  -9.730  1.00 55.67  ? 129 ARG A CG  1 
ATOM 362  C CD  . ARG A 1 48  ? 26.818  16.898  -10.651 1.00 55.67  ? 129 ARG A CD  1 
ATOM 363  N NE  . ARG A 1 48  ? 26.601  17.821  -11.760 1.00 55.67  ? 129 ARG A NE  1 
ATOM 364  C CZ  . ARG A 1 48  ? 27.548  18.213  -12.607 1.00 55.67  ? 129 ARG A CZ  1 
ATOM 365  N NH1 . ARG A 1 48  ? 28.792  17.761  -12.476 1.00 55.67  ? 129 ARG A NH1 1 
ATOM 366  N NH2 . ARG A 1 48  ? 27.248  19.058  -13.584 1.00 55.67  ? 129 ARG A NH2 1 
ATOM 367  N N   . ALA A 1 49  ? 25.704  14.973  -5.782  1.00 38.42  ? 130 ALA A N   1 
ATOM 368  C CA  . ALA A 1 49  ? 25.685  13.886  -4.824  1.00 38.42  ? 130 ALA A CA  1 
ATOM 369  C C   . ALA A 1 49  ? 24.532  14.009  -3.855  1.00 38.42  ? 130 ALA A C   1 
ATOM 370  O O   . ALA A 1 49  ? 24.026  13.017  -3.367  1.00 38.42  ? 130 ALA A O   1 
ATOM 371  C CB  . ALA A 1 49  ? 26.971  13.837  -4.072  1.00 19.51  ? 130 ALA A CB  1 
ATOM 372  N N   . LEU A 1 50  ? 24.107  15.223  -3.561  1.00 48.49  ? 131 LEU A N   1 
ATOM 373  C CA  . LEU A 1 50  ? 23.010  15.368  -2.628  1.00 48.49  ? 131 LEU A CA  1 
ATOM 374  C C   . LEU A 1 50  ? 21.719  14.898  -3.286  1.00 48.49  ? 131 LEU A C   1 
ATOM 375  O O   . LEU A 1 50  ? 20.871  14.283  -2.640  1.00 48.49  ? 131 LEU A O   1 
ATOM 376  C CB  . LEU A 1 50  ? 22.880  16.828  -2.170  1.00 41.40  ? 131 LEU A CB  1 
ATOM 377  C CG  . LEU A 1 50  ? 21.674  17.089  -1.266  1.00 41.40  ? 131 LEU A CG  1 
ATOM 378  C CD1 . LEU A 1 50  ? 21.718  16.160  -0.060  1.00 41.40  ? 131 LEU A CD1 1 
ATOM 379  C CD2 . LEU A 1 50  ? 21.655  18.530  -0.845  1.00 41.40  ? 131 LEU A CD2 1 
ATOM 380  N N   . LEU A 1 51  ? 21.597  15.174  -4.581  1.00 54.69  ? 132 LEU A N   1 
ATOM 381  C CA  . LEU A 1 51  ? 20.420  14.814  -5.368  1.00 54.69  ? 132 LEU A CA  1 
ATOM 382  C C   . LEU A 1 51  ? 20.233  13.298  -5.495  1.00 54.69  ? 132 LEU A C   1 
ATOM 383  O O   . LEU A 1 51  ? 19.130  12.790  -5.337  1.00 54.69  ? 132 LEU A O   1 
ATOM 384  C CB  . LEU A 1 51  ? 20.550  15.450  -6.745  1.00 37.67  ? 132 LEU A CB  1 
ATOM 385  C CG  . LEU A 1 51  ? 19.384  15.528  -7.726  1.00 37.67  ? 132 LEU A CG  1 
ATOM 386  C CD1 . LEU A 1 51  ? 18.255  16.347  -7.134  1.00 37.67  ? 132 LEU A CD1 1 
ATOM 387  C CD2 . LEU A 1 51  ? 19.880  16.174  -9.018  1.00 37.67  ? 132 LEU A CD2 1 
ATOM 388  N N   . SER A 1 52  ? 21.309  12.580  -5.780  1.00 41.54  ? 133 SER A N   1 
ATOM 389  C CA  . SER A 1 52  ? 21.242  11.131  -5.897  1.00 41.54  ? 133 SER A CA  1 
ATOM 390  C C   . SER A 1 52  ? 20.739  10.567  -4.587  1.00 41.54  ? 133 SER A C   1 
ATOM 391  O O   . SER A 1 52  ? 19.790  9.802   -4.547  1.00 41.54  ? 133 SER A O   1 
ATOM 392  C CB  . SER A 1 52  ? 22.627  10.537  -6.138  1.00 57.39  ? 133 SER A CB  1 
ATOM 393  O OG  . SER A 1 52  ? 23.258  11.125  -7.249  1.00 57.39  ? 133 SER A OG  1 
ATOM 394  N N   . ALA A 1 53  ? 21.409  10.947  -3.509  1.00 42.42  ? 134 ALA A N   1 
ATOM 395  C CA  . ALA A 1 53  ? 21.058  10.472  -2.193  1.00 42.42  ? 134 ALA A CA  1 
ATOM 396  C C   . ALA A 1 53  ? 19.598  10.737  -1.884  1.00 42.42  ? 134 ALA A C   1 
ATOM 397  O O   . ALA A 1 53  ? 18.906  9.871   -1.343  1.00 42.42  ? 134 ALA A O   1 
ATOM 398  C CB  . ALA A 1 53  ? 21.945  11.134  -1.158  1.00 31.01  ? 134 ALA A CB  1 
ATOM 399  N N   . VAL A 1 54  ? 19.121  11.925  -2.233  1.00 39.14  ? 135 VAL A N   1 
ATOM 400  C CA  . VAL A 1 54  ? 17.737  12.272  -1.957  1.00 39.14  ? 135 VAL A CA  1 
ATOM 401  C C   . VAL A 1 54  ? 16.736  11.487  -2.800  1.00 39.14  ? 135 VAL A C   1 
ATOM 402  O O   . VAL A 1 54  ? 15.716  11.043  -2.278  1.00 39.14  ? 135 VAL A O   1 
ATOM 403  C CB  . VAL A 1 54  ? 17.483  13.780  -2.146  1.00 26.24  ? 135 VAL A CB  1 
ATOM 404  C CG1 . VAL A 1 54  ? 16.031  14.120  -1.860  1.00 26.24  ? 135 VAL A CG1 1 
ATOM 405  C CG2 . VAL A 1 54  ? 18.348  14.553  -1.209  1.00 26.24  ? 135 VAL A CG2 1 
ATOM 406  N N   . THR A 1 55  ? 16.997  11.307  -4.092  1.00 43.52  ? 136 THR A N   1 
ATOM 407  C CA  . THR A 1 55  ? 16.043  10.550  -4.883  1.00 43.52  ? 136 THR A CA  1 
ATOM 408  C C   . THR A 1 55  ? 16.062  9.090   -4.455  1.00 43.52  ? 136 THR A C   1 
ATOM 409  O O   . THR A 1 55  ? 15.004  8.479   -4.321  1.00 43.52  ? 136 THR A O   1 
ATOM 410  C CB  . THR A 1 55  ? 16.312  10.647  -6.378  1.00 47.09  ? 136 THR A CB  1 
ATOM 411  O OG1 . THR A 1 55  ? 17.631  10.189  -6.644  1.00 47.09  ? 136 THR A OG1 1 
ATOM 412  C CG2 . THR A 1 55  ? 16.177  12.077  -6.858  1.00 47.09  ? 136 THR A CG2 1 
ATOM 413  N N   . ARG A 1 56  ? 17.248  8.529   -4.219  1.00 42.27  ? 137 ARG A N   1 
ATOM 414  C CA  . ARG A 1 56  ? 17.320  7.146   -3.770  1.00 42.27  ? 137 ARG A CA  1 
ATOM 415  C C   . ARG A 1 56  ? 16.434  7.007   -2.530  1.00 42.27  ? 137 ARG A C   1 
ATOM 416  O O   . ARG A 1 56  ? 15.777  5.998   -2.330  1.00 42.27  ? 137 ARG A O   1 
ATOM 417  C CB  . ARG A 1 56  ? 18.739  6.757   -3.400  1.00 75.46  ? 137 ARG A CB  1 
ATOM 418  C CG  . ARG A 1 56  ? 18.848  5.322   -2.956  1.00 75.46  ? 137 ARG A CG  1 
ATOM 419  C CD  . ARG A 1 56  ? 19.740  5.204   -1.733  1.00 75.46  ? 137 ARG A CD  1 
ATOM 420  N NE  . ARG A 1 56  ? 19.956  3.827   -1.288  1.00 75.46  ? 137 ARG A NE  1 
ATOM 421  C CZ  . ARG A 1 56  ? 18.985  2.941   -1.084  1.00 75.46  ? 137 ARG A CZ  1 
ATOM 422  N NH1 . ARG A 1 56  ? 17.714  3.280   -1.287  1.00 75.46  ? 137 ARG A NH1 1 
ATOM 423  N NH2 . ARG A 1 56  ? 19.287  1.717   -0.666  1.00 75.46  ? 137 ARG A NH2 1 
ATOM 424  N N   . LEU A 1 57  ? 16.405  8.039   -1.701  1.00 39.54  ? 138 LEU A N   1 
ATOM 425  C CA  . LEU A 1 57  ? 15.597  8.007   -0.499  1.00 39.54  ? 138 LEU A CA  1 
ATOM 426  C C   . LEU A 1 57  ? 14.103  8.037   -0.804  1.00 39.54  ? 138 LEU A C   1 
ATOM 427  O O   . LEU A 1 57  ? 13.358  7.175   -0.356  1.00 39.54  ? 138 LEU A O   1 
ATOM 428  C CB  . LEU A 1 57  ? 15.955  9.188   0.415   1.00 50.31  ? 138 LEU A CB  1 
ATOM 429  C CG  . LEU A 1 57  ? 15.023  9.415   1.616   1.00 50.31  ? 138 LEU A CG  1 
ATOM 430  C CD1 . LEU A 1 57  ? 15.098  8.247   2.562   1.00 50.31  ? 138 LEU A CD1 1 
ATOM 431  C CD2 . LEU A 1 57  ? 15.412  10.677  2.323   1.00 50.31  ? 138 LEU A CD2 1 
ATOM 432  N N   . LEU A 1 58  ? 13.664  9.036   -1.554  1.00 39.55  ? 139 LEU A N   1 
ATOM 433  C CA  . LEU A 1 58  ? 12.260  9.165   -1.876  1.00 39.55  ? 139 LEU A CA  1 
ATOM 434  C C   . LEU A 1 58  ? 11.641  7.939   -2.537  1.00 39.55  ? 139 LEU A C   1 
ATOM 435  O O   . LEU A 1 58  ? 10.490  7.587   -2.253  1.00 39.55  ? 139 LEU A O   1 
ATOM 436  C CB  . LEU A 1 58  ? 12.054  10.384  -2.753  1.00 30.89  ? 139 LEU A CB  1 
ATOM 437  C CG  . LEU A 1 58  ? 12.268  11.688  -2.004  1.00 30.89  ? 139 LEU A CG  1 
ATOM 438  C CD1 . LEU A 1 58  ? 12.182  12.873  -2.946  1.00 30.89  ? 139 LEU A CD1 1 
ATOM 439  C CD2 . LEU A 1 58  ? 11.216  11.784  -0.925  1.00 30.89  ? 139 LEU A CD2 1 
ATOM 440  N N   . ILE A 1 59  ? 12.395  7.299   -3.426  1.00 40.96  ? 140 ILE A N   1 
ATOM 441  C CA  . ILE A 1 59  ? 11.921  6.117   -4.124  1.00 40.96  ? 140 ILE A CA  1 
ATOM 442  C C   . ILE A 1 59  ? 11.773  4.989   -3.145  1.00 40.96  ? 140 ILE A C   1 
ATOM 443  O O   . ILE A 1 59  ? 10.747  4.322   -3.103  1.00 40.96  ? 140 ILE A O   1 
ATOM 444  C CB  . ILE A 1 59  ? 12.905  5.677   -5.200  1.00 36.49  ? 140 ILE A CB  1 
ATOM 445  C CG1 . ILE A 1 59  ? 12.917  6.708   -6.320  1.00 36.49  ? 140 ILE A CG1 1 
ATOM 446  C CG2 . ILE A 1 59  ? 12.537  4.299   -5.724  1.00 36.49  ? 140 ILE A CG2 1 
ATOM 447  C CD1 . ILE A 1 59  ? 13.889  6.396   -7.419  1.00 36.49  ? 140 ILE A CD1 1 
ATOM 448  N N   . LEU A 1 60  ? 12.815  4.780   -2.353  1.00 40.46  ? 141 LEU A N   1 
ATOM 449  C CA  . LEU A 1 60  ? 12.820  3.720   -1.367  1.00 40.46  ? 141 LEU A CA  1 
ATOM 450  C C   . LEU A 1 60  ? 11.700  3.944   -0.369  1.00 40.46  ? 141 LEU A C   1 
ATOM 451  O O   . LEU A 1 60  ? 11.035  3.008   0.047   1.00 40.46  ? 141 LEU A O   1 
ATOM 452  C CB  . LEU A 1 60  ? 14.147  3.707   -0.629  1.00 41.62  ? 141 LEU A CB  1 
ATOM 453  C CG  . LEU A 1 60  ? 14.606  2.369   -0.065  1.00 41.62  ? 141 LEU A CG  1 
ATOM 454  C CD1 . LEU A 1 60  ? 15.744  2.616   0.897   1.00 41.62  ? 141 LEU A CD1 1 
ATOM 455  C CD2 . LEU A 1 60  ? 13.477  1.677   0.647   1.00 41.62  ? 141 LEU A CD2 1 
ATOM 456  N N   . ALA A 1 61  ? 11.482  5.189   0.031   1.00 46.28  ? 142 ALA A N   1 
ATOM 457  C CA  . ALA A 1 61  ? 10.422  5.456   0.995   1.00 46.28  ? 142 ALA A CA  1 
ATOM 458  C C   . ALA A 1 61  ? 9.082   5.087   0.411   1.00 46.28  ? 142 ALA A C   1 
ATOM 459  O O   . ALA A 1 61  ? 8.208   4.631   1.130   1.00 46.28  ? 142 ALA A O   1 
ATOM 460  C CB  . ALA A 1 61  ? 10.416  6.926   1.407   1.00 23.82  ? 142 ALA A CB  1 
ATOM 461  N N   . ASP A 1 62  ? 8.922   5.284   -0.897  1.00 52.50  ? 143 ASP A N   1 
ATOM 462  C CA  . ASP A 1 62  ? 7.652   4.982   -1.557  1.00 52.50  ? 143 ASP A CA  1 
ATOM 463  C C   . ASP A 1 62  ? 7.412   3.475   -1.627  1.00 52.50  ? 143 ASP A C   1 
ATOM 464  O O   . ASP A 1 62  ? 6.281   3.028   -1.461  1.00 52.50  ? 143 ASP A O   1 
ATOM 465  C CB  . ASP A 1 62  ? 7.605   5.602   -2.954  1.00 53.88  ? 143 ASP A CB  1 
ATOM 466  C CG  . ASP A 1 62  ? 6.189   5.714   -3.487  1.00 53.88  ? 143 ASP A CG  1 
ATOM 467  O OD1 . ASP A 1 62  ? 5.365   6.403   -2.847  1.00 53.88  ? 143 ASP A OD1 1 
ATOM 468  O OD2 . ASP A 1 62  ? 5.894   5.120   -4.543  1.00 53.88  ? 143 ASP A OD2 1 
ATOM 469  N N   . MET A 1 63  ? 8.464   2.701   -1.885  1.00 43.71  ? 144 MET A N   1 
ATOM 470  C CA  . MET A 1 63  ? 8.327   1.259   -1.887  1.00 43.71  ? 144 MET A CA  1 
ATOM 471  C C   . MET A 1 63  ? 7.831   0.854   -0.510  1.00 43.71  ? 144 MET A C   1 
ATOM 472  O O   . MET A 1 63  ? 6.826   0.161   -0.371  1.00 43.71  ? 144 MET A O   1 
ATOM 473  C CB  . MET A 1 63  ? 9.655   0.570   -2.093  1.00 64.87  ? 144 MET A CB  1 
ATOM 474  C CG  . MET A 1 63  ? 10.162  0.597   -3.465  1.00 64.87  ? 144 MET A CG  1 
ATOM 475  S SD  . MET A 1 63  ? 11.632  -0.416  -3.470  1.00 64.87  ? 144 MET A SD  1 
ATOM 476  C CE  . MET A 1 63  ? 11.044  -1.917  -2.694  1.00 64.87  ? 144 MET A CE  1 
ATOM 477  N N   . ALA A 1 64  ? 8.558   1.277   0.513   1.00 45.89  ? 145 ALA A N   1 
ATOM 478  C CA  . ALA A 1 64  ? 8.187   0.948   1.873   1.00 45.89  ? 145 ALA A CA  1 
ATOM 479  C C   . ALA A 1 64  ? 6.682   1.125   2.056   1.00 45.89  ? 145 ALA A C   1 
ATOM 480  O O   . ALA A 1 64  ? 6.015   0.229   2.541   1.00 45.89  ? 145 ALA A O   1 
ATOM 481  C CB  . ALA A 1 64  ? 8.949   1.823   2.848   1.00 90.89  ? 145 ALA A CB  1 
ATOM 482  N N   . ASP A 1 65  ? 6.135   2.264   1.655   1.00 41.61  ? 146 ASP A N   1 
ATOM 483  C CA  . ASP A 1 65  ? 4.705   2.461   1.802   1.00 41.61  ? 146 ASP A CA  1 
ATOM 484  C C   . ASP A 1 65  ? 3.875   1.462   1.008   1.00 41.61  ? 146 ASP A C   1 
ATOM 485  O O   . ASP A 1 65  ? 3.037   0.749   1.574   1.00 41.61  ? 146 ASP A O   1 
ATOM 486  C CB  . ASP A 1 65  ? 4.320   3.878   1.412   1.00 94.80  ? 146 ASP A CB  1 
ATOM 487  C CG  . ASP A 1 65  ? 4.651   4.869   2.488   1.00 94.80  ? 146 ASP A CG  1 
ATOM 488  O OD1 . ASP A 1 65  ? 4.100   4.710   3.600   1.00 94.80  ? 146 ASP A OD1 1 
ATOM 489  O OD2 . ASP A 1 65  ? 5.454   5.792   2.231   1.00 94.80  ? 146 ASP A OD2 1 
ATOM 490  N N   . VAL A 1 66  ? 4.096   1.409   -0.300  1.00 43.93  ? 147 VAL A N   1 
ATOM 491  C CA  . VAL A 1 66  ? 3.352   0.482   -1.132  1.00 43.93  ? 147 VAL A CA  1 
ATOM 492  C C   . VAL A 1 66  ? 3.446   -0.931  -0.577  1.00 43.93  ? 147 VAL A C   1 
ATOM 493  O O   . VAL A 1 66  ? 2.426   -1.593  -0.396  1.00 43.93  ? 147 VAL A O   1 
ATOM 494  C CB  . VAL A 1 66  ? 3.854   0.502   -2.582  1.00 49.36  ? 147 VAL A CB  1 
ATOM 495  C CG1 . VAL A 1 66  ? 3.166   -0.596  -3.392  1.00 49.36  ? 147 VAL A CG1 1 
ATOM 496  C CG2 . VAL A 1 66  ? 3.557   1.852   -3.192  1.00 49.36  ? 147 VAL A CG2 1 
ATOM 497  N N   . TYR A 1 67  ? 4.658   -1.385  -0.286  1.00 46.34  ? 148 TYR A N   1 
ATOM 498  C CA  . TYR A 1 67  ? 4.835   -2.730  0.248   1.00 46.34  ? 148 TYR A CA  1 
ATOM 499  C C   . TYR A 1 67  ? 3.955   -2.941  1.475   1.00 46.34  ? 148 TYR A C   1 
ATOM 500  O O   . TYR A 1 67  ? 3.179   -3.890  1.549   1.00 46.34  ? 148 TYR A O   1 
ATOM 501  C CB  . TYR A 1 67  ? 6.279   -2.959  0.646   1.00 53.48  ? 148 TYR A CB  1 
ATOM 502  C CG  . TYR A 1 67  ? 6.570   -4.396  0.968   1.00 53.48  ? 148 TYR A CG  1 
ATOM 503  C CD1 . TYR A 1 67  ? 6.945   -5.292  -0.030  1.00 53.48  ? 148 TYR A CD1 1 
ATOM 504  C CD2 . TYR A 1 67  ? 6.467   -4.868  2.274   1.00 53.48  ? 148 TYR A CD2 1 
ATOM 505  C CE1 . TYR A 1 67  ? 7.223   -6.620  0.265   1.00 53.48  ? 148 TYR A CE1 1 
ATOM 506  C CE2 . TYR A 1 67  ? 6.740   -6.199  2.583   1.00 53.48  ? 148 TYR A CE2 1 
ATOM 507  C CZ  . TYR A 1 67  ? 7.121   -7.065  1.575   1.00 53.48  ? 148 TYR A CZ  1 
ATOM 508  O OH  . TYR A 1 67  ? 7.431   -8.363  1.892   1.00 53.48  ? 148 TYR A OH  1 
ATOM 509  N N   . LYS A 1 68  ? 4.092   -2.053  2.447   1.00 52.61  ? 149 LYS A N   1 
ATOM 510  C CA  . LYS A 1 68  ? 3.300   -2.128  3.657   1.00 52.61  ? 149 LYS A CA  1 
ATOM 511  C C   . LYS A 1 68  ? 1.842   -2.401  3.285   1.00 52.61  ? 149 LYS A C   1 
ATOM 512  O O   . LYS A 1 68  ? 1.207   -3.317  3.812   1.00 52.61  ? 149 LYS A O   1 
ATOM 513  C CB  . LYS A 1 68  ? 3.422   -0.806  4.409   1.00 82.65  ? 149 LYS A CB  1 
ATOM 514  C CG  . LYS A 1 68  ? 2.437   -0.608  5.535   1.00 82.65  ? 149 LYS A CG  1 
ATOM 515  C CD  . LYS A 1 68  ? 2.546   0.802   6.120   1.00 82.65  ? 149 LYS A CD  1 
ATOM 516  C CE  . LYS A 1 68  ? 2.369   1.899   5.050   1.00 82.65  ? 149 LYS A CE  1 
ATOM 517  N NZ  . LYS A 1 68  ? 1.069   1.859   4.314   1.00 82.65  ? 149 LYS A NZ  1 
ATOM 518  N N   . LEU A 1 69  ? 1.319   -1.614  2.359   1.00 48.13  ? 150 LEU A N   1 
ATOM 519  C CA  . LEU A 1 69  ? -0.059  -1.778  1.943   1.00 48.13  ? 150 LEU A CA  1 
ATOM 520  C C   . LEU A 1 69  ? -0.331  -3.163  1.363   1.00 48.13  ? 150 LEU A C   1 
ATOM 521  O O   . LEU A 1 69  ? -1.312  -3.821  1.712   1.00 48.13  ? 150 LEU A O   1 
ATOM 522  C CB  . LEU A 1 69  ? -0.414  -0.694  0.924   1.00 32.87  ? 150 LEU A CB  1 
ATOM 523  C CG  . LEU A 1 69  ? -1.839  -0.714  0.366   1.00 32.87  ? 150 LEU A CG  1 
ATOM 524  C CD1 . LEU A 1 69  ? -2.840  -0.860  1.475   1.00 32.87  ? 150 LEU A CD1 1 
ATOM 525  C CD2 . LEU A 1 69  ? -2.085  0.558   -0.394  1.00 32.87  ? 150 LEU A CD2 1 
ATOM 526  N N   . LEU A 1 70  ? 0.553   -3.607  0.488   1.00 47.18  ? 151 LEU A N   1 
ATOM 527  C CA  . LEU A 1 70  ? 0.401   -4.897  -0.147  1.00 47.18  ? 151 LEU A CA  1 
ATOM 528  C C   . LEU A 1 70  ? 0.384   -6.058  0.830   1.00 47.18  ? 151 LEU A C   1 
ATOM 529  O O   . LEU A 1 70  ? -0.200  -7.101  0.550   1.00 47.18  ? 151 LEU A O   1 
ATOM 530  C CB  . LEU A 1 70  ? 1.506   -5.099  -1.179  1.00 39.74  ? 151 LEU A CB  1 
ATOM 531  C CG  . LEU A 1 70  ? 1.470   -4.062  -2.304  1.00 39.74  ? 151 LEU A CG  1 
ATOM 532  C CD1 . LEU A 1 70  ? 2.583   -4.337  -3.296  1.00 39.74  ? 151 LEU A CD1 1 
ATOM 533  C CD2 . LEU A 1 70  ? 0.100   -4.100  -2.989  1.00 39.74  ? 151 LEU A CD2 1 
ATOM 534  N N   . VAL A 1 71  ? 1.017   -5.897  1.980   1.00 52.72  ? 152 VAL A N   1 
ATOM 535  C CA  . VAL A 1 71  ? 1.027   -6.992  2.934   1.00 52.72  ? 152 VAL A CA  1 
ATOM 536  C C   . VAL A 1 71  ? -0.316  -7.092  3.636   1.00 52.72  ? 152 VAL A C   1 
ATOM 537  O O   . VAL A 1 71  ? -0.810  -8.186  3.910   1.00 52.72  ? 152 VAL A O   1 
ATOM 538  C CB  . VAL A 1 71  ? 2.149   -6.824  3.967   1.00 41.59  ? 152 VAL A CB  1 
ATOM 539  C CG1 . VAL A 1 71  ? 2.047   -7.889  5.030   1.00 41.59  ? 152 VAL A CG1 1 
ATOM 540  C CG2 . VAL A 1 71  ? 3.496   -6.934  3.274   1.00 41.59  ? 152 VAL A CG2 1 
ATOM 541  N N   . GLN A 1 72  ? -0.923  -5.953  3.925   1.00 59.77  ? 153 GLN A N   1 
ATOM 542  C CA  . GLN A 1 72  ? -2.215  -5.987  4.581   1.00 59.77  ? 153 GLN A CA  1 
ATOM 543  C C   . GLN A 1 72  ? -3.159  -6.601  3.561   1.00 59.77  ? 153 GLN A C   1 
ATOM 544  O O   . GLN A 1 72  ? -4.089  -7.334  3.902   1.00 59.77  ? 153 GLN A O   1 
ATOM 545  C CB  . GLN A 1 72  ? -2.665  -4.568  4.941   1.00 61.66  ? 153 GLN A CB  1 
ATOM 546  C CG  . GLN A 1 72  ? -3.923  -4.493  5.788   1.00 61.66  ? 153 GLN A CG  1 
ATOM 547  C CD  . GLN A 1 72  ? -3.884  -5.470  6.949   1.00 61.66  ? 153 GLN A CD  1 
ATOM 548  O OE1 . GLN A 1 72  ? -2.810  -5.819  7.445   1.00 61.66  ? 153 GLN A OE1 1 
ATOM 549  N NE2 . GLN A 1 72  ? -5.056  -5.902  7.403   1.00 61.66  ? 153 GLN A NE2 1 
ATOM 550  N N   . LEU A 1 73  ? -2.870  -6.316  2.296   1.00 52.59  ? 154 LEU A N   1 
ATOM 551  C CA  . LEU A 1 73  ? -3.661  -6.792  1.179   1.00 52.59  ? 154 LEU A CA  1 
ATOM 552  C C   . LEU A 1 73  ? -3.662  -8.320  1.081   1.00 52.59  ? 154 LEU A C   1 
ATOM 553  O O   . LEU A 1 73  ? -4.728  -8.925  1.060   1.00 52.59  ? 154 LEU A O   1 
ATOM 554  C CB  . LEU A 1 73  ? -3.128  -6.166  -0.103  1.00 49.50  ? 154 LEU A CB  1 
ATOM 555  C CG  . LEU A 1 73  ? -4.110  -5.931  -1.245  1.00 49.50  ? 154 LEU A CG  1 
ATOM 556  C CD1 . LEU A 1 73  ? -5.214  -5.012  -0.784  1.00 49.50  ? 154 LEU A CD1 1 
ATOM 557  C CD2 . LEU A 1 73  ? -3.390  -5.293  -2.399  1.00 49.50  ? 154 LEU A CD2 1 
ATOM 558  N N   . LYS A 1 74  ? -2.490  -8.952  1.029   1.00 54.85  ? 155 LYS A N   1 
ATOM 559  C CA  . LYS A 1 74  ? -2.455  -10.412 0.948   1.00 54.85  ? 155 LYS A CA  1 
ATOM 560  C C   . LYS A 1 74  ? -3.149  -11.035 2.140   1.00 54.85  ? 155 LYS A C   1 
ATOM 561  O O   . LYS A 1 74  ? -3.635  -12.161 2.066   1.00 54.85  ? 155 LYS A O   1 
ATOM 562  C CB  . LYS A 1 74  ? -1.029  -10.950 0.846   1.00 98.80  ? 155 LYS A CB  1 
ATOM 563  C CG  . LYS A 1 74  ? -0.430  -10.802 -0.540  1.00 98.80  ? 155 LYS A CG  1 
ATOM 564  C CD  . LYS A 1 74  ? 0.931   -11.475 -0.642  1.00 98.80  ? 155 LYS A CD  1 
ATOM 565  C CE  . LYS A 1 74  ? 1.533   -11.320 -2.040  1.00 98.80  ? 155 LYS A CE  1 
ATOM 566  N NZ  . LYS A 1 74  ? 1.735   -9.881  -2.394  1.00 98.80  ? 155 LYS A NZ  1 
ATOM 567  N N   . VAL A 1 75  ? -3.200  -10.306 3.247   1.00 59.18  ? 156 VAL A N   1 
ATOM 568  C CA  . VAL A 1 75  ? -3.870  -10.821 4.426   1.00 59.18  ? 156 VAL A CA  1 
ATOM 569  C C   . VAL A 1 75  ? -5.361  -10.886 4.138   1.00 59.18  ? 156 VAL A C   1 
ATOM 570  O O   . VAL A 1 75  ? -5.967  -11.954 4.199   1.00 59.18  ? 156 VAL A O   1 
ATOM 571  C CB  . VAL A 1 75  ? -3.581  -9.939  5.660   1.00 54.01  ? 156 VAL A CB  1 
ATOM 572  C CG1 . VAL A 1 75  ? -4.687  -10.081 6.697   1.00 54.01  ? 156 VAL A CG1 1 
ATOM 573  C CG2 . VAL A 1 75  ? -2.265  -10.368 6.277   1.00 54.01  ? 156 VAL A CG2 1 
ATOM 574  N N   . VAL A 1 76  ? -5.947  -9.740  3.810   1.00 43.93  ? 157 VAL A N   1 
ATOM 575  C CA  . VAL A 1 76  ? -7.363  -9.679  3.495   1.00 43.93  ? 157 VAL A CA  1 
ATOM 576  C C   . VAL A 1 76  ? -7.692  -10.635 2.359   1.00 43.93  ? 157 VAL A C   1 
ATOM 577  O O   . VAL A 1 76  ? -8.772  -11.210 2.330   1.00 43.93  ? 157 VAL A O   1 
ATOM 578  C CB  . VAL A 1 76  ? -7.774  -8.255  3.099   1.00 50.36  ? 157 VAL A CB  1 
ATOM 579  C CG1 . VAL A 1 76  ? -9.243  -8.226  2.686   1.00 50.36  ? 157 VAL A CG1 1 
ATOM 580  C CG2 . VAL A 1 76  ? -7.525  -7.312  4.262   1.00 50.36  ? 157 VAL A CG2 1 
ATOM 581  N N   . GLU A 1 77  ? -6.762  -10.809 1.424   1.00 47.82  ? 158 GLU A N   1 
ATOM 582  C CA  . GLU A 1 77  ? -7.008  -11.730 0.327   1.00 47.82  ? 158 GLU A CA  1 
ATOM 583  C C   . GLU A 1 77  ? -7.334  -13.102 0.860   1.00 47.82  ? 158 GLU A C   1 
ATOM 584  O O   . GLU A 1 77  ? -8.455  -13.571 0.707   1.00 47.82  ? 158 GLU A O   1 
ATOM 585  C CB  . GLU A 1 77  ? -5.820  -11.845 -0.620  1.00 66.33  ? 158 GLU A CB  1 
ATOM 586  C CG  . GLU A 1 77  ? -5.604  -10.632 -1.469  1.00 66.33  ? 158 GLU A CG  1 
ATOM 587  C CD  . GLU A 1 77  ? -4.900  -10.953 -2.769  1.00 66.33  ? 158 GLU A CD  1 
ATOM 588  O OE1 . GLU A 1 77  ? -3.784  -11.517 -2.737  1.00 66.33  ? 158 GLU A OE1 1 
ATOM 589  O OE2 . GLU A 1 77  ? -5.474  -10.636 -3.834  1.00 66.33  ? 158 GLU A OE2 1 
ATOM 590  N N   . ASP A 1 78  ? -6.361  -13.746 1.488   1.00 57.90  ? 159 ASP A N   1 
ATOM 591  C CA  . ASP A 1 78  ? -6.588  -15.076 2.014   1.00 57.90  ? 159 ASP A CA  1 
ATOM 592  C C   . ASP A 1 78  ? -7.816  -15.133 2.919   1.00 57.90  ? 159 ASP A C   1 
ATOM 593  O O   . ASP A 1 78  ? -8.477  -16.162 3.009   1.00 57.90  ? 159 ASP A O   1 
ATOM 594  C CB  . ASP A 1 78  ? -5.351  -15.573 2.757   1.00 119.25 ? 159 ASP A CB  1 
ATOM 595  C CG  . ASP A 1 78  ? -4.104  -15.536 1.888   1.00 119.25 ? 159 ASP A CG  1 
ATOM 596  O OD1 . ASP A 1 78  ? -4.189  -15.937 0.705   1.00 119.25 ? 159 ASP A OD1 1 
ATOM 597  O OD2 . ASP A 1 78  ? -3.039  -15.119 2.391   1.00 119.25 ? 159 ASP A OD2 1 
ATOM 598  N N   . GLY A 1 79  ? -8.140  -14.030 3.577   1.00 55.14  ? 160 GLY A N   1 
ATOM 599  C CA  . GLY A 1 79  ? -9.305  -14.031 4.440   1.00 55.14  ? 160 GLY A CA  1 
ATOM 600  C C   . GLY A 1 79  ? -10.578 -14.280 3.653   1.00 55.14  ? 160 GLY A C   1 
ATOM 601  O O   . GLY A 1 79  ? -11.391 -15.118 4.021   1.00 55.14  ? 160 GLY A O   1 
ATOM 602  N N   . ILE A 1 80  ? -10.745 -13.541 2.561   1.00 47.03  ? 161 ILE A N   1 
ATOM 603  C CA  . ILE A 1 80  ? -11.913 -13.668 1.697   1.00 47.03  ? 161 ILE A CA  1 
ATOM 604  C C   . ILE A 1 80  ? -12.100 -15.100 1.173   1.00 47.03  ? 161 ILE A C   1 
ATOM 605  O O   . ILE A 1 80  ? -13.215 -15.612 1.101   1.00 47.03  ? 161 ILE A O   1 
ATOM 606  C CB  . ILE A 1 80  ? -11.794 -12.696 0.500   1.00 66.68  ? 161 ILE A CB  1 
ATOM 607  C CG1 . ILE A 1 80  ? -11.721 -11.266 1.006   1.00 66.68  ? 161 ILE A CG1 1 
ATOM 608  C CG2 . ILE A 1 80  ? -13.003 -12.802 -0.388  1.00 66.68  ? 161 ILE A CG2 1 
ATOM 609  C CD1 . ILE A 1 80  ? -12.936 -10.867 1.810   1.00 66.68  ? 161 ILE A CD1 1 
ATOM 610  N N   . LEU A 1 81  ? -11.003 -15.744 0.802   1.00 50.03  ? 162 LEU A N   1 
ATOM 611  C CA  . LEU A 1 81  ? -11.076 -17.096 0.289   1.00 50.03  ? 162 LEU A CA  1 
ATOM 612  C C   . LEU A 1 81  ? -11.364 -18.065 1.433   1.00 50.03  ? 162 LEU A C   1 
ATOM 613  O O   . LEU A 1 81  ? -12.082 -19.040 1.256   1.00 50.03  ? 162 LEU A O   1 
ATOM 614  C CB  . LEU A 1 81  ? -9.771  -17.459 -0.413  1.00 49.18  ? 162 LEU A CB  1 
ATOM 615  C CG  . LEU A 1 81  ? -9.759  -18.798 -1.147  1.00 49.18  ? 162 LEU A CG  1 
ATOM 616  C CD1 . LEU A 1 81  ? -10.891 -18.839 -2.154  1.00 49.18  ? 162 LEU A CD1 1 
ATOM 617  C CD2 . LEU A 1 81  ? -8.413  -18.980 -1.848  1.00 49.18  ? 162 LEU A CD2 1 
ATOM 618  N N   . LYS A 1 82  ? -10.811 -17.799 2.610   1.00 62.32  ? 163 LYS A N   1 
ATOM 619  C CA  . LYS A 1 82  ? -11.063 -18.660 3.759   1.00 62.32  ? 163 LYS A CA  1 
ATOM 620  C C   . LYS A 1 82  ? -12.518 -18.484 4.187   1.00 62.32  ? 163 LYS A C   1 
ATOM 621  O O   . LYS A 1 82  ? -13.141 -19.396 4.714   1.00 62.32  ? 163 LYS A O   1 
ATOM 622  C CB  . LYS A 1 82  ? -10.143 -18.296 4.926   1.00 98.73  ? 163 LYS A CB  1 
ATOM 623  C CG  . LYS A 1 82  ? -8.663  -18.476 4.646   1.00 98.73  ? 163 LYS A CG  1 
ATOM 624  C CD  . LYS A 1 82  ? -7.829  -17.929 5.794   1.00 98.73  ? 163 LYS A CD  1 
ATOM 625  C CE  . LYS A 1 82  ? -6.344  -17.877 5.448   1.00 98.73  ? 163 LYS A CE  1 
ATOM 626  N NZ  . LYS A 1 82  ? -5.550  -17.202 6.521   1.00 98.73  ? 163 LYS A NZ  1 
ATOM 627  N N   . LEU A 1 83  ? -13.072 -17.303 3.958   1.00 56.72  ? 164 LEU A N   1 
ATOM 628  C CA  . LEU A 1 83  ? -14.446 -17.073 4.344   1.00 56.72  ? 164 LEU A CA  1 
ATOM 629  C C   . LEU A 1 83  ? -15.310 -17.884 3.381   1.00 56.72  ? 164 LEU A C   1 
ATOM 630  O O   . LEU A 1 83  ? -16.262 -18.526 3.797   1.00 56.72  ? 164 LEU A O   1 
ATOM 631  C CB  . LEU A 1 83  ? -14.776 -15.582 4.258   1.00 67.00  ? 164 LEU A CB  1 
ATOM 632  C CG  . LEU A 1 83  ? -15.990 -15.060 5.027   1.00 67.00  ? 164 LEU A CG  1 
ATOM 633  C CD1 . LEU A 1 83  ? -16.209 -13.598 4.688   1.00 67.00  ? 164 LEU A CD1 1 
ATOM 634  C CD2 . LEU A 1 83  ? -17.214 -15.832 4.657   1.00 67.00  ? 164 LEU A CD2 1 
ATOM 635  N N   . ARG A 1 84  ? -14.971 -17.874 2.096   1.00 72.71  ? 165 ARG A N   1 
ATOM 636  C CA  . ARG A 1 84  ? -15.747 -18.635 1.115   1.00 72.71  ? 165 ARG A CA  1 
ATOM 637  C C   . ARG A 1 84  ? -15.781 -20.124 1.409   1.00 72.71  ? 165 ARG A C   1 
ATOM 638  O O   . ARG A 1 84  ? -16.844 -20.736 1.479   1.00 72.71  ? 165 ARG A O   1 
ATOM 639  C CB  . ARG A 1 84  ? -15.174 -18.467 -0.292  1.00 62.60  ? 165 ARG A CB  1 
ATOM 640  C CG  . ARG A 1 84  ? -15.802 -19.406 -1.312  1.00 62.60  ? 165 ARG A CG  1 
ATOM 641  C CD  . ARG A 1 84  ? -15.131 -19.252 -2.646  1.00 62.60  ? 165 ARG A CD  1 
ATOM 642  N NE  . ARG A 1 84  ? -15.750 -20.072 -3.684  1.00 62.60  ? 165 ARG A NE  1 
ATOM 643  C CZ  . ARG A 1 84  ? -15.654 -21.397 -3.787  1.00 62.60  ? 165 ARG A CZ  1 
ATOM 644  N NH1 . ARG A 1 84  ? -14.950 -22.095 -2.910  1.00 62.60  ? 165 ARG A NH1 1 
ATOM 645  N NH2 . ARG A 1 84  ? -16.266 -22.026 -4.780  1.00 62.60  ? 165 ARG A NH2 1 
ATOM 646  N N   . ASN A 1 85  ? -14.598 -20.700 1.556   1.00 60.88  ? 166 ASN A N   1 
ATOM 647  C CA  . ASN A 1 85  ? -14.472 -22.116 1.806   1.00 60.88  ? 166 ASN A CA  1 
ATOM 648  C C   . ASN A 1 85  ? -14.886 -22.586 3.204   1.00 60.88  ? 166 ASN A C   1 
ATOM 649  O O   . ASN A 1 85  ? -14.713 -23.758 3.535   1.00 60.88  ? 166 ASN A O   1 
ATOM 650  C CB  . ASN A 1 85  ? -13.041 -22.556 1.515   1.00 64.87  ? 166 ASN A CB  1 
ATOM 651  C CG  . ASN A 1 85  ? -12.566 -22.116 0.147   1.00 64.87  ? 166 ASN A CG  1 
ATOM 652  O OD1 . ASN A 1 85  ? -13.319 -22.138 -0.823  1.00 64.87  ? 166 ASN A OD1 1 
ATOM 653  N ND2 . ASN A 1 85  ? -11.296 -21.741 0.055   1.00 64.87  ? 166 ASN A ND2 1 
ATOM 654  N N   . ALA A 1 86  ? -15.428 -21.697 4.028   1.00 76.07  ? 167 ALA A N   1 
ATOM 655  C CA  . ALA A 1 86  ? -15.855 -22.128 5.356   1.00 76.07  ? 167 ALA A CA  1 
ATOM 656  C C   . ALA A 1 86  ? -16.854 -23.269 5.162   1.00 76.07  ? 167 ALA A C   1 
ATOM 657  O O   . ALA A 1 86  ? -17.672 -23.233 4.238   1.00 76.07  ? 167 ALA A O   1 
ATOM 658  C CB  . ALA A 1 86  ? -16.509 -20.973 6.111   1.00 55.18  ? 167 ALA A CB  1 
ATOM 659  N N   . GLY A 1 87  ? -16.779 -24.279 6.027   1.00 112.67 ? 168 GLY A N   1 
ATOM 660  C CA  . GLY A 1 87  ? -17.677 -25.420 5.933   1.00 112.67 ? 168 GLY A CA  1 
ATOM 661  C C   . GLY A 1 87  ? -18.795 -25.446 6.964   1.00 112.67 ? 168 GLY A C   1 
ATOM 662  O O   . GLY A 1 87  ? -19.815 -26.097 6.752   1.00 112.67 ? 168 GLY A O   1 
ATOM 663  N N   . ASN A 1 88  ? -18.613 -24.741 8.075   1.00 95.47  ? 169 ASN A N   1 
ATOM 664  C CA  . ASN A 1 88  ? -19.616 -24.697 9.138   1.00 95.47  ? 169 ASN A CA  1 
ATOM 665  C C   . ASN A 1 88  ? -19.979 -23.246 9.390   1.00 95.47  ? 169 ASN A C   1 
ATOM 666  O O   . ASN A 1 88  ? -19.214 -22.350 9.046   1.00 95.47  ? 169 ASN A O   1 
ATOM 667  C CB  . ASN A 1 88  ? -19.038 -25.264 10.433  1.00 92.83  ? 169 ASN A CB  1 
ATOM 668  C CG  . ASN A 1 88  ? -18.080 -26.415 10.192  1.00 92.83  ? 169 ASN A CG  1 
ATOM 669  O OD1 . ASN A 1 88  ? -18.421 -27.403 9.543   1.00 92.83  ? 169 ASN A OD1 1 
ATOM 670  N ND2 . ASN A 1 88  ? -16.869 -26.295 10.725  1.00 92.83  ? 169 ASN A ND2 1 
ATOM 671  N N   . GLU A 1 89  ? -21.141 -23.005 9.985   1.00 86.36  ? 170 GLU A N   1 
ATOM 672  C CA  . GLU A 1 89  ? -21.515 -21.634 10.305  1.00 86.36  ? 170 GLU A CA  1 
ATOM 673  C C   . GLU A 1 89  ? -20.689 -21.283 11.535  1.00 86.36  ? 170 GLU A C   1 
ATOM 674  O O   . GLU A 1 89  ? -20.752 -20.168 12.063  1.00 86.36  ? 170 GLU A O   1 
ATOM 675  C CB  . GLU A 1 89  ? -23.002 -21.523 10.620  1.00 118.62 ? 170 GLU A CB  1 
ATOM 676  C CG  . GLU A 1 89  ? -23.885 -21.685 9.404   1.00 118.62 ? 170 GLU A CG  1 
ATOM 677  C CD  . GLU A 1 89  ? -25.353 -21.582 9.756   1.00 118.62 ? 170 GLU A CD  1 
ATOM 678  O OE1 . GLU A 1 89  ? -25.846 -22.452 10.504  1.00 118.62 ? 170 GLU A OE1 1 
ATOM 679  O OE2 . GLU A 1 89  ? -26.015 -20.627 9.296   1.00 118.62 ? 170 GLU A OE2 1 
ATOM 680  N N   . GLN A 1 90  ? -19.912 -22.268 11.983  1.00 94.42  ? 171 GLN A N   1 
ATOM 681  C CA  . GLN A 1 90  ? -19.036 -22.114 13.132  1.00 94.42  ? 171 GLN A CA  1 
ATOM 682  C C   . GLN A 1 90  ? -17.791 -21.383 12.654  1.00 94.42  ? 171 GLN A C   1 
ATOM 683  O O   . GLN A 1 90  ? -17.610 -20.199 12.937  1.00 94.42  ? 171 GLN A O   1 
ATOM 684  C CB  . GLN A 1 90  ? -18.651 -23.482 13.686  1.00 156.30 ? 171 GLN A CB  1 
ATOM 685  C CG  . GLN A 1 90  ? -19.844 -24.340 14.040  1.00 156.30 ? 171 GLN A CG  1 
ATOM 686  C CD  . GLN A 1 90  ? -19.442 -25.683 14.617  1.00 156.30 ? 171 GLN A CD  1 
ATOM 687  O OE1 . GLN A 1 90  ? -20.295 -26.518 14.926  1.00 156.30 ? 171 GLN A OE1 1 
ATOM 688  N NE2 . GLN A 1 90  ? -18.136 -25.898 14.769  1.00 156.30 ? 171 GLN A NE2 1 
ATOM 689  N N   . ASP A 1 91  ? -16.937 -22.089 11.919  1.00 82.86  ? 172 ASP A N   1 
ATOM 690  C CA  . ASP A 1 91  ? -15.724 -21.483 11.394  1.00 82.86  ? 172 ASP A CA  1 
ATOM 691  C C   . ASP A 1 91  ? -16.072 -20.214 10.627  1.00 82.86  ? 172 ASP A C   1 
ATOM 692  O O   . ASP A 1 91  ? -15.364 -19.215 10.738  1.00 82.86  ? 172 ASP A O   1 
ATOM 693  C CB  . ASP A 1 91  ? -14.984 -22.461 10.485  1.00 129.90 ? 172 ASP A CB  1 
ATOM 694  C CG  . ASP A 1 91  ? -14.509 -23.693 11.227  1.00 129.90 ? 172 ASP A CG  1 
ATOM 695  O OD1 . ASP A 1 91  ? -13.757 -23.538 12.211  1.00 129.90 ? 172 ASP A OD1 1 
ATOM 696  O OD2 . ASP A 1 91  ? -14.881 -24.818 10.833  1.00 129.90 ? 172 ASP A OD2 1 
ATOM 697  N N   . LEU A 1 92  ? -17.168 -20.243 9.870   1.00 88.53  ? 173 LEU A N   1 
ATOM 698  C CA  . LEU A 1 92  ? -17.598 -19.077 9.096   1.00 88.53  ? 173 LEU A CA  1 
ATOM 699  C C   . LEU A 1 92  ? -17.716 -17.839 9.996   1.00 88.53  ? 173 LEU A C   1 
ATOM 700  O O   . LEU A 1 92  ? -17.183 -16.776 9.673   1.00 88.53  ? 173 LEU A O   1 
ATOM 701  C CB  . LEU A 1 92  ? -18.947 -19.346 8.413   1.00 57.40  ? 173 LEU A CB  1 
ATOM 702  C CG  . LEU A 1 92  ? -19.389 -18.276 7.396   1.00 57.40  ? 173 LEU A CG  1 
ATOM 703  C CD1 . LEU A 1 92  ? -18.534 -18.401 6.153   1.00 57.40  ? 173 LEU A CD1 1 
ATOM 704  C CD2 . LEU A 1 92  ? -20.848 -18.440 7.025   1.00 57.40  ? 173 LEU A CD2 1 
ATOM 705  N N   . GLY A 1 93  ? -18.417 -17.981 11.120  1.00 97.74  ? 174 GLY A N   1 
ATOM 706  C CA  . GLY A 1 93  ? -18.573 -16.873 12.050  1.00 97.74  ? 174 GLY A CA  1 
ATOM 707  C C   . GLY A 1 93  ? -17.234 -16.493 12.665  1.00 97.74  ? 174 GLY A C   1 
ATOM 708  O O   . GLY A 1 93  ? -16.991 -15.329 12.990  1.00 97.74  ? 174 GLY A O   1 
ATOM 709  N N   . ILE A 1 94  ? -16.371 -17.491 12.830  1.00 98.02  ? 175 ILE A N   1 
ATOM 710  C CA  . ILE A 1 94  ? -15.032 -17.304 13.388  1.00 98.02  ? 175 ILE A CA  1 
ATOM 711  C C   . ILE A 1 94  ? -14.216 -16.416 12.447  1.00 98.02  ? 175 ILE A C   1 
ATOM 712  O O   . ILE A 1 94  ? -13.646 -15.397 12.855  1.00 98.02  ? 175 ILE A O   1 
ATOM 713  C CB  . ILE A 1 94  ? -14.308 -18.669 13.535  1.00 66.58  ? 175 ILE A CB  1 
ATOM 714  C CG1 . ILE A 1 94  ? -14.971 -19.493 14.640  1.00 66.58  ? 175 ILE A CG1 1 
ATOM 715  C CG2 . ILE A 1 94  ? -12.817 -18.461 13.773  1.00 66.58  ? 175 ILE A CG2 1 
ATOM 716  C CD1 . ILE A 1 94  ? -14.394 -20.898 14.784  1.00 66.58  ? 175 ILE A CD1 1 
ATOM 717  N N   . GLN A 1 95  ? -14.165 -16.828 11.182  1.00 80.56  ? 176 GLN A N   1 
ATOM 718  C CA  . GLN A 1 95  ? -13.441 -16.105 10.150  1.00 80.56  ? 176 GLN A CA  1 
ATOM 719  C C   . GLN A 1 95  ? -13.919 -14.674 10.055  1.00 80.56  ? 176 GLN A C   1 
ATOM 720  O O   . GLN A 1 95  ? -13.142 -13.745 10.241  1.00 80.56  ? 176 GLN A O   1 
ATOM 721  C CB  . GLN A 1 95  ? -13.642 -16.769 8.798   1.00 92.28  ? 176 GLN A CB  1 
ATOM 722  C CG  . GLN A 1 95  ? -13.049 -18.136 8.694   1.00 92.28  ? 176 GLN A CG  1 
ATOM 723  C CD  . GLN A 1 95  ? -11.563 -18.109 8.919   1.00 92.28  ? 176 GLN A CD  1 
ATOM 724  O OE1 . GLN A 1 95  ? -10.853 -17.290 8.330   1.00 92.28  ? 176 GLN A OE1 1 
ATOM 725  N NE2 . GLN A 1 95  ? -11.073 -19.018 9.756   1.00 92.28  ? 176 GLN A NE2 1 
ATOM 726  N N   . TYR A 1 96  ? -15.202 -14.495 9.767   1.00 73.46  ? 177 TYR A N   1 
ATOM 727  C CA  . TYR A 1 96  ? -15.727 -13.150 9.623   1.00 73.46  ? 177 TYR A CA  1 
ATOM 728  C C   . TYR A 1 96  ? -15.259 -12.231 10.746  1.00 73.46  ? 177 TYR A C   1 
ATOM 729  O O   . TYR A 1 96  ? -15.036 -11.038 10.523  1.00 73.46  ? 177 TYR A O   1 
ATOM 730  C CB  . TYR A 1 96  ? -17.249 -13.138 9.589   1.00 81.01  ? 177 TYR A CB  1 
ATOM 731  C CG  . TYR A 1 96  ? -17.772 -11.772 9.224   1.00 81.01  ? 177 TYR A CG  1 
ATOM 732  C CD1 . TYR A 1 96  ? -17.786 -11.341 7.898   1.00 81.01  ? 177 TYR A CD1 1 
ATOM 733  C CD2 . TYR A 1 96  ? -18.192 -10.883 10.207  1.00 81.01  ? 177 TYR A CD2 1 
ATOM 734  C CE1 . TYR A 1 96  ? -18.212 -10.054 7.559   1.00 81.01  ? 177 TYR A CE1 1 
ATOM 735  C CE2 . TYR A 1 96  ? -18.618 -9.594  9.884   1.00 81.01  ? 177 TYR A CE2 1 
ATOM 736  C CZ  . TYR A 1 96  ? -18.629 -9.185  8.559   1.00 81.01  ? 177 TYR A CZ  1 
ATOM 737  O OH  . TYR A 1 96  ? -19.080 -7.920  8.237   1.00 81.01  ? 177 TYR A OH  1 
ATOM 738  N N   . LYS A 1 97  ? -15.123 -12.782 11.949  1.00 94.33  ? 178 LYS A N   1 
ATOM 739  C CA  . LYS A 1 97  ? -14.678 -11.989 13.092  1.00 94.33  ? 178 LYS A CA  1 
ATOM 740  C C   . LYS A 1 97  ? -13.216 -11.606 12.921  1.00 94.33  ? 178 LYS A C   1 
ATOM 741  O O   . LYS A 1 97  ? -12.844 -10.441 13.079  1.00 94.33  ? 178 LYS A O   1 
ATOM 742  C CB  . LYS A 1 97  ? -14.852 -12.770 14.399  1.00 155.70 ? 178 LYS A CB  1 
ATOM 743  C CG  . LYS A 1 97  ? -16.300 -13.070 14.761  1.00 155.70 ? 178 LYS A CG  1 
ATOM 744  C CD  . LYS A 1 97  ? -16.402 -13.835 16.076  1.00 155.70 ? 178 LYS A CD  1 
ATOM 745  C CE  . LYS A 1 97  ? -17.850 -14.180 16.411  1.00 155.70 ? 178 LYS A CE  1 
ATOM 746  N NZ  . LYS A 1 97  ? -17.951 -14.977 17.669  1.00 155.70 ? 178 LYS A NZ  1 
ATOM 747  N N   . ALA A 1 98  ? -12.397 -12.597 12.591  1.00 76.03  ? 179 ALA A N   1 
ATOM 748  C CA  . ALA A 1 98  ? -10.970 -12.385 12.390  1.00 76.03  ? 179 ALA A CA  1 
ATOM 749  C C   . ALA A 1 98  ? -10.686 -11.459 11.212  1.00 76.03  ? 179 ALA A C   1 
ATOM 750  O O   . ALA A 1 98  ? -9.741  -10.674 11.244  1.00 76.03  ? 179 ALA A O   1 
ATOM 751  C CB  . ALA A 1 98  ? -10.282 -13.729 12.162  1.00 41.27  ? 179 ALA A CB  1 
ATOM 752  N N   . LEU A 1 99  ? -11.514 -11.557 10.177  1.00 72.41  ? 180 LEU A N   1 
ATOM 753  C CA  . LEU A 1 99  ? -11.347 -10.767 8.967   1.00 72.41  ? 180 LEU A CA  1 
ATOM 754  C C   . LEU A 1 99  ? -11.840 -9.329  9.018   1.00 72.41  ? 180 LEU A C   1 
ATOM 755  O O   . LEU A 1 99  ? -11.176 -8.428  8.504   1.00 72.41  ? 180 LEU A O   1 
ATOM 756  C CB  . LEU A 1 99  ? -12.025 -11.477 7.793   1.00 67.14  ? 180 LEU A CB  1 
ATOM 757  C CG  . LEU A 1 99  ? -12.132 -10.714 6.469   1.00 67.14  ? 180 LEU A CG  1 
ATOM 758  C CD1 . LEU A 1 99  ? -10.755 -10.263 6.011   1.00 67.14  ? 180 LEU A CD1 1 
ATOM 759  C CD2 . LEU A 1 99  ? -12.787 -11.610 5.428   1.00 67.14  ? 180 LEU A CD2 1 
ATOM 760  N N   . LYS A 1 100 ? -12.999 -9.106  9.628   1.00 79.45  ? 181 LYS A N   1 
ATOM 761  C CA  . LYS A 1 100 ? -13.555 -7.763  9.676   1.00 79.45  ? 181 LYS A CA  1 
ATOM 762  C C   . LYS A 1 100 ? -12.517 -6.691  10.033  1.00 79.45  ? 181 LYS A C   1 
ATOM 763  O O   . LYS A 1 100 ? -12.413 -5.670  9.351   1.00 79.45  ? 181 LYS A O   1 
ATOM 764  C CB  . LYS A 1 100 ? -14.738 -7.707  10.641  1.00 91.35  ? 181 LYS A CB  1 
ATOM 765  C CG  . LYS A 1 100 ? -15.581 -6.448  10.486  1.00 91.35  ? 181 LYS A CG  1 
ATOM 766  C CD  . LYS A 1 100 ? -16.137 -6.331  9.073   1.00 91.35  ? 181 LYS A CD  1 
ATOM 767  C CE  . LYS A 1 100 ? -17.034 -5.113  8.922   1.00 91.35  ? 181 LYS A CE  1 
ATOM 768  N NZ  . LYS A 1 100 ? -16.298 -3.853  9.208   1.00 91.35  ? 181 LYS A NZ  1 
ATOM 769  N N   . PRO A 1 101 ? -11.735 -6.900  11.106  1.00 90.22  ? 182 PRO A N   1 
ATOM 770  C CA  . PRO A 1 101 ? -10.730 -5.896  11.465  1.00 90.22  ? 182 PRO A CA  1 
ATOM 771  C C   . PRO A 1 101 ? -9.668  -5.726  10.372  1.00 90.22  ? 182 PRO A C   1 
ATOM 772  O O   . PRO A 1 101 ? -9.323  -4.604  9.998   1.00 90.22  ? 182 PRO A O   1 
ATOM 773  C CB  . PRO A 1 101 ? -10.148 -6.465  12.758  1.00 63.44  ? 182 PRO A CB  1 
ATOM 774  C CG  . PRO A 1 101 ? -10.242 -7.953  12.522  1.00 63.44  ? 182 PRO A CG  1 
ATOM 775  C CD  . PRO A 1 101 ? -11.695 -8.006  12.076  1.00 63.44  ? 182 PRO A CD  1 
ATOM 776  N N   . GLU A 1 102 ? -9.161  -6.853  9.870   1.00 78.53  ? 183 GLU A N   1 
ATOM 777  C CA  . GLU A 1 102 ? -8.135  -6.874  8.825   1.00 78.53  ? 183 GLU A CA  1 
ATOM 778  C C   . GLU A 1 102 ? -8.612  -6.130  7.584   1.00 78.53  ? 183 GLU A C   1 
ATOM 779  O O   . GLU A 1 102 ? -7.809  -5.636  6.798   1.00 78.53  ? 183 GLU A O   1 
ATOM 780  C CB  . GLU A 1 102 ? -7.790  -8.317  8.460   1.00 85.95  ? 183 GLU A CB  1 
ATOM 781  C CG  . GLU A 1 102 ? -7.428  -9.184  9.660   1.00 85.95  ? 183 GLU A CG  1 
ATOM 782  C CD  . GLU A 1 102 ? -6.160  -8.736  10.360  1.00 85.95  ? 183 GLU A CD  1 
ATOM 783  O OE1 . GLU A 1 102 ? -6.049  -7.536  10.670  1.00 85.95  ? 183 GLU A OE1 1 
ATOM 784  O OE2 . GLU A 1 102 ? -5.282  -9.588  10.616  1.00 85.95  ? 183 GLU A OE2 1 
ATOM 785  N N   . VAL A 1 103 ? -9.926  -6.063  7.410   1.00 67.01  ? 184 VAL A N   1 
ATOM 786  C CA  . VAL A 1 103 ? -10.511 -5.355  6.280   1.00 67.01  ? 184 VAL A CA  1 
ATOM 787  C C   . VAL A 1 103 ? -10.507 -3.870  6.604   1.00 67.01  ? 184 VAL A C   1 
ATOM 788  O O   . VAL A 1 103 ? -10.293 -3.032  5.729   1.00 67.01  ? 184 VAL A O   1 
ATOM 789  C CB  . VAL A 1 103 ? -11.967 -5.804  6.022   1.00 52.48  ? 184 VAL A CB  1 
ATOM 790  C CG1 . VAL A 1 103 ? -12.599 -4.934  4.951   1.00 52.48  ? 184 VAL A CG1 1 
ATOM 791  C CG2 . VAL A 1 103 ? -11.995 -7.273  5.605   1.00 52.48  ? 184 VAL A CG2 1 
ATOM 792  N N   . ASP A 1 104 ? -10.739 -3.548  7.872   1.00 87.52  ? 185 ASP A N   1 
ATOM 793  C CA  . ASP A 1 104 ? -10.757 -2.157  8.314   1.00 87.52  ? 185 ASP A CA  1 
ATOM 794  C C   . ASP A 1 104 ? -9.365  -1.519  8.231   1.00 87.52  ? 185 ASP A C   1 
ATOM 795  O O   . ASP A 1 104 ? -9.223  -0.401  7.727   1.00 87.52  ? 185 ASP A O   1 
ATOM 796  C CB  . ASP A 1 104 ? -11.310 -2.077  9.741   1.00 94.54  ? 185 ASP A CB  1 
ATOM 797  C CG  . ASP A 1 104 ? -12.802 -2.388  9.811   1.00 94.54  ? 185 ASP A CG  1 
ATOM 798  O OD1 . ASP A 1 104 ? -13.306 -2.626  10.929  1.00 94.54  ? 185 ASP A OD1 1 
ATOM 799  O OD2 . ASP A 1 104 ? -13.472 -2.378  8.752   1.00 94.54  ? 185 ASP A OD2 1 
ATOM 800  N N   . LYS A 1 105 ? -8.345  -2.231  8.712   1.00 80.48  ? 186 LYS A N   1 
ATOM 801  C CA  . LYS A 1 105 ? -6.977  -1.719  8.661   1.00 80.48  ? 186 LYS A CA  1 
ATOM 802  C C   . LYS A 1 105 ? -6.614  -1.442  7.208   1.00 80.48  ? 186 LYS A C   1 
ATOM 803  O O   . LYS A 1 105 ? -6.158  -0.345  6.861   1.00 80.48  ? 186 LYS A O   1 
ATOM 804  C CB  . LYS A 1 105 ? -5.988  -2.728  9.273   1.00 78.32  ? 186 LYS A CB  1 
ATOM 805  C CG  . LYS A 1 105 ? -6.252  -3.010  10.751  1.00 78.32  ? 186 LYS A CG  1 
ATOM 806  C CD  . LYS A 1 105 ? -5.098  -3.705  11.479  1.00 78.32  ? 186 LYS A CD  1 
ATOM 807  C CE  . LYS A 1 105 ? -4.832  -5.107  10.971  1.00 78.32  ? 186 LYS A CE  1 
ATOM 808  N NZ  . LYS A 1 105 ? -3.812  -5.851  11.788  1.00 78.32  ? 186 LYS A NZ  1 
ATOM 809  N N   . LEU A 1 106 ? -6.829  -2.445  6.359   1.00 63.61  ? 187 LEU A N   1 
ATOM 810  C CA  . LEU A 1 106 ? -6.539  -2.321  4.936   1.00 63.61  ? 187 LEU A CA  1 
ATOM 811  C C   . LEU A 1 106 ? -7.258  -1.114  4.365   1.00 63.61  ? 187 LEU A C   1 
ATOM 812  O O   . LEU A 1 106 ? -6.733  -0.410  3.504   1.00 63.61  ? 187 LEU A O   1 
ATOM 813  C CB  . LEU A 1 106 ? -6.995  -3.577  4.192   1.00 66.67  ? 187 LEU A CB  1 
ATOM 814  C CG  . LEU A 1 106 ? -6.856  -3.535  2.670   1.00 66.67  ? 187 LEU A CG  1 
ATOM 815  C CD1 . LEU A 1 106 ? -5.417  -3.242  2.291   1.00 66.67  ? 187 LEU A CD1 1 
ATOM 816  C CD2 . LEU A 1 106 ? -7.303  -4.855  2.089   1.00 66.67  ? 187 LEU A CD2 1 
ATOM 817  N N   . ASN A 1 107 ? -8.466  -0.884  4.859   1.00 63.40  ? 188 ASN A N   1 
ATOM 818  C CA  . ASN A 1 107 ? -9.271  0.226   4.393   1.00 63.40  ? 188 ASN A CA  1 
ATOM 819  C C   . ASN A 1 107 ? -8.650  1.578   4.707   1.00 63.40  ? 188 ASN A C   1 
ATOM 820  O O   . ASN A 1 107 ? -8.689  2.503   3.885   1.00 63.40  ? 188 ASN A O   1 
ATOM 821  C CB  . ASN A 1 107 ? -10.663 0.150   4.999   1.00 76.11  ? 188 ASN A CB  1 
ATOM 822  C CG  . ASN A 1 107 ? -11.485 1.368   4.675   1.00 76.11  ? 188 ASN A CG  1 
ATOM 823  O OD1 . ASN A 1 107 ? -11.616 1.753   3.507   1.00 76.11  ? 188 ASN A OD1 1 
ATOM 824  N ND2 . ASN A 1 107 ? -12.047 1.993   5.706   1.00 76.11  ? 188 ASN A ND2 1 
ATOM 825  N N   . ILE A 1 108 ? -8.086  1.677   5.906   1.00 72.60  ? 189 ILE A N   1 
ATOM 826  C CA  . ILE A 1 108 ? -7.431  2.890   6.394   1.00 72.60  ? 189 ILE A CA  1 
ATOM 827  C C   . ILE A 1 108 ? -6.216  3.224   5.527   1.00 72.60  ? 189 ILE A C   1 
ATOM 828  O O   . ILE A 1 108 ? -6.126  4.307   4.940   1.00 72.60  ? 189 ILE A O   1 
ATOM 829  C CB  . ILE A 1 108 ? -6.991  2.681   7.863   1.00 64.01  ? 189 ILE A CB  1 
ATOM 830  C CG1 . ILE A 1 108 ? -8.236  2.494   8.742   1.00 64.01  ? 189 ILE A CG1 1 
ATOM 831  C CG2 . ILE A 1 108 ? -6.138  3.834   8.328   1.00 64.01  ? 189 ILE A CG2 1 
ATOM 832  C CD1 . ILE A 1 108 ? -7.946  2.081   10.182  1.00 64.01  ? 189 ILE A CD1 1 
ATOM 833  N N   . MET A 1 109 ? -5.291  2.276   5.454   1.00 68.01  ? 190 MET A N   1 
ATOM 834  C CA  . MET A 1 109 ? -4.088  2.431   4.657   1.00 68.01  ? 190 MET A CA  1 
ATOM 835  C C   . MET A 1 109 ? -4.461  2.814   3.230   1.00 68.01  ? 190 MET A C   1 
ATOM 836  O O   . MET A 1 109 ? -3.837  3.678   2.621   1.00 68.01  ? 190 MET A O   1 
ATOM 837  C CB  . MET A 1 109 ? -3.328  1.119   4.653   1.00 56.03  ? 190 MET A CB  1 
ATOM 838  C CG  . MET A 1 109 ? -3.034  0.642   6.029   1.00 56.03  ? 190 MET A CG  1 
ATOM 839  S SD  . MET A 1 109 ? -2.297  -0.980  6.063   1.00 56.03  ? 190 MET A SD  1 
ATOM 840  C CE  . MET A 1 109 ? -0.864  -0.800  4.968   1.00 56.03  ? 190 MET A CE  1 
ATOM 841  N N   . ALA A 1 110 ? -5.484  2.150   2.705   1.00 58.56  ? 191 ALA A N   1 
ATOM 842  C CA  . ALA A 1 110 ? -5.957  2.400   1.360   1.00 58.56  ? 191 ALA A CA  1 
ATOM 843  C C   . ALA A 1 110 ? -6.316  3.868   1.212   1.00 58.56  ? 191 ALA A C   1 
ATOM 844  O O   . ALA A 1 110 ? -5.846  4.542   0.298   1.00 58.56  ? 191 ALA A O   1 
ATOM 845  C CB  . ALA A 1 110 ? -7.168  1.535   1.079   1.00 79.45  ? 191 ALA A CB  1 
ATOM 846  N N   . ALA A 1 111 ? -7.156  4.355   2.117   1.00 70.38  ? 192 ALA A N   1 
ATOM 847  C CA  . ALA A 1 111 ? -7.587  5.747   2.106   1.00 70.38  ? 192 ALA A CA  1 
ATOM 848  C C   . ALA A 1 111 ? -6.381  6.672   1.979   1.00 70.38  ? 192 ALA A C   1 
ATOM 849  O O   . ALA A 1 111 ? -6.324  7.505   1.077   1.00 70.38  ? 192 ALA A O   1 
ATOM 850  C CB  . ALA A 1 111 ? -8.340  6.053   3.378   1.00 56.88  ? 192 ALA A CB  1 
ATOM 851  N N   . LYS A 1 112 ? -5.423  6.516   2.892   1.00 66.63  ? 193 LYS A N   1 
ATOM 852  C CA  . LYS A 1 112 ? -4.208  7.317   2.892   1.00 66.63  ? 193 LYS A CA  1 
ATOM 853  C C   . LYS A 1 112 ? -3.620  7.406   1.490   1.00 66.63  ? 193 LYS A C   1 
ATOM 854  O O   . LYS A 1 112 ? -3.691  8.462   0.871   1.00 66.63  ? 193 LYS A O   1 
ATOM 855  C CB  . LYS A 1 112 ? -3.195  6.715   3.858   1.00 87.59  ? 193 LYS A CB  1 
ATOM 856  C CG  . LYS A 1 112 ? -3.733  6.627   5.269   1.00 87.59  ? 193 LYS A CG  1 
ATOM 857  C CD  . LYS A 1 112 ? -2.776  5.913   6.205   1.00 87.59  ? 193 LYS A CD  1 
ATOM 858  C CE  . LYS A 1 112 ? -3.390  5.733   7.595   1.00 87.59  ? 193 LYS A CE  1 
ATOM 859  N NZ  . LYS A 1 112 ? -2.551  4.890   8.512   1.00 87.59  ? 193 LYS A NZ  1 
ATOM 860  N N   . ARG A 1 113 ? -3.041  6.319   0.981   1.00 66.20  ? 194 ARG A N   1 
ATOM 861  C CA  . ARG A 1 113 ? -2.481  6.344   -0.372  1.00 66.20  ? 194 ARG A CA  1 
ATOM 862  C C   . ARG A 1 113 ? -3.372  7.098   -1.336  1.00 66.20  ? 194 ARG A C   1 
ATOM 863  O O   . ARG A 1 113 ? -2.900  7.910   -2.120  1.00 66.20  ? 194 ARG A O   1 
ATOM 864  C CB  . ARG A 1 113 ? -2.300  4.939   -0.938  1.00 54.30  ? 194 ARG A CB  1 
ATOM 865  C CG  . ARG A 1 113 ? -1.028  4.270   -0.555  1.00 54.30  ? 194 ARG A CG  1 
ATOM 866  C CD  . ARG A 1 113 ? 0.200   5.008   -1.104  1.00 54.30  ? 194 ARG A CD  1 
ATOM 867  N NE  . ARG A 1 113 ? 0.434   4.857   -2.537  1.00 54.30  ? 194 ARG A NE  1 
ATOM 868  C CZ  . ARG A 1 113 ? 1.606   5.131   -3.107  1.00 54.30  ? 194 ARG A CZ  1 
ATOM 869  N NH1 . ARG A 1 113 ? 2.606   5.556   -2.351  1.00 54.30  ? 194 ARG A NH1 1 
ATOM 870  N NH2 . ARG A 1 113 ? 1.795   4.965   -4.414  1.00 54.30  ? 194 ARG A NH2 1 
ATOM 871  N N   . GLN A 1 114 ? -4.666  6.808   -1.285  1.00 94.45  ? 195 GLN A N   1 
ATOM 872  C CA  . GLN A 1 114 ? -5.623  7.451   -2.169  1.00 94.45  ? 195 GLN A CA  1 
ATOM 873  C C   . GLN A 1 114 ? -5.285  8.929   -2.271  1.00 94.45  ? 195 GLN A C   1 
ATOM 874  O O   . GLN A 1 114 ? -5.228  9.498   -3.363  1.00 94.45  ? 195 GLN A O   1 
ATOM 875  C CB  . GLN A 1 114 ? -7.028  7.287   -1.610  1.00 88.40  ? 195 GLN A CB  1 
ATOM 876  C CG  . GLN A 1 114 ? -8.120  7.555   -2.611  1.00 88.40  ? 195 GLN A CG  1 
ATOM 877  C CD  . GLN A 1 114 ? -9.481  7.451   -1.980  1.00 88.40  ? 195 GLN A CD  1 
ATOM 878  O OE1 . GLN A 1 114 ? -9.763  6.506   -1.230  1.00 88.40  ? 195 GLN A OE1 1 
ATOM 879  N NE2 . GLN A 1 114 ? -10.347 8.414   -2.281  1.00 88.40  ? 195 GLN A NE2 1 
ATOM 880  N N   . GLN A 1 115 ? -5.047  9.536   -1.113  1.00 114.69 ? 196 GLN A N   1 
ATOM 881  C CA  . GLN A 1 115 ? -4.713  10.952  -1.014  1.00 114.69 ? 196 GLN A CA  1 
ATOM 882  C C   . GLN A 1 115 ? -3.452  11.336  -1.788  1.00 114.69 ? 196 GLN A C   1 
ATOM 883  O O   . GLN A 1 115 ? -3.432  12.345  -2.499  1.00 114.69 ? 196 GLN A O   1 
ATOM 884  C CB  . GLN A 1 115 ? -4.523  11.339  0.458   1.00 144.51 ? 196 GLN A CB  1 
ATOM 885  C CG  . GLN A 1 115 ? -5.774  11.229  1.319   1.00 144.51 ? 196 GLN A CG  1 
ATOM 886  C CD  . GLN A 1 115 ? -5.491  11.481  2.796   1.00 144.51 ? 196 GLN A CD  1 
ATOM 887  O OE1 . GLN A 1 115 ? -4.907  12.503  3.167   1.00 144.51 ? 196 GLN A OE1 1 
ATOM 888  N NE2 . GLN A 1 115 ? -5.910  10.549  3.648   1.00 144.51 ? 196 GLN A NE2 1 
ATOM 889  N N   . GLU A 1 116 ? -2.410  10.522  -1.656  1.00 76.73  ? 197 GLU A N   1 
ATOM 890  C CA  . GLU A 1 116 ? -1.132  10.786  -2.299  1.00 76.73  ? 197 GLU A CA  1 
ATOM 891  C C   . GLU A 1 116 ? -1.039  10.533  -3.792  1.00 76.73  ? 197 GLU A C   1 
ATOM 892  O O   . GLU A 1 116 ? -0.253  11.184  -4.479  1.00 76.73  ? 197 GLU A O   1 
ATOM 893  C CB  . GLU A 1 116 ? -0.049  10.011  -1.573  1.00 120.48 ? 197 GLU A CB  1 
ATOM 894  C CG  . GLU A 1 116 ? -0.036  10.357  -0.105  1.00 120.48 ? 197 GLU A CG  1 
ATOM 895  C CD  . GLU A 1 116 ? 1.055   9.655   0.653   1.00 120.48 ? 197 GLU A CD  1 
ATOM 896  O OE1 . GLU A 1 116 ? 1.066   8.405   0.646   1.00 120.48 ? 197 GLU A OE1 1 
ATOM 897  O OE2 . GLU A 1 116 ? 1.901   10.351  1.256   1.00 120.48 ? 197 GLU A OE2 1 
ATOM 898  N N   . LEU A 1 117 ? -1.821  9.591   -4.305  1.00 94.80  ? 198 LEU A N   1 
ATOM 899  C CA  . LEU A 1 117 ? -1.781  9.312   -5.732  1.00 94.80  ? 198 LEU A CA  1 
ATOM 900  C C   . LEU A 1 117 ? -2.011  10.660  -6.368  1.00 94.80  ? 198 LEU A C   1 
ATOM 901  O O   . LEU A 1 117 ? -2.861  11.421  -5.907  1.00 94.80  ? 198 LEU A O   1 
ATOM 902  C CB  . LEU A 1 117 ? -2.898  8.347   -6.119  1.00 67.10  ? 198 LEU A CB  1 
ATOM 903  C CG  . LEU A 1 117 ? -2.870  7.030   -5.353  1.00 67.10  ? 198 LEU A CG  1 
ATOM 904  C CD1 . LEU A 1 117 ? -4.050  6.159   -5.771  1.00 67.10  ? 198 LEU A CD1 1 
ATOM 905  C CD2 . LEU A 1 117 ? -1.535  6.341   -5.618  1.00 67.10  ? 198 LEU A CD2 1 
ATOM 906  N N   . LYS A 1 118 ? -1.253  10.976  -7.409  1.00 83.86  ? 199 LYS A N   1 
ATOM 907  C CA  . LYS A 1 118 ? -1.432  12.275  -8.018  1.00 83.86  ? 199 LYS A CA  1 
ATOM 908  C C   . LYS A 1 118 ? -2.616  12.351  -8.976  1.00 83.86  ? 199 LYS A C   1 
ATOM 909  O O   . LYS A 1 118 ? -3.620  12.984  -8.643  1.00 83.86  ? 199 LYS A O   1 
ATOM 910  C CB  . LYS A 1 118 ? -0.125  12.741  -8.668  1.00 132.85 ? 199 LYS A CB  1 
ATOM 911  C CG  . LYS A 1 118 ? 0.943   13.024  -7.607  1.00 132.85 ? 199 LYS A CG  1 
ATOM 912  C CD  . LYS A 1 118 ? 2.176   13.729  -8.149  1.00 132.85 ? 199 LYS A CD  1 
ATOM 913  C CE  . LYS A 1 118 ? 3.122   14.081  -6.996  1.00 132.85 ? 199 LYS A CE  1 
ATOM 914  N NZ  . LYS A 1 118 ? 4.339   14.843  -7.410  1.00 132.85 ? 199 LYS A NZ  1 
ATOM 915  N N   . ASP A 1 119 ? -2.534  11.701  -10.135 1.00 94.79  ? 200 ASP A N   1 
ATOM 916  C CA  . ASP A 1 119 ? -3.649  11.752  -11.081 1.00 94.79  ? 200 ASP A CA  1 
ATOM 917  C C   . ASP A 1 119 ? -4.962  11.276  -10.447 1.00 94.79  ? 200 ASP A C   1 
ATOM 918  O O   . ASP A 1 119 ? -5.026  10.205  -9.849  1.00 94.79  ? 200 ASP A O   1 
ATOM 919  C CB  . ASP A 1 119 ? -3.334  10.926  -12.328 1.00 125.03 ? 200 ASP A CB  1 
ATOM 920  C CG  . ASP A 1 119 ? -4.481  10.920  -13.321 1.00 125.03 ? 200 ASP A CG  1 
ATOM 921  O OD1 . ASP A 1 119 ? -5.006  12.017  -13.622 1.00 125.03 ? 200 ASP A OD1 1 
ATOM 922  O OD2 . ASP A 1 119 ? -4.852  9.830   -13.808 1.00 125.03 ? 200 ASP A OD2 1 
ATOM 923  N N   . VAL A 1 120 ? -6.011  12.081  -10.589 1.00 95.52  ? 201 VAL A N   1 
ATOM 924  C CA  . VAL A 1 120 ? -7.325  11.779  -10.011 1.00 95.52  ? 201 VAL A CA  1 
ATOM 925  C C   . VAL A 1 120 ? -7.996  10.467  -10.418 1.00 95.52  ? 201 VAL A C   1 
ATOM 926  O O   . VAL A 1 120 ? -8.724  9.877   -9.622  1.00 95.52  ? 201 VAL A O   1 
ATOM 927  C CB  . VAL A 1 120 ? -8.321  12.934  -10.278 1.00 88.08  ? 201 VAL A CB  1 
ATOM 928  C CG1 . VAL A 1 120 ? -7.916  14.159  -9.474  1.00 88.08  ? 201 VAL A CG1 1 
ATOM 929  C CG2 . VAL A 1 120 ? -8.342  13.273  -11.766 1.00 88.08  ? 201 VAL A CG2 1 
ATOM 930  N N   . GLY A 1 121 ? -7.771  10.016  -11.648 1.00 98.14  ? 202 GLY A N   1 
ATOM 931  C CA  . GLY A 1 121 ? -8.369  8.767   -12.096 1.00 98.14  ? 202 GLY A CA  1 
ATOM 932  C C   . GLY A 1 121 ? -8.050  7.647   -11.125 1.00 98.14  ? 202 GLY A C   1 
ATOM 933  O O   . GLY A 1 121 ? -8.952  6.966   -10.626 1.00 98.14  ? 202 GLY A O   1 
ATOM 934  N N   . ASN A 1 122 ? -6.757  7.461   -10.857 1.00 74.58  ? 203 ASN A N   1 
ATOM 935  C CA  . ASN A 1 122 ? -6.288  6.438   -9.932  1.00 74.58  ? 203 ASN A CA  1 
ATOM 936  C C   . ASN A 1 122 ? -6.972  6.640   -8.590  1.00 74.58  ? 203 ASN A C   1 
ATOM 937  O O   . ASN A 1 122 ? -7.413  5.685   -7.950  1.00 74.58  ? 203 ASN A O   1 
ATOM 938  C CB  . ASN A 1 122 ? -4.771  6.535   -9.742  1.00 84.04  ? 203 ASN A CB  1 
ATOM 939  C CG  . ASN A 1 122 ? -4.004  6.406   -11.048 1.00 84.04  ? 203 ASN A CG  1 
ATOM 940  O OD1 . ASN A 1 122 ? -4.169  5.434   -11.789 1.00 84.04  ? 203 ASN A OD1 1 
ATOM 941  N ND2 . ASN A 1 122 ? -3.147  7.382   -11.328 1.00 84.04  ? 203 ASN A ND2 1 
ATOM 942  N N   . ARG A 1 123 ? -7.063  7.896   -8.178  1.00 83.90  ? 204 ARG A N   1 
ATOM 943  C CA  . ARG A 1 123 ? -7.682  8.263   -6.909  1.00 83.90  ? 204 ARG A CA  1 
ATOM 944  C C   . ARG A 1 123 ? -9.143  7.810   -6.857  1.00 83.90  ? 204 ARG A C   1 
ATOM 945  O O   . ARG A 1 123 ? -9.684  7.557   -5.776  1.00 83.90  ? 204 ARG A O   1 
ATOM 946  C CB  . ARG A 1 123 ? -7.575  9.774   -6.724  1.00 135.62 ? 204 ARG A CB  1 
ATOM 947  C CG  . ARG A 1 123 ? -6.189  10.271  -7.082  1.00 135.62 ? 204 ARG A CG  1 
ATOM 948  C CD  . ARG A 1 123 ? -6.036  11.776  -6.977  1.00 135.62 ? 204 ARG A CD  1 
ATOM 949  N NE  . ARG A 1 123 ? -6.034  12.246  -5.600  1.00 135.62 ? 204 ARG A NE  1 
ATOM 950  C CZ  . ARG A 1 123 ? -5.825  13.511  -5.254  1.00 135.62 ? 204 ARG A CZ  1 
ATOM 951  N NH1 . ARG A 1 123 ? -5.608  14.425  -6.192  1.00 135.62 ? 204 ARG A NH1 1 
ATOM 952  N NH2 . ARG A 1 123 ? -5.829  13.861  -3.971  1.00 135.62 ? 204 ARG A NH2 1 
ATOM 953  N N   . ASP A 1 124 ? -9.772  7.700   -8.029  1.00 74.93  ? 205 ASP A N   1 
ATOM 954  C CA  . ASP A 1 124 ? -11.167 7.267   -8.123  1.00 74.93  ? 205 ASP A CA  1 
ATOM 955  C C   . ASP A 1 124 ? -11.267 5.764   -7.988  1.00 74.93  ? 205 ASP A C   1 
ATOM 956  O O   . ASP A 1 124 ? -12.125 5.254   -7.264  1.00 74.93  ? 205 ASP A O   1 
ATOM 957  C CB  . ASP A 1 124 ? -11.786 7.696   -9.453  1.00 116.95 ? 205 ASP A CB  1 
ATOM 958  C CG  . ASP A 1 124 ? -12.028 9.189   -9.526  1.00 116.95 ? 205 ASP A CG  1 
ATOM 959  O OD1 . ASP A 1 124 ? -12.770 9.716   -8.664  1.00 116.95 ? 205 ASP A OD1 1 
ATOM 960  O OD2 . ASP A 1 124 ? -11.484 9.835   -10.445 1.00 116.95 ? 205 ASP A OD2 1 
ATOM 961  N N   . GLN A 1 125 ? -10.389 5.065   -8.705  1.00 72.41  ? 206 GLN A N   1 
ATOM 962  C CA  . GLN A 1 125 ? -10.338 3.615   -8.665  1.00 72.41  ? 206 GLN A CA  1 
ATOM 963  C C   . GLN A 1 125 ? -10.209 3.221   -7.205  1.00 72.41  ? 206 GLN A C   1 
ATOM 964  O O   . GLN A 1 125 ? -10.974 2.396   -6.716  1.00 72.41  ? 206 GLN A O   1 
ATOM 965  C CB  . GLN A 1 125 ? -9.128  3.120   -9.437  1.00 134.85 ? 206 GLN A CB  1 
ATOM 966  C CG  . GLN A 1 125 ? -9.111  3.536   -10.883 1.00 134.85 ? 206 GLN A CG  1 
ATOM 967  C CD  . GLN A 1 125 ? -7.794  3.196   -11.550 1.00 134.85 ? 206 GLN A CD  1 
ATOM 968  O OE1 . GLN A 1 125 ? -7.390  2.029   -11.606 1.00 134.85 ? 206 GLN A OE1 1 
ATOM 969  N NE2 . GLN A 1 125 ? -7.109  4.215   -12.057 1.00 134.85 ? 206 GLN A NE2 1 
ATOM 970  N N   . MET A 1 126 ? -9.241  3.823   -6.511  1.00 54.98  ? 207 MET A N   1 
ATOM 971  C CA  . MET A 1 126 ? -9.021  3.535   -5.092  1.00 54.98  ? 207 MET A CA  1 
ATOM 972  C C   . MET A 1 126 ? -10.296 3.692   -4.299  1.00 54.98  ? 207 MET A C   1 
ATOM 973  O O   . MET A 1 126 ? -10.698 2.798   -3.563  1.00 54.98  ? 207 MET A O   1 
ATOM 974  C CB  . MET A 1 126 ? -7.965  4.462   -4.502  1.00 65.38  ? 207 MET A CB  1 
ATOM 975  C CG  . MET A 1 126 ? -6.551  3.904   -4.494  1.00 65.38  ? 207 MET A CG  1 
ATOM 976  S SD  . MET A 1 126 ? -6.327  2.489   -3.387  1.00 65.38  ? 207 MET A SD  1 
ATOM 977  C CE  . MET A 1 126 ? -7.016  3.123   -1.894  1.00 65.38  ? 207 MET A CE  1 
ATOM 978  N N   . ALA A 1 127 ? -10.928 4.845   -4.450  1.00 75.41  ? 208 ALA A N   1 
ATOM 979  C CA  . ALA A 1 127 ? -12.164 5.129   -3.741  1.00 75.41  ? 208 ALA A CA  1 
ATOM 980  C C   . ALA A 1 127 ? -13.242 4.083   -4.055  1.00 75.41  ? 208 ALA A C   1 
ATOM 981  O O   . ALA A 1 127 ? -13.828 3.488   -3.148  1.00 75.41  ? 208 ALA A O   1 
ATOM 982  C CB  . ALA A 1 127 ? -12.638 6.519   -4.115  1.00 54.68  ? 208 ALA A CB  1 
ATOM 983  N N   . ALA A 1 128 ? -13.485 3.863   -5.345  1.00 67.16  ? 209 ALA A N   1 
ATOM 984  C CA  . ALA A 1 128 ? -14.482 2.902   -5.811  1.00 67.16  ? 209 ALA A CA  1 
ATOM 985  C C   . ALA A 1 128 ? -14.194 1.501   -5.295  1.00 67.16  ? 209 ALA A C   1 
ATOM 986  O O   . ALA A 1 128 ? -15.058 0.853   -4.701  1.00 67.16  ? 209 ALA A O   1 
ATOM 987  C CB  . ALA A 1 128 ? -14.505 2.891   -7.328  1.00 44.54  ? 209 ALA A CB  1 
ATOM 988  N N   . ALA A 1 129 ? -12.972 1.042   -5.546  1.00 75.64  ? 210 ALA A N   1 
ATOM 989  C CA  . ALA A 1 129 ? -12.520 -0.273  -5.120  1.00 75.64  ? 210 ALA A CA  1 
ATOM 990  C C   . ALA A 1 129 ? -12.724 -0.456  -3.616  1.00 75.64  ? 210 ALA A C   1 
ATOM 991  O O   . ALA A 1 129 ? -13.221 -1.490  -3.171  1.00 75.64  ? 210 ALA A O   1 
ATOM 992  C CB  . ALA A 1 129 ? -11.054 -0.443  -5.472  1.00 43.73  ? 210 ALA A CB  1 
ATOM 993  N N   . ARG A 1 130 ? -12.338 0.550   -2.836  1.00 64.29  ? 211 ARG A N   1 
ATOM 994  C CA  . ARG A 1 130 ? -12.492 0.492   -1.388  1.00 64.29  ? 211 ARG A CA  1 
ATOM 995  C C   . ARG A 1 130 ? -13.962 0.411   -1.008  1.00 64.29  ? 211 ARG A C   1 
ATOM 996  O O   . ARG A 1 130 ? -14.318 -0.130  0.040   1.00 64.29  ? 211 ARG A O   1 
ATOM 997  C CB  . ARG A 1 130 ? -11.866 1.723   -0.741  1.00 77.48  ? 211 ARG A CB  1 
ATOM 998  C CG  . ARG A 1 130 ? -10.368 1.796   -0.887  1.00 77.48  ? 211 ARG A CG  1 
ATOM 999  C CD  . ARG A 1 130 ? -9.846  3.042   -0.228  1.00 77.48  ? 211 ARG A CD  1 
ATOM 1000 N NE  . ARG A 1 130 ? -10.414 3.178   1.106   1.00 77.48  ? 211 ARG A NE  1 
ATOM 1001 C CZ  . ARG A 1 130 ? -11.253 4.144   1.455   1.00 77.48  ? 211 ARG A CZ  1 
ATOM 1002 N NH1 . ARG A 1 130 ? -11.617 5.063   0.567   1.00 77.48  ? 211 ARG A NH1 1 
ATOM 1003 N NH2 . ARG A 1 130 ? -11.743 4.180   2.683   1.00 77.48  ? 211 ARG A NH2 1 
ATOM 1004 N N   . GLY A 1 131 ? -14.813 0.954   -1.873  1.00 65.38  ? 212 GLY A N   1 
ATOM 1005 C CA  . GLY A 1 131 ? -16.241 0.930   -1.616  1.00 65.38  ? 212 GLY A CA  1 
ATOM 1006 C C   . GLY A 1 131 ? -16.811 -0.462  -1.763  1.00 65.38  ? 212 GLY A C   1 
ATOM 1007 O O   . GLY A 1 131 ? -17.462 -0.975  -0.848  1.00 65.38  ? 212 GLY A O   1 
ATOM 1008 N N   . ILE A 1 132 ? -16.571 -1.074  -2.919  1.00 54.19  ? 213 ILE A N   1 
ATOM 1009 C CA  . ILE A 1 132 ? -17.059 -2.420  -3.169  1.00 54.19  ? 213 ILE A CA  1 
ATOM 1010 C C   . ILE A 1 132 ? -16.541 -3.336  -2.090  1.00 54.19  ? 213 ILE A C   1 
ATOM 1011 O O   . ILE A 1 132 ? -17.284 -4.141  -1.522  1.00 54.19  ? 213 ILE A O   1 
ATOM 1012 C CB  . ILE A 1 132 ? -16.566 -2.954  -4.505  1.00 50.20  ? 213 ILE A CB  1 
ATOM 1013 C CG1 . ILE A 1 132 ? -17.205 -2.165  -5.648  1.00 50.20  ? 213 ILE A CG1 1 
ATOM 1014 C CG2 . ILE A 1 132 ? -16.888 -4.426  -4.608  1.00 50.20  ? 213 ILE A CG2 1 
ATOM 1015 C CD1 . ILE A 1 132 ? -16.685 -2.542  -7.014  1.00 50.20  ? 213 ILE A CD1 1 
ATOM 1016 N N   . LEU A 1 133 ? -15.252 -3.210  -1.811  1.00 59.24  ? 214 LEU A N   1 
ATOM 1017 C CA  . LEU A 1 133 ? -14.630 -4.038  -0.797  1.00 59.24  ? 214 LEU A CA  1 
ATOM 1018 C C   . LEU A 1 133 ? -15.416 -3.876  0.484   1.00 59.24  ? 214 LEU A C   1 
ATOM 1019 O O   . LEU A 1 133 ? -15.819 -4.853  1.111   1.00 59.24  ? 214 LEU A O   1 
ATOM 1020 C CB  . LEU A 1 133 ? -13.186 -3.599  -0.565  1.00 53.60  ? 214 LEU A CB  1 
ATOM 1021 C CG  . LEU A 1 133 ? -12.310 -4.536  0.268   1.00 53.60  ? 214 LEU A CG  1 
ATOM 1022 C CD1 . LEU A 1 133 ? -10.946 -3.927  0.369   1.00 53.60  ? 214 LEU A CD1 1 
ATOM 1023 C CD2 . LEU A 1 133 ? -12.870 -4.742  1.645   1.00 53.60  ? 214 LEU A CD2 1 
ATOM 1024 N N   . GLN A 1 134 ? -15.637 -2.622  0.856   1.00 69.89  ? 215 GLN A N   1 
ATOM 1025 C CA  . GLN A 1 134 ? -16.356 -2.278  2.071   1.00 69.89  ? 215 GLN A CA  1 
ATOM 1026 C C   . GLN A 1 134 ? -17.758 -2.890  2.122   1.00 69.89  ? 215 GLN A C   1 
ATOM 1027 O O   . GLN A 1 134 ? -18.143 -3.503  3.122   1.00 69.89  ? 215 GLN A O   1 
ATOM 1028 C CB  . GLN A 1 134 ? -16.442 -0.752  2.190   1.00 126.42 ? 215 GLN A CB  1 
ATOM 1029 C CG  . GLN A 1 134 ? -16.942 -0.255  3.532   1.00 126.42 ? 215 GLN A CG  1 
ATOM 1030 C CD  . GLN A 1 134 ? -16.027 -0.659  4.675   1.00 126.42 ? 215 GLN A CD  1 
ATOM 1031 O OE1 . GLN A 1 134 ? -14.852 -0.302  4.694   1.00 126.42 ? 215 GLN A OE1 1 
ATOM 1032 N NE2 . GLN A 1 134 ? -16.564 -1.411  5.631   1.00 126.42 ? 215 GLN A NE2 1 
ATOM 1033 N N   . LYS A 1 135 ? -18.511 -2.737  1.037   1.00 90.80  ? 216 LYS A N   1 
ATOM 1034 C CA  . LYS A 1 135 ? -19.870 -3.257  0.988   1.00 90.80  ? 216 LYS A CA  1 
ATOM 1035 C C   . LYS A 1 135 ? -20.033 -4.774  0.950   1.00 90.80  ? 216 LYS A C   1 
ATOM 1036 O O   . LYS A 1 135 ? -20.829 -5.327  1.707   1.00 90.80  ? 216 LYS A O   1 
ATOM 1037 C CB  . LYS A 1 135 ? -20.625 -2.666  -0.206  1.00 75.63  ? 216 LYS A CB  1 
ATOM 1038 C CG  . LYS A 1 135 ? -22.038 -3.228  -0.345  1.00 75.63  ? 216 LYS A CG  1 
ATOM 1039 C CD  . LYS A 1 135 ? -22.835 -2.597  -1.483  1.00 75.63  ? 216 LYS A CD  1 
ATOM 1040 C CE  . LYS A 1 135 ? -22.202 -2.856  -2.844  1.00 75.63  ? 216 LYS A CE  1 
ATOM 1041 N NZ  . LYS A 1 135 ? -23.031 -2.325  -3.968  1.00 75.63  ? 216 LYS A NZ  1 
ATOM 1042 N N   . ASN A 1 136 ? -19.284 -5.453  0.089   1.00 67.69  ? 217 ASN A N   1 
ATOM 1043 C CA  . ASN A 1 136 ? -19.450 -6.890  -0.043  1.00 67.69  ? 217 ASN A CA  1 
ATOM 1044 C C   . ASN A 1 136 ? -18.865 -7.847  0.982   1.00 67.69  ? 217 ASN A C   1 
ATOM 1045 O O   . ASN A 1 136 ? -19.325 -8.980  1.072   1.00 67.69  ? 217 ASN A O   1 
ATOM 1046 C CB  . ASN A 1 136 ? -19.023 -7.308  -1.438  1.00 82.45  ? 217 ASN A CB  1 
ATOM 1047 C CG  . ASN A 1 136 ? -19.789 -6.569  -2.495  1.00 82.45  ? 217 ASN A CG  1 
ATOM 1048 O OD1 . ASN A 1 136 ? -21.006 -6.457  -2.414  1.00 82.45  ? 217 ASN A OD1 1 
ATOM 1049 N ND2 . ASN A 1 136 ? -19.090 -6.058  -3.492  1.00 82.45  ? 217 ASN A ND2 1 
ATOM 1050 N N   . VAL A 1 137 ? -17.870 -7.420  1.753   1.00 69.09  ? 218 VAL A N   1 
ATOM 1051 C CA  . VAL A 1 137 ? -17.297 -8.314  2.757   1.00 69.09  ? 218 VAL A CA  1 
ATOM 1052 C C   . VAL A 1 137 ? -18.393 -8.896  3.643   1.00 69.09  ? 218 VAL A C   1 
ATOM 1053 O O   . VAL A 1 137 ? -18.319 -10.061 4.032   1.00 69.09  ? 218 VAL A O   1 
ATOM 1054 C CB  . VAL A 1 137 ? -16.265 -7.610  3.655   1.00 60.31  ? 218 VAL A CB  1 
ATOM 1055 C CG1 . VAL A 1 137 ? -15.820 -8.549  4.753   1.00 60.31  ? 218 VAL A CG1 1 
ATOM 1056 C CG2 . VAL A 1 137 ? -15.060 -7.200  2.839   1.00 60.31  ? 218 VAL A CG2 1 
ATOM 1057 N N   . PRO A 1 138 ? -19.407 -8.085  4.005   1.00 93.88  ? 219 PRO A N   1 
ATOM 1058 C CA  . PRO A 1 138 ? -20.523 -8.538  4.847   1.00 93.88  ? 219 PRO A CA  1 
ATOM 1059 C C   . PRO A 1 138 ? -21.440 -9.471  4.050   1.00 93.88  ? 219 PRO A C   1 
ATOM 1060 O O   . PRO A 1 138 ? -21.808 -10.554 4.506   1.00 93.88  ? 219 PRO A O   1 
ATOM 1061 C CB  . PRO A 1 138 ? -21.227 -7.227  5.211   1.00 78.97  ? 219 PRO A CB  1 
ATOM 1062 C CG  . PRO A 1 138 ? -20.130 -6.192  5.051   1.00 78.97  ? 219 PRO A CG  1 
ATOM 1063 C CD  . PRO A 1 138 ? -19.566 -6.648  3.736   1.00 78.97  ? 219 PRO A CD  1 
ATOM 1064 N N   . ILE A 1 139 ? -21.811 -9.016  2.860   1.00 65.56  ? 220 ILE A N   1 
ATOM 1065 C CA  . ILE A 1 139 ? -22.668 -9.766  1.955   1.00 65.56  ? 220 ILE A CA  1 
ATOM 1066 C C   . ILE A 1 139 ? -22.080 -11.144 1.643   1.00 65.56  ? 220 ILE A C   1 
ATOM 1067 O O   . ILE A 1 139 ? -22.809 -12.131 1.595   1.00 65.56  ? 220 ILE A O   1 
ATOM 1068 C CB  . ILE A 1 139 ? -22.869 -8.983  0.648   1.00 54.43  ? 220 ILE A CB  1 
ATOM 1069 C CG1 . ILE A 1 139 ? -23.702 -7.731  0.929   1.00 54.43  ? 220 ILE A CG1 1 
ATOM 1070 C CG2 . ILE A 1 139 ? -23.501 -9.864  -0.398  1.00 54.43  ? 220 ILE A CG2 1 
ATOM 1071 C CD1 . ILE A 1 139 ? -23.849 -6.803  -0.256  1.00 54.43  ? 220 ILE A CD1 1 
ATOM 1072 N N   . LEU A 1 140 ? -20.768 -11.215 1.424   1.00 56.69  ? 221 LEU A N   1 
ATOM 1073 C CA  . LEU A 1 140 ? -20.147 -12.500 1.145   1.00 56.69  ? 221 LEU A CA  1 
ATOM 1074 C C   . LEU A 1 140 ? -20.440 -13.379 2.355   1.00 56.69  ? 221 LEU A C   1 
ATOM 1075 O O   . LEU A 1 140 ? -20.724 -14.564 2.218   1.00 56.69  ? 221 LEU A O   1 
ATOM 1076 C CB  . LEU A 1 140 ? -18.633 -12.358 0.954   1.00 54.94  ? 221 LEU A CB  1 
ATOM 1077 C CG  . LEU A 1 140 ? -17.892 -13.543 0.310   1.00 54.94  ? 221 LEU A CG  1 
ATOM 1078 C CD1 . LEU A 1 140 ? -16.400 -13.289 0.333   1.00 54.94  ? 221 LEU A CD1 1 
ATOM 1079 C CD2 . LEU A 1 140 ? -18.173 -14.819 1.055   1.00 54.94  ? 221 LEU A CD2 1 
ATOM 1080 N N   . TYR A 1 141 ? -20.382 -12.799 3.547   1.00 94.86  ? 222 TYR A N   1 
ATOM 1081 C CA  . TYR A 1 141 ? -20.665 -13.571 4.749   1.00 94.86  ? 222 TYR A CA  1 
ATOM 1082 C C   . TYR A 1 141 ? -22.055 -14.201 4.699   1.00 94.86  ? 222 TYR A C   1 
ATOM 1083 O O   . TYR A 1 141 ? -22.197 -15.421 4.776   1.00 94.86  ? 222 TYR A O   1 
ATOM 1084 C CB  . TYR A 1 141 ? -20.580 -12.697 5.997   1.00 93.61  ? 222 TYR A CB  1 
ATOM 1085 C CG  . TYR A 1 141 ? -21.019 -13.432 7.243   1.00 93.61  ? 222 TYR A CG  1 
ATOM 1086 C CD1 . TYR A 1 141 ? -20.283 -14.517 7.731   1.00 93.61  ? 222 TYR A CD1 1 
ATOM 1087 C CD2 . TYR A 1 141 ? -22.193 -13.072 7.910   1.00 93.61  ? 222 TYR A CD2 1 
ATOM 1088 C CE1 . TYR A 1 141 ? -20.701 -15.228 8.845   1.00 93.61  ? 222 TYR A CE1 1 
ATOM 1089 C CE2 . TYR A 1 141 ? -22.623 -13.774 9.026   1.00 93.61  ? 222 TYR A CE2 1 
ATOM 1090 C CZ  . TYR A 1 141 ? -21.872 -14.852 9.490   1.00 93.61  ? 222 TYR A CZ  1 
ATOM 1091 O OH  . TYR A 1 141 ? -22.290 -15.554 10.601  1.00 93.61  ? 222 TYR A OH  1 
ATOM 1092 N N   . THR A 1 142 ? -23.079 -13.364 4.568   1.00 82.89  ? 223 THR A N   1 
ATOM 1093 C CA  . THR A 1 142 ? -24.449 -13.856 4.533   1.00 82.89  ? 223 THR A CA  1 
ATOM 1094 C C   . THR A 1 142 ? -24.677 -14.826 3.368   1.00 82.89  ? 223 THR A C   1 
ATOM 1095 O O   . THR A 1 142 ? -25.463 -15.771 3.473   1.00 82.89  ? 223 THR A O   1 
ATOM 1096 C CB  . THR A 1 142 ? -25.471 -12.683 4.450   1.00 64.58  ? 223 THR A CB  1 
ATOM 1097 O OG1 . THR A 1 142 ? -25.485 -12.121 3.134   1.00 64.58  ? 223 THR A OG1 1 
ATOM 1098 C CG2 . THR A 1 142 ? -25.093 -11.594 5.443   1.00 64.58  ? 223 THR A CG2 1 
ATOM 1099 N N   . ALA A 1 143 ? -23.975 -14.603 2.265   1.00 57.50  ? 224 ALA A N   1 
ATOM 1100 C CA  . ALA A 1 143 ? -24.109 -15.460 1.100   1.00 57.50  ? 224 ALA A CA  1 
ATOM 1101 C C   . ALA A 1 143 ? -23.512 -16.836 1.343   1.00 57.50  ? 224 ALA A C   1 
ATOM 1102 O O   . ALA A 1 143 ? -24.208 -17.839 1.263   1.00 57.50  ? 224 ALA A O   1 
ATOM 1103 C CB  . ALA A 1 143 ? -23.450 -14.813 -0.104  1.00 51.27  ? 224 ALA A CB  1 
ATOM 1104 N N   . SER A 1 144 ? -22.224 -16.898 1.642   1.00 80.88  ? 225 SER A N   1 
ATOM 1105 C CA  . SER A 1 144 ? -21.607 -18.191 1.875   1.00 80.88  ? 225 SER A CA  1 
ATOM 1106 C C   . SER A 1 144 ? -22.229 -18.897 3.079   1.00 80.88  ? 225 SER A C   1 
ATOM 1107 O O   . SER A 1 144 ? -21.949 -20.073 3.332   1.00 80.88  ? 225 SER A O   1 
ATOM 1108 C CB  . SER A 1 144 ? -20.101 -18.031 2.064   1.00 74.97  ? 225 SER A CB  1 
ATOM 1109 O OG  . SER A 1 144 ? -19.836 -17.099 3.081   1.00 74.97  ? 225 SER A OG  1 
ATOM 1110 N N   . GLN A 1 145 ? -23.075 -18.181 3.815   1.00 92.98  ? 226 GLN A N   1 
ATOM 1111 C CA  . GLN A 1 145 ? -23.744 -18.762 4.979   1.00 92.98  ? 226 GLN A CA  1 
ATOM 1112 C C   . GLN A 1 145 ? -24.913 -19.597 4.497   1.00 92.98  ? 226 GLN A C   1 
ATOM 1113 O O   . GLN A 1 145 ? -25.064 -20.764 4.867   1.00 92.98  ? 226 GLN A O   1 
ATOM 1114 C CB  . GLN A 1 145 ? -24.286 -17.676 5.890   1.00 102.45 ? 226 GLN A CB  1 
ATOM 1115 C CG  . GLN A 1 145 ? -24.982 -18.241 7.103   1.00 102.45 ? 226 GLN A CG  1 
ATOM 1116 C CD  . GLN A 1 145 ? -25.678 -17.183 7.930   1.00 102.45 ? 226 GLN A CD  1 
ATOM 1117 O OE1 . GLN A 1 145 ? -26.127 -17.451 9.044   1.00 102.45 ? 226 GLN A OE1 1 
ATOM 1118 N NE2 . GLN A 1 145 ? -25.787 -15.974 7.385   1.00 102.45 ? 226 GLN A NE2 1 
ATOM 1119 N N   . ALA A 1 146 ? -25.739 -18.962 3.671   1.00 84.95  ? 227 ALA A N   1 
ATOM 1120 C CA  . ALA A 1 146 ? -26.915 -19.576 3.071   1.00 84.95  ? 227 ALA A CA  1 
ATOM 1121 C C   . ALA A 1 146 ? -26.579 -20.907 2.402   1.00 84.95  ? 227 ALA A C   1 
ATOM 1122 O O   . ALA A 1 146 ? -27.294 -21.894 2.567   1.00 84.95  ? 227 ALA A O   1 
ATOM 1123 C CB  . ALA A 1 146 ? -27.509 -18.626 2.051   1.00 45.23  ? 227 ALA A CB  1 
ATOM 1124 N N   . CYS A 1 147 ? -25.496 -20.922 1.631   1.00 64.88  ? 228 CYS A N   1 
ATOM 1125 C CA  . CYS A 1 147 ? -25.058 -22.133 0.951   1.00 64.88  ? 228 CYS A CA  1 
ATOM 1126 C C   . CYS A 1 147 ? -24.869 -23.258 1.963   1.00 64.88  ? 228 CYS A C   1 
ATOM 1127 O O   . CYS A 1 147 ? -25.149 -24.420 1.675   1.00 64.88  ? 228 CYS A O   1 
ATOM 1128 C CB  . CYS A 1 147 ? -23.742 -21.873 0.199   1.00 64.60  ? 228 CYS A CB  1 
ATOM 1129 S SG  . CYS A 1 147 ? -23.894 -20.705 -1.180  1.00 64.60  ? 228 CYS A SG  1 
ATOM 1130 N N   . LEU A 1 148 ? -24.395 -22.905 3.151   1.00 93.85  ? 229 LEU A N   1 
ATOM 1131 C CA  . LEU A 1 148 ? -24.175 -23.888 4.198   1.00 93.85  ? 229 LEU A CA  1 
ATOM 1132 C C   . LEU A 1 148 ? -25.481 -24.446 4.756   1.00 93.85  ? 229 LEU A C   1 
ATOM 1133 O O   . LEU A 1 148 ? -25.519 -25.574 5.257   1.00 93.85  ? 229 LEU A O   1 
ATOM 1134 C CB  . LEU A 1 148 ? -23.341 -23.271 5.319   1.00 68.47  ? 229 LEU A CB  1 
ATOM 1135 C CG  . LEU A 1 148 ? -21.871 -23.056 4.955   1.00 68.47  ? 229 LEU A CG  1 
ATOM 1136 C CD1 . LEU A 1 148 ? -21.158 -22.311 6.057   1.00 68.47  ? 229 LEU A CD1 1 
ATOM 1137 C CD2 . LEU A 1 148 ? -21.216 -24.400 4.718   1.00 68.47  ? 229 LEU A CD2 1 
ATOM 1138 N N   . GLN A 1 149 ? -26.552 -23.666 4.654   1.00 92.00  ? 230 GLN A N   1 
ATOM 1139 C CA  . GLN A 1 149 ? -27.856 -24.092 5.151   1.00 92.00  ? 230 GLN A CA  1 
ATOM 1140 C C   . GLN A 1 149 ? -28.670 -24.846 4.100   1.00 92.00  ? 230 GLN A C   1 
ATOM 1141 O O   . GLN A 1 149 ? -29.423 -25.754 4.433   1.00 92.00  ? 230 GLN A O   1 
ATOM 1142 C CB  . GLN A 1 149 ? -28.651 -22.883 5.630   1.00 91.84  ? 230 GLN A CB  1 
ATOM 1143 C CG  . GLN A 1 149 ? -27.943 -22.071 6.692   1.00 91.84  ? 230 GLN A CG  1 
ATOM 1144 C CD  . GLN A 1 149 ? -28.755 -20.873 7.137   1.00 91.84  ? 230 GLN A CD  1 
ATOM 1145 O OE1 . GLN A 1 149 ? -29.190 -20.065 6.316   1.00 91.84  ? 230 GLN A OE1 1 
ATOM 1146 N NE2 . GLN A 1 149 ? -28.959 -20.747 8.445   1.00 91.84  ? 230 GLN A NE2 1 
ATOM 1147 N N   . HIS A 1 150 ? -28.518 -24.462 2.835   1.00 70.07  ? 231 HIS A N   1 
ATOM 1148 C CA  . HIS A 1 150 ? -29.233 -25.096 1.734   1.00 70.07  ? 231 HIS A CA  1 
ATOM 1149 C C   . HIS A 1 150 ? -28.197 -25.582 0.744   1.00 70.07  ? 231 HIS A C   1 
ATOM 1150 O O   . HIS A 1 150 ? -28.103 -25.082 -0.373  1.00 70.07  ? 231 HIS A O   1 
ATOM 1151 C CB  . HIS A 1 150 ? -30.163 -24.087 1.080   1.00 100.92 ? 231 HIS A CB  1 
ATOM 1152 C CG  . HIS A 1 150 ? -31.019 -23.367 2.068   1.00 100.92 ? 231 HIS A CG  1 
ATOM 1153 N ND1 . HIS A 1 150 ? -31.770 -24.021 3.012   1.00 100.92 ? 231 HIS A ND1 1 
ATOM 1154 C CD2 . HIS A 1 150 ? -31.213 -22.041 2.283   1.00 100.92 ? 231 HIS A CD2 1 
ATOM 1155 C CE1 . HIS A 1 150 ? -32.389 -23.136 3.778   1.00 100.92 ? 231 HIS A CE1 1 
ATOM 1156 N NE2 . HIS A 1 150 ? -32.065 -21.929 3.351   1.00 100.92 ? 231 HIS A NE2 1 
ATOM 1157 N N   . PRO A 1 151 ? -27.413 -26.588 1.151   1.00 76.45  ? 232 PRO A N   1 
ATOM 1158 C CA  . PRO A 1 151 ? -26.336 -27.237 0.408   1.00 76.45  ? 232 PRO A CA  1 
ATOM 1159 C C   . PRO A 1 151 ? -26.660 -27.685 -1.003  1.00 76.45  ? 232 PRO A C   1 
ATOM 1160 O O   . PRO A 1 151 ? -25.758 -27.808 -1.836  1.00 76.45  ? 232 PRO A O   1 
ATOM 1161 C CB  . PRO A 1 151 ? -25.972 -28.405 1.310   1.00 66.55  ? 232 PRO A CB  1 
ATOM 1162 C CG  . PRO A 1 151 ? -26.190 -27.806 2.679   1.00 66.55  ? 232 PRO A CG  1 
ATOM 1163 C CD  . PRO A 1 151 ? -27.566 -27.245 2.459   1.00 66.55  ? 232 PRO A CD  1 
ATOM 1164 N N   . ASP A 1 152 ? -27.935 -27.923 -1.282  1.00 93.81  ? 233 ASP A N   1 
ATOM 1165 C CA  . ASP A 1 152 ? -28.313 -28.381 -2.611  1.00 93.81  ? 233 ASP A CA  1 
ATOM 1166 C C   . ASP A 1 152 ? -28.884 -27.330 -3.548  1.00 93.81  ? 233 ASP A C   1 
ATOM 1167 O O   . ASP A 1 152 ? -29.449 -27.654 -4.590  1.00 93.81  ? 233 ASP A O   1 
ATOM 1168 C CB  . ASP A 1 152 ? -29.272 -29.570 -2.507  1.00 134.80 ? 233 ASP A CB  1 
ATOM 1169 C CG  . ASP A 1 152 ? -28.590 -30.814 -1.962  1.00 134.80 ? 233 ASP A CG  1 
ATOM 1170 O OD1 . ASP A 1 152 ? -27.596 -31.258 -2.577  1.00 134.80 ? 233 ASP A OD1 1 
ATOM 1171 O OD2 . ASP A 1 152 ? -29.038 -31.347 -0.923  1.00 134.80 ? 233 ASP A OD2 1 
ATOM 1172 N N   . VAL A 1 153 ? -28.735 -26.066 -3.193  1.00 69.39  ? 234 VAL A N   1 
ATOM 1173 C CA  . VAL A 1 153 ? -29.233 -25.035 -4.078  1.00 69.39  ? 234 VAL A CA  1 
ATOM 1174 C C   . VAL A 1 153 ? -28.048 -24.449 -4.844  1.00 69.39  ? 234 VAL A C   1 
ATOM 1175 O O   . VAL A 1 153 ? -27.434 -23.484 -4.400  1.00 69.39  ? 234 VAL A O   1 
ATOM 1176 C CB  . VAL A 1 153 ? -29.930 -23.917 -3.310  1.00 46.41  ? 234 VAL A CB  1 
ATOM 1177 C CG1 . VAL A 1 153 ? -30.707 -23.067 -4.287  1.00 46.41  ? 234 VAL A CG1 1 
ATOM 1178 C CG2 . VAL A 1 153 ? -30.837 -24.487 -2.250  1.00 46.41  ? 234 VAL A CG2 1 
ATOM 1179 N N   . ALA A 1 154 ? -27.723 -25.045 -5.987  1.00 76.14  ? 235 ALA A N   1 
ATOM 1180 C CA  . ALA A 1 154 ? -26.603 -24.580 -6.792  1.00 76.14  ? 235 ALA A CA  1 
ATOM 1181 C C   . ALA A 1 154 ? -26.693 -23.085 -7.014  1.00 76.14  ? 235 ALA A C   1 
ATOM 1182 O O   . ALA A 1 154 ? -25.674 -22.404 -7.091  1.00 76.14  ? 235 ALA A O   1 
ATOM 1183 C CB  . ALA A 1 154 ? -26.569 -25.308 -8.130  1.00 29.13  ? 235 ALA A CB  1 
ATOM 1184 N N   . ALA A 1 155 ? -27.915 -22.571 -7.098  1.00 66.27  ? 236 ALA A N   1 
ATOM 1185 C CA  . ALA A 1 155 ? -28.114 -21.139 -7.314  1.00 66.27  ? 236 ALA A CA  1 
ATOM 1186 C C   . ALA A 1 155 ? -27.410 -20.278 -6.267  1.00 66.27  ? 236 ALA A C   1 
ATOM 1187 O O   . ALA A 1 155 ? -26.866 -19.229 -6.597  1.00 66.27  ? 236 ALA A O   1 
ATOM 1188 C CB  . ALA A 1 155 ? -29.597 -20.816 -7.339  1.00 40.82  ? 236 ALA A CB  1 
ATOM 1189 N N   . TYR A 1 156 ? -27.419 -20.713 -5.009  1.00 65.93  ? 237 TYR A N   1 
ATOM 1190 C CA  . TYR A 1 156 ? -26.760 -19.958 -3.953  1.00 65.93  ? 237 TYR A CA  1 
ATOM 1191 C C   . TYR A 1 156 ? -25.254 -19.976 -4.101  1.00 65.93  ? 237 TYR A C   1 
ATOM 1192 O O   . TYR A 1 156 ? -24.588 -18.959 -3.892  1.00 65.93  ? 237 TYR A O   1 
ATOM 1193 C CB  . TYR A 1 156 ? -27.117 -20.501 -2.572  1.00 80.52  ? 237 TYR A CB  1 
ATOM 1194 C CG  . TYR A 1 156 ? -28.571 -20.361 -2.240  1.00 80.52  ? 237 TYR A CG  1 
ATOM 1195 C CD1 . TYR A 1 156 ? -29.335 -19.346 -2.816  1.00 80.52  ? 237 TYR A CD1 1 
ATOM 1196 C CD2 . TYR A 1 156 ? -29.179 -21.204 -1.316  1.00 80.52  ? 237 TYR A CD2 1 
ATOM 1197 C CE1 . TYR A 1 156 ? -30.662 -19.167 -2.484  1.00 80.52  ? 237 TYR A CE1 1 
ATOM 1198 C CE2 . TYR A 1 156 ? -30.511 -21.034 -0.972  1.00 80.52  ? 237 TYR A CE2 1 
ATOM 1199 C CZ  . TYR A 1 156 ? -31.248 -20.010 -1.562  1.00 80.52  ? 237 TYR A CZ  1 
ATOM 1200 O OH  . TYR A 1 156 ? -32.567 -19.819 -1.222  1.00 80.52  ? 237 TYR A OH  1 
ATOM 1201 N N   . LYS A 1 157 ? -24.710 -21.135 -4.450  1.00 57.43  ? 238 LYS A N   1 
ATOM 1202 C CA  . LYS A 1 157 ? -23.276 -21.248 -4.619  1.00 57.43  ? 238 LYS A CA  1 
ATOM 1203 C C   . LYS A 1 157 ? -22.845 -20.310 -5.729  1.00 57.43  ? 238 LYS A C   1 
ATOM 1204 O O   . LYS A 1 157 ? -21.880 -19.577 -5.592  1.00 57.43  ? 238 LYS A O   1 
ATOM 1205 C CB  . LYS A 1 157 ? -22.900 -22.694 -4.937  1.00 75.57  ? 238 LYS A CB  1 
ATOM 1206 C CG  . LYS A 1 157 ? -23.301 -23.653 -3.832  1.00 75.57  ? 238 LYS A CG  1 
ATOM 1207 C CD  . LYS A 1 157 ? -22.868 -25.061 -4.121  1.00 75.57  ? 238 LYS A CD  1 
ATOM 1208 C CE  . LYS A 1 157 ? -23.380 -25.988 -3.041  1.00 75.57  ? 238 LYS A CE  1 
ATOM 1209 N NZ  . LYS A 1 157 ? -22.980 -27.406 -3.284  1.00 75.57  ? 238 LYS A NZ  1 
ATOM 1210 N N   . ALA A 1 158 ? -23.581 -20.312 -6.826  1.00 70.56  ? 239 ALA A N   1 
ATOM 1211 C CA  . ALA A 1 158 ? -23.240 -19.437 -7.929  1.00 70.56  ? 239 ALA A CA  1 
ATOM 1212 C C   . ALA A 1 158 ? -23.199 -17.986 -7.456  1.00 70.56  ? 239 ALA A C   1 
ATOM 1213 O O   . ALA A 1 158 ? -22.256 -17.252 -7.747  1.00 70.56  ? 239 ALA A O   1 
ATOM 1214 C CB  . ALA A 1 158 ? -24.251 -19.597 -9.050  1.00 51.03  ? 239 ALA A CB  1 
ATOM 1215 N N   . ASN A 1 159 ? -24.223 -17.579 -6.718  1.00 68.13  ? 240 ASN A N   1 
ATOM 1216 C CA  . ASN A 1 159 ? -24.304 -16.214 -6.222  1.00 68.13  ? 240 ASN A CA  1 
ATOM 1217 C C   . ASN A 1 159 ? -23.092 -15.901 -5.356  1.00 68.13  ? 240 ASN A C   1 
ATOM 1218 O O   . ASN A 1 159 ? -22.370 -14.940 -5.607  1.00 68.13  ? 240 ASN A O   1 
ATOM 1219 C CB  . ASN A 1 159 ? -25.588 -16.025 -5.419  1.00 123.50 ? 240 ASN A CB  1 
ATOM 1220 C CG  . ASN A 1 159 ? -25.798 -14.592 -4.984  1.00 123.50 ? 240 ASN A CG  1 
ATOM 1221 O OD1 . ASN A 1 159 ? -25.903 -13.686 -5.813  1.00 123.50 ? 240 ASN A OD1 1 
ATOM 1222 N ND2 . ASN A 1 159 ? -25.866 -14.378 -3.676  1.00 123.50 ? 240 ASN A ND2 1 
ATOM 1223 N N   . ARG A 1 160 ? -22.862 -16.725 -4.343  1.00 69.29  ? 241 ARG A N   1 
ATOM 1224 C CA  . ARG A 1 160 ? -21.730 -16.533 -3.446  1.00 69.29  ? 241 ARG A CA  1 
ATOM 1225 C C   . ARG A 1 160 ? -20.414 -16.322 -4.202  1.00 69.29  ? 241 ARG A C   1 
ATOM 1226 O O   . ARG A 1 160 ? -19.718 -15.333 -3.982  1.00 69.29  ? 241 ARG A O   1 
ATOM 1227 C CB  . ARG A 1 160 ? -21.585 -17.744 -2.533  1.00 64.39  ? 241 ARG A CB  1 
ATOM 1228 C CG  . ARG A 1 160 ? -20.401 -17.683 -1.603  1.00 64.39  ? 241 ARG A CG  1 
ATOM 1229 C CD  . ARG A 1 160 ? -20.094 -19.074 -1.144  1.00 64.39  ? 241 ARG A CD  1 
ATOM 1230 N NE  . ARG A 1 160 ? -19.809 -19.918 -2.297  1.00 64.39  ? 241 ARG A NE  1 
ATOM 1231 C CZ  . ARG A 1 160 ? -19.582 -21.224 -2.234  1.00 64.39  ? 241 ARG A CZ  1 
ATOM 1232 N NH1 . ARG A 1 160 ? -19.605 -21.848 -1.062  1.00 64.39  ? 241 ARG A NH1 1 
ATOM 1233 N NH2 . ARG A 1 160 ? -19.327 -21.906 -3.345  1.00 64.39  ? 241 ARG A NH2 1 
ATOM 1234 N N   . ASP A 1 161 ? -20.072 -17.249 -5.091  1.00 50.76  ? 242 ASP A N   1 
ATOM 1235 C CA  . ASP A 1 161 ? -18.829 -17.134 -5.835  1.00 50.76  ? 242 ASP A CA  1 
ATOM 1236 C C   . ASP A 1 161 ? -18.777 -15.871 -6.691  1.00 50.76  ? 242 ASP A C   1 
ATOM 1237 O O   . ASP A 1 161 ? -17.699 -15.355 -6.967  1.00 50.76  ? 242 ASP A O   1 
ATOM 1238 C CB  . ASP A 1 161 ? -18.597 -18.368 -6.721  1.00 57.80  ? 242 ASP A CB  1 
ATOM 1239 C CG  . ASP A 1 161 ? -18.611 -19.673 -5.940  1.00 57.80  ? 242 ASP A CG  1 
ATOM 1240 O OD1 . ASP A 1 161 ? -17.980 -19.750 -4.874  1.00 57.80  ? 242 ASP A OD1 1 
ATOM 1241 O OD2 . ASP A 1 161 ? -19.245 -20.643 -6.408  1.00 57.80  ? 242 ASP A OD2 1 
ATOM 1242 N N   . LEU A 1 162 ? -19.925 -15.373 -7.129  1.00 53.27  ? 243 LEU A N   1 
ATOM 1243 C CA  . LEU A 1 162 ? -19.907 -14.157 -7.927  1.00 53.27  ? 243 LEU A CA  1 
ATOM 1244 C C   . LEU A 1 162 ? -19.521 -12.972 -7.071  1.00 53.27  ? 243 LEU A C   1 
ATOM 1245 O O   . LEU A 1 162 ? -18.822 -12.069 -7.527  1.00 53.27  ? 243 LEU A O   1 
ATOM 1246 C CB  . LEU A 1 162 ? -21.260 -13.900 -8.586  1.00 55.89  ? 243 LEU A CB  1 
ATOM 1247 C CG  . LEU A 1 162 ? -21.408 -14.544 -9.962  1.00 55.89  ? 243 LEU A CG  1 
ATOM 1248 C CD1 . LEU A 1 162 ? -22.777 -14.237 -10.512 1.00 55.89  ? 243 LEU A CD1 1 
ATOM 1249 C CD2 . LEU A 1 162 ? -20.345 -14.011 -10.902 1.00 55.89  ? 243 LEU A CD2 1 
ATOM 1250 N N   . ILE A 1 163 ? -19.984 -12.989 -5.829  1.00 49.44  ? 244 ILE A N   1 
ATOM 1251 C CA  . ILE A 1 163 ? -19.685 -11.942 -4.866  1.00 49.44  ? 244 ILE A CA  1 
ATOM 1252 C C   . ILE A 1 163 ? -18.211 -12.025 -4.515  1.00 49.44  ? 244 ILE A C   1 
ATOM 1253 O O   . ILE A 1 163 ? -17.529 -11.020 -4.403  1.00 49.44  ? 244 ILE A O   1 
ATOM 1254 C CB  . ILE A 1 163 ? -20.505 -12.146 -3.605  1.00 49.24  ? 244 ILE A CB  1 
ATOM 1255 C CG1 . ILE A 1 163 ? -21.977 -11.949 -3.945  1.00 49.24  ? 244 ILE A CG1 1 
ATOM 1256 C CG2 . ILE A 1 163 ? -20.035 -11.218 -2.504  1.00 49.24  ? 244 ILE A CG2 1 
ATOM 1257 C CD1 . ILE A 1 163 ? -22.905 -12.270 -2.814  1.00 49.24  ? 244 ILE A CD1 1 
ATOM 1258 N N   . TYR A 1 164 ? -17.730 -13.243 -4.343  1.00 34.10  ? 245 TYR A N   1 
ATOM 1259 C CA  . TYR A 1 164 ? -16.337 -13.479 -4.031  1.00 34.10  ? 245 TYR A CA  1 
ATOM 1260 C C   . TYR A 1 164 ? -15.484 -12.975 -5.174  1.00 34.10  ? 245 TYR A C   1 
ATOM 1261 O O   . TYR A 1 164 ? -14.472 -12.323 -4.964  1.00 34.10  ? 245 TYR A O   1 
ATOM 1262 C CB  . TYR A 1 164 ? -16.088 -14.972 -3.860  1.00 37.64  ? 245 TYR A CB  1 
ATOM 1263 C CG  . TYR A 1 164 ? -14.628 -15.300 -3.862  1.00 37.64  ? 245 TYR A CG  1 
ATOM 1264 C CD1 . TYR A 1 164 ? -13.866 -15.208 -2.701  1.00 37.64  ? 245 TYR A CD1 1 
ATOM 1265 C CD2 . TYR A 1 164 ? -13.979 -15.601 -5.059  1.00 37.64  ? 245 TYR A CD2 1 
ATOM 1266 C CE1 . TYR A 1 164 ? -12.493 -15.405 -2.735  1.00 37.64  ? 245 TYR A CE1 1 
ATOM 1267 C CE2 . TYR A 1 164 ? -12.629 -15.792 -5.100  1.00 37.64  ? 245 TYR A CE2 1 
ATOM 1268 C CZ  . TYR A 1 164 ? -11.888 -15.687 -3.941  1.00 37.64  ? 245 TYR A CZ  1 
ATOM 1269 O OH  . TYR A 1 164 ? -10.530 -15.819 -4.022  1.00 37.64  ? 245 TYR A OH  1 
ATOM 1270 N N   . LYS A 1 165 ? -15.875 -13.306 -6.394  1.00 51.10  ? 246 LYS A N   1 
ATOM 1271 C CA  . LYS A 1 165 ? -15.110 -12.865 -7.543  1.00 51.10  ? 246 LYS A CA  1 
ATOM 1272 C C   . LYS A 1 165 ? -14.973 -11.358 -7.577  1.00 51.10  ? 246 LYS A C   1 
ATOM 1273 O O   . LYS A 1 165 ? -13.868 -10.844 -7.693  1.00 51.10  ? 246 LYS A O   1 
ATOM 1274 C CB  . LYS A 1 165 ? -15.743 -13.357 -8.844  1.00 62.16  ? 246 LYS A CB  1 
ATOM 1275 C CG  . LYS A 1 165 ? -15.227 -14.705 -9.319  1.00 62.16  ? 246 LYS A CG  1 
ATOM 1276 C CD  . LYS A 1 165 ? -15.809 -15.045 -10.684 1.00 62.16  ? 246 LYS A CD  1 
ATOM 1277 C CE  . LYS A 1 165 ? -14.909 -15.994 -11.458 1.00 62.16  ? 246 LYS A CE  1 
ATOM 1278 N NZ  . LYS A 1 165 ? -13.571 -15.366 -11.743 1.00 62.16  ? 246 LYS A NZ  1 
ATOM 1279 N N   . GLN A 1 166 ? -16.095 -10.656 -7.462  1.00 57.66  ? 247 GLN A N   1 
ATOM 1280 C CA  . GLN A 1 166 ? -16.087 -9.199  -7.491  1.00 57.66  ? 247 GLN A CA  1 
ATOM 1281 C C   . GLN A 1 166 ? -15.254 -8.611  -6.366  1.00 57.66  ? 247 GLN A C   1 
ATOM 1282 O O   . GLN A 1 166 ? -14.518 -7.640  -6.559  1.00 57.66  ? 247 GLN A O   1 
ATOM 1283 C CB  . GLN A 1 166 ? -17.514 -8.672  -7.412  1.00 132.25 ? 247 GLN A CB  1 
ATOM 1284 C CG  . GLN A 1 166 ? -18.356 -9.056  -8.608  1.00 132.25 ? 247 GLN A CG  1 
ATOM 1285 C CD  . GLN A 1 166 ? -19.778 -8.551  -8.506  1.00 132.25 ? 247 GLN A CD  1 
ATOM 1286 O OE1 . GLN A 1 166 ? -20.013 -7.353  -8.323  1.00 132.25 ? 247 GLN A OE1 1 
ATOM 1287 N NE2 . GLN A 1 166 ? -20.738 -9.460  -8.634  1.00 132.25 ? 247 GLN A NE2 1 
ATOM 1288 N N   . LEU A 1 167 ? -15.369 -9.219  -5.194  1.00 49.10  ? 248 LEU A N   1 
ATOM 1289 C CA  . LEU A 1 167 ? -14.652 -8.780  -4.011  1.00 49.10  ? 248 LEU A CA  1 
ATOM 1290 C C   . LEU A 1 167 ? -13.143 -8.875  -4.235  1.00 49.10  ? 248 LEU A C   1 
ATOM 1291 O O   . LEU A 1 167 ? -12.391 -7.948  -3.924  1.00 49.10  ? 248 LEU A O   1 
ATOM 1292 C CB  . LEU A 1 167 ? -15.072 -9.653  -2.841  1.00 47.96  ? 248 LEU A CB  1 
ATOM 1293 C CG  . LEU A 1 167 ? -14.841 -9.124  -1.441  1.00 47.96  ? 248 LEU A CG  1 
ATOM 1294 C CD1 . LEU A 1 167 ? -15.463 -7.730  -1.300  1.00 47.96  ? 248 LEU A CD1 1 
ATOM 1295 C CD2 . LEU A 1 167 ? -15.475 -10.082 -0.455  1.00 47.96  ? 248 LEU A CD2 1 
ATOM 1296 N N   . GLN A 1 168 ? -12.702 -10.009 -4.772  1.00 54.54  ? 249 GLN A N   1 
ATOM 1297 C CA  . GLN A 1 168 ? -11.292 -10.227 -5.048  1.00 54.54  ? 249 GLN A CA  1 
ATOM 1298 C C   . GLN A 1 168 ? -10.833 -9.187  -6.045  1.00 54.54  ? 249 GLN A C   1 
ATOM 1299 O O   . GLN A 1 168 ? -9.733  -8.660  -5.946  1.00 54.54  ? 249 GLN A O   1 
ATOM 1300 C CB  . GLN A 1 168 ? -11.083 -11.616 -5.628  1.00 52.29  ? 249 GLN A CB  1 
ATOM 1301 C CG  . GLN A 1 168 ? -9.691  -11.859 -6.172  1.00 52.29  ? 249 GLN A CG  1 
ATOM 1302 C CD  . GLN A 1 168 ? -8.608  -11.642 -5.129  1.00 52.29  ? 249 GLN A CD  1 
ATOM 1303 O OE1 . GLN A 1 168 ? -8.650  -12.222 -4.039  1.00 52.29  ? 249 GLN A OE1 1 
ATOM 1304 N NE2 . GLN A 1 168 ? -7.622  -10.812 -5.460  1.00 52.29  ? 249 GLN A NE2 1 
ATOM 1305 N N   . GLN A 1 169 ? -11.691 -8.882  -7.007  1.00 51.09  ? 250 GLN A N   1 
ATOM 1306 C CA  . GLN A 1 169 ? -11.361 -7.900  -8.025  1.00 51.09  ? 250 GLN A CA  1 
ATOM 1307 C C   . GLN A 1 169 ? -11.124 -6.518  -7.413  1.00 51.09  ? 250 GLN A C   1 
ATOM 1308 O O   . GLN A 1 169 ? -10.195 -5.811  -7.798  1.00 51.09  ? 250 GLN A O   1 
ATOM 1309 C CB  . GLN A 1 169 ? -12.473 -7.851  -9.064  1.00 83.11  ? 250 GLN A CB  1 
ATOM 1310 C CG  . GLN A 1 169 ? -12.200 -6.915  -10.200 1.00 83.11  ? 250 GLN A CG  1 
ATOM 1311 C CD  . GLN A 1 169 ? -13.224 -7.061  -11.301 1.00 83.11  ? 250 GLN A CD  1 
ATOM 1312 O OE1 . GLN A 1 169 ? -14.432 -7.063  -11.043 1.00 83.11  ? 250 GLN A OE1 1 
ATOM 1313 N NE2 . GLN A 1 169 ? -12.752 -7.173  -12.540 1.00 83.11  ? 250 GLN A NE2 1 
ATOM 1314 N N   . ALA A 1 170 ? -11.960 -6.151  -6.452  1.00 51.82  ? 251 ALA A N   1 
ATOM 1315 C CA  . ALA A 1 170 ? -11.821 -4.866  -5.783  1.00 51.82  ? 251 ALA A CA  1 
ATOM 1316 C C   . ALA A 1 170 ? -10.477 -4.820  -5.076  1.00 51.82  ? 251 ALA A C   1 
ATOM 1317 O O   . ALA A 1 170 ? -9.773  -3.806  -5.116  1.00 51.82  ? 251 ALA A O   1 
ATOM 1318 C CB  . ALA A 1 170 ? -12.943 -4.665  -4.775  1.00 50.46  ? 251 ALA A CB  1 
ATOM 1319 N N   . VAL A 1 171 ? -10.126 -5.921  -4.417  1.00 38.75  ? 252 VAL A N   1 
ATOM 1320 C CA  . VAL A 1 171 ? -8.859  -6.007  -3.714  1.00 38.75  ? 252 VAL A CA  1 
ATOM 1321 C C   . VAL A 1 171 ? -7.709  -5.735  -4.676  1.00 38.75  ? 252 VAL A C   1 
ATOM 1322 O O   . VAL A 1 171 ? -6.830  -4.925  -4.391  1.00 38.75  ? 252 VAL A O   1 
ATOM 1323 C CB  . VAL A 1 171 ? -8.711  -7.383  -3.049  1.00 37.73  ? 252 VAL A CB  1 
ATOM 1324 C CG1 . VAL A 1 171 ? -7.290  -7.612  -2.585  1.00 37.73  ? 252 VAL A CG1 1 
ATOM 1325 C CG2 . VAL A 1 171 ? -9.639  -7.456  -1.861  1.00 37.73  ? 252 VAL A CG2 1 
ATOM 1326 N N   . THR A 1 172 ? -7.719  -6.385  -5.829  1.00 44.27  ? 253 THR A N   1 
ATOM 1327 C CA  . THR A 1 172 ? -6.650  -6.160  -6.789  1.00 44.27  ? 253 THR A CA  1 
ATOM 1328 C C   . THR A 1 172 ? -6.711  -4.743  -7.333  1.00 44.27  ? 253 THR A C   1 
ATOM 1329 O O   . THR A 1 172 ? -5.685  -4.145  -7.657  1.00 44.27  ? 253 THR A O   1 
ATOM 1330 C CB  . THR A 1 172 ? -6.747  -7.139  -7.945  1.00 44.40  ? 253 THR A CB  1 
ATOM 1331 O OG1 . THR A 1 172 ? -6.738  -8.464  -7.414  1.00 44.40  ? 253 THR A OG1 1 
ATOM 1332 C CG2 . THR A 1 172 ? -5.577  -6.968  -8.895  1.00 44.40  ? 253 THR A CG2 1 
ATOM 1333 N N   . GLY A 1 173 ? -7.925  -4.215  -7.431  1.00 50.66  ? 254 GLY A N   1 
ATOM 1334 C CA  . GLY A 1 173 ? -8.104  -2.868  -7.929  1.00 50.66  ? 254 GLY A CA  1 
ATOM 1335 C C   . GLY A 1 173 ? -7.426  -1.901  -6.991  1.00 50.66  ? 254 GLY A C   1 
ATOM 1336 O O   . GLY A 1 173 ? -6.808  -0.934  -7.418  1.00 50.66  ? 254 GLY A O   1 
ATOM 1337 N N   . ILE A 1 174 ? -7.559  -2.162  -5.699  1.00 47.93  ? 255 ILE A N   1 
ATOM 1338 C CA  . ILE A 1 174 ? -6.930  -1.325  -4.704  1.00 47.93  ? 255 ILE A CA  1 
ATOM 1339 C C   . ILE A 1 174 ? -5.438  -1.425  -4.910  1.00 47.93  ? 255 ILE A C   1 
ATOM 1340 O O   . ILE A 1 174 ? -4.751  -0.416  -4.972  1.00 47.93  ? 255 ILE A O   1 
ATOM 1341 C CB  . ILE A 1 174 ? -7.275  -1.793  -3.294  1.00 44.72  ? 255 ILE A CB  1 
ATOM 1342 C CG1 . ILE A 1 174 ? -8.714  -1.388  -2.971  1.00 44.72  ? 255 ILE A CG1 1 
ATOM 1343 C CG2 . ILE A 1 174 ? -6.271  -1.246  -2.294  1.00 44.72  ? 255 ILE A CG2 1 
ATOM 1344 C CD1 . ILE A 1 174 ? -9.172  -1.766  -1.571  1.00 44.72  ? 255 ILE A CD1 1 
ATOM 1345 N N   . SER A 1 175 ? -4.935  -2.646  -5.029  1.00 47.46  ? 256 SER A N   1 
ATOM 1346 C CA  . SER A 1 175 ? -3.510  -2.852  -5.227  1.00 47.46  ? 256 SER A CA  1 
ATOM 1347 C C   . SER A 1 175 ? -3.014  -2.160  -6.471  1.00 47.46  ? 256 SER A C   1 
ATOM 1348 O O   . SER A 1 175 ? -1.941  -1.567  -6.490  1.00 47.46  ? 256 SER A O   1 
ATOM 1349 C CB  . SER A 1 175 ? -3.196  -4.329  -5.364  1.00 44.58  ? 256 SER A CB  1 
ATOM 1350 O OG  . SER A 1 175 ? -1.820  -4.503  -5.650  1.00 44.58  ? 256 SER A OG  1 
ATOM 1351 N N   . ASN A 1 176 ? -3.808  -2.250  -7.520  1.00 49.86  ? 257 ASN A N   1 
ATOM 1352 C CA  . ASN A 1 176 ? -3.441  -1.671  -8.792  1.00 49.86  ? 257 ASN A CA  1 
ATOM 1353 C C   . ASN A 1 176 ? -3.344  -0.156  -8.725  1.00 49.86  ? 257 ASN A C   1 
ATOM 1354 O O   . ASN A 1 176 ? -2.381  0.423   -9.216  1.00 49.86  ? 257 ASN A O   1 
ATOM 1355 C CB  . ASN A 1 176 ? -4.464  -2.105  -9.843  1.00 39.77  ? 257 ASN A CB  1 
ATOM 1356 C CG  . ASN A 1 176 ? -4.047  -1.755  -11.257 1.00 39.77  ? 257 ASN A CG  1 
ATOM 1357 O OD1 . ASN A 1 176 ? -3.030  -2.240  -11.769 1.00 39.77  ? 257 ASN A OD1 1 
ATOM 1358 N ND2 . ASN A 1 176 ? -4.845  -0.912  -11.905 1.00 39.77  ? 257 ASN A ND2 1 
ATOM 1359 N N   . ALA A 1 177 ? -4.333  0.486   -8.119  1.00 49.02  ? 258 ALA A N   1 
ATOM 1360 C CA  . ALA A 1 177 ? -4.338  1.940   -8.025  1.00 49.02  ? 258 ALA A CA  1 
ATOM 1361 C C   . ALA A 1 177 ? -3.234  2.386   -7.095  1.00 49.02  ? 258 ALA A C   1 
ATOM 1362 O O   . ALA A 1 177 ? -2.540  3.358   -7.364  1.00 49.02  ? 258 ALA A O   1 
ATOM 1363 C CB  . ALA A 1 177 ? -5.695  2.445   -7.509  1.00 25.36  ? 258 ALA A CB  1 
ATOM 1364 N N   . ALA A 1 178 ? -3.071  1.662   -5.999  1.00 64.59  ? 259 ALA A N   1 
ATOM 1365 C CA  . ALA A 1 178 ? -2.048  1.985   -5.020  1.00 64.59  ? 259 ALA A CA  1 
ATOM 1366 C C   . ALA A 1 178 ? -0.670  2.169   -5.654  1.00 64.59  ? 259 ALA A C   1 
ATOM 1367 O O   . ALA A 1 178 ? 0.145   2.926   -5.153  1.00 64.59  ? 259 ALA A O   1 
ATOM 1368 C CB  . ALA A 1 178 ? -1.993  0.893   -3.948  1.00 36.73  ? 259 ALA A CB  1 
ATOM 1369 N N   . GLN A 1 179 ? -0.403  1.487   -6.754  1.00 61.46  ? 260 GLN A N   1 
ATOM 1370 C CA  . GLN A 1 179 ? 0.896   1.610   -7.393  1.00 61.46  ? 260 GLN A CA  1 
ATOM 1371 C C   . GLN A 1 179 ? 0.848   2.579   -8.564  1.00 61.46  ? 260 GLN A C   1 
ATOM 1372 O O   . GLN A 1 179 ? 1.645   2.465   -9.495  1.00 61.46  ? 260 GLN A O   1 
ATOM 1373 C CB  . GLN A 1 179 ? 1.356   0.250   -7.894  1.00 36.47  ? 260 GLN A CB  1 
ATOM 1374 C CG  . GLN A 1 179 ? 1.482   -0.782  -6.815  1.00 36.47  ? 260 GLN A CG  1 
ATOM 1375 C CD  . GLN A 1 179 ? 1.763   -2.169  -7.359  1.00 36.47  ? 260 GLN A CD  1 
ATOM 1376 O OE1 . GLN A 1 179 ? 2.773   -2.400  -8.042  1.00 36.47  ? 260 GLN A OE1 1 
ATOM 1377 N NE2 . GLN A 1 179 ? 0.867   -3.109  -7.056  1.00 36.47  ? 260 GLN A NE2 1 
ATOM 1378 N N   . ALA A 1 180 ? -0.056  3.548   -8.506  1.00 79.76  ? 261 ALA A N   1 
ATOM 1379 C CA  . ALA A 1 180 ? -0.209  4.495   -9.600  1.00 79.76  ? 261 ALA A CA  1 
ATOM 1380 C C   . ALA A 1 180 ? 0.819   5.608   -9.693  1.00 79.76  ? 261 ALA A C   1 
ATOM 1381 O O   . ALA A 1 180 ? 1.602   5.643   -10.638 1.00 79.76  ? 261 ALA A O   1 
ATOM 1382 C CB  . ALA A 1 180 ? -1.596  5.087   -9.572  1.00 78.60  ? 261 ALA A CB  1 
ATOM 1383 N N   . THR A 1 181 ? 0.812   6.534   -8.740  1.00 126.55 ? 262 THR A N   1 
ATOM 1384 C CA  . THR A 1 181 ? 1.757   7.649   -8.785  1.00 126.55 ? 262 THR A CA  1 
ATOM 1385 C C   . THR A 1 181 ? 3.192   7.171   -8.581  1.00 126.55 ? 262 THR A C   1 
ATOM 1386 O O   . THR A 1 181 ? 3.848   6.875   -9.605  1.00 126.55 ? 262 THR A O   1 
ATOM 1387 C CB  . THR A 1 181 ? 1.424   8.716   -7.715  1.00 101.39 ? 262 THR A CB  1 
ATOM 1388 O OG1 . THR A 1 181 ? 2.199   9.894   -7.958  1.00 101.39 ? 262 THR A OG1 1 
ATOM 1389 C CG2 . THR A 1 181 ? 1.765   8.207   -6.323  1.00 101.39 ? 262 THR A CG2 1 
# 
